data_7TYM
#
_entry.id   7TYM
#
_cell.length_a   1.00
_cell.length_b   1.00
_cell.length_c   1.00
_cell.angle_alpha   90.00
_cell.angle_beta   90.00
_cell.angle_gamma   90.00
#
_symmetry.space_group_name_H-M   'P 1'
#
_entity_poly.entity_id   1
_entity_poly.type   'polypeptide(L)'
_entity_poly.pdbx_seq_one_letter_code
;MAVPSLWPWGACLPVIFLSLGFGLDTVEVCPSLDIRSEVAELRQLENCSVVEGHLQILLMFTATGEDFRGLSFPRLTQVT
DYLLLFRVYGLESLRDLFPNLAVIRGTRLFLGYALVIFEMPHLRDVALPALGAVLRGAVRVEKNQELCHLSTIDWGLLQP
APGANHIVGNKLGEECADVCPGVLGAAGEPCAKTTFSGHTDYRCWTSSHCQRVCPCPHGMACTARGECCHTECLGGCSQP
EDPRACVACRHLYFQGACLWACPPGTYQYESWRCVTAERCASLHSVPGRASTFGIHQGSCLAQCPSGFTRNSSSIFCHKC
EGLCPKECKVGTKTIDSIQAAQDLVGCTHVEGSLILNLRQGYNLEPQLQHSLGLVETITGFLKIKHSFALVSLGFFKNLK
LIRGDAMVDGNYTLYVLDNQNLQQLGSWVAAGLTIPVGKIYFAFNPRLCLEHIYRLEEVTGTRGRQNKAEINPRTNGDRA
ACQTRTLRFVSNVTEADRILLRWERYEPLEARDLLSFIVYYKESPFQNATEHVGPDACGTQSWNLLDVELPLSRTQEPGV
TLASLKPWTQYAVFVRAITLTTEEDSPHQGAQSPIVYLRTLPAAPTVPQDVISTSNSSSHLLVRWKPPTQRNGNLTYYLV
LWQRLAEDGDLYLNDYCHRGLRLPTSNNDPRFDGEDGDPEAEMESDCCPCQHPPPGQVLPPLEAQEASFQKKFENFLHNA
ITIPISPWKVTSINKSPQRDSGRHRRAAGPLRLGGNSSDFEIQEDKVPRERAVLSGLRHFTEYRIDIHACNHAAHTVGCS
AATFVFARTMPHREADGIPGKVAWEASSKNSVLLRWLEPPDPNGLILKYEIKYRRLGEEATVLCVSRLRYAKFGGVHLAL
LPPGNYSARVRATSLAGNGSWTDSVAFYILGPEEEDAGGLHVLLTATPVGLTLLIVLAALGFFYGKKRNRTLYASVNPEY
FSASDMYVPDEWEVPREQISIIRELGQGSFGMVYEGLARGLEAGEESTPVALKTVNELASPRECIEFLKEASVMKAFKCH
HVVRLLGVVSQGQPTLVIMELMTRGDLKSHLRSLRPEAENNPGLPQPALGEMIQMAGEIADGMAYLAANKFVHRDLAARN
CMVSQDFTVKIGDFGMTRDVYETDYYRKGGKGLLPVRWMAPESLKDGIFTTHSDVWSFGVVLWEIVTLAEQPYQGLSNEQ
VLKFVMDGGVLEELEGCPLQLQELMSRCWQPNPRLRPSFTHILDSIQEELRPSFRLLSFYYSPECRGARGSLPTTDAEPD
SSPTPRDCSPQNGGPGH
;
_entity_poly.pdbx_strand_id   A,B
#
# COMPACT_ATOMS: atom_id res chain seq x y z
N VAL A 27 62.70 10.54 -22.18
CA VAL A 27 63.54 9.51 -22.79
C VAL A 27 62.69 8.31 -23.20
N GLU A 28 61.89 7.81 -22.26
CA GLU A 28 61.02 6.67 -22.48
C GLU A 28 59.57 7.13 -22.56
N VAL A 29 58.70 6.22 -23.01
CA VAL A 29 57.28 6.50 -23.13
C VAL A 29 56.58 6.03 -21.86
N CYS A 30 56.60 4.72 -21.62
CA CYS A 30 56.06 4.11 -20.41
C CYS A 30 54.63 4.56 -20.13
N PRO A 31 53.65 4.07 -20.89
CA PRO A 31 52.26 4.51 -20.67
C PRO A 31 51.74 4.12 -19.30
N SER A 32 50.51 4.56 -18.98
CA SER A 32 49.94 4.32 -17.67
C SER A 32 49.89 2.83 -17.35
N LEU A 33 50.29 2.47 -16.13
CA LEU A 33 50.37 1.07 -15.74
C LEU A 33 49.83 0.88 -14.33
N ASP A 34 49.18 -0.26 -14.12
CA ASP A 34 48.74 -0.70 -12.81
C ASP A 34 49.33 -2.08 -12.52
N ILE A 35 49.85 -2.24 -11.31
CA ILE A 35 50.57 -3.45 -10.90
C ILE A 35 49.84 -4.07 -9.72
N ARG A 36 49.61 -5.38 -9.81
CA ARG A 36 48.80 -6.09 -8.82
C ARG A 36 49.32 -7.50 -8.64
N SER A 37 49.11 -8.04 -7.43
CA SER A 37 49.12 -9.47 -7.14
C SER A 37 50.50 -10.12 -7.17
N GLU A 38 51.54 -9.39 -7.55
CA GLU A 38 52.87 -9.98 -7.60
C GLU A 38 53.93 -8.90 -7.64
N VAL A 39 55.07 -9.18 -6.99
CA VAL A 39 56.20 -8.26 -7.04
C VAL A 39 56.96 -8.39 -8.35
N ALA A 40 56.87 -9.53 -9.04
CA ALA A 40 57.56 -9.69 -10.31
C ALA A 40 57.00 -8.73 -11.35
N GLU A 41 55.69 -8.48 -11.33
CA GLU A 41 55.08 -7.56 -12.28
C GLU A 41 55.60 -6.14 -12.12
N LEU A 42 56.20 -5.82 -10.97
CA LEU A 42 56.83 -4.52 -10.77
C LEU A 42 58.05 -4.32 -11.64
N ARG A 43 58.58 -5.39 -12.25
CA ARG A 43 59.80 -5.29 -13.04
C ARG A 43 59.60 -4.57 -14.37
N GLN A 44 58.36 -4.29 -14.76
CA GLN A 44 58.09 -3.62 -16.03
C GLN A 44 58.38 -2.12 -15.99
N LEU A 45 59.02 -1.63 -14.93
CA LEU A 45 59.41 -0.23 -14.82
C LEU A 45 60.92 -0.05 -14.90
N GLU A 46 61.64 -1.05 -15.40
CA GLU A 46 63.09 -0.99 -15.42
C GLU A 46 63.60 0.12 -16.34
N ASN A 47 63.06 0.18 -17.55
CA ASN A 47 63.51 1.15 -18.54
C ASN A 47 62.69 2.43 -18.55
N CYS A 48 61.65 2.53 -17.73
CA CYS A 48 60.81 3.71 -17.71
C CYS A 48 61.57 4.91 -17.15
N SER A 49 61.38 6.06 -17.79
CA SER A 49 61.94 7.32 -17.33
C SER A 49 60.89 8.35 -16.99
N VAL A 50 59.89 8.56 -17.84
CA VAL A 50 58.78 9.45 -17.59
C VAL A 50 57.50 8.68 -17.89
N VAL A 51 56.71 8.39 -16.86
CA VAL A 51 55.48 7.62 -17.04
C VAL A 51 54.43 8.55 -17.62
N GLU A 52 53.99 8.27 -18.85
CA GLU A 52 52.97 9.07 -19.52
C GLU A 52 51.57 8.57 -19.14
N GLY A 53 51.26 8.68 -17.87
CA GLY A 53 49.98 8.23 -17.37
C GLY A 53 50.07 7.92 -15.87
N HIS A 54 48.97 7.40 -15.35
CA HIS A 54 48.90 7.09 -13.94
C HIS A 54 49.71 5.83 -13.61
N LEU A 55 50.33 5.83 -12.45
CA LEU A 55 51.09 4.69 -11.94
C LEU A 55 50.39 4.19 -10.69
N GLN A 56 49.84 2.97 -10.78
CA GLN A 56 49.10 2.37 -9.68
C GLN A 56 49.81 1.12 -9.19
N ILE A 57 49.97 0.99 -7.88
CA ILE A 57 50.50 -0.21 -7.27
C ILE A 57 49.52 -0.64 -6.17
N LEU A 58 48.92 -1.80 -6.33
CA LEU A 58 47.88 -2.18 -5.39
C LEU A 58 47.74 -3.69 -5.31
N LEU A 59 47.17 -4.15 -4.20
CA LEU A 59 46.82 -5.55 -3.99
C LEU A 59 48.04 -6.47 -4.14
N MET A 60 49.00 -6.28 -3.25
CA MET A 60 50.18 -7.14 -3.15
C MET A 60 50.21 -7.74 -1.76
N PHE A 61 49.55 -8.89 -1.59
CA PHE A 61 49.49 -9.55 -0.30
C PHE A 61 50.63 -10.55 -0.11
N THR A 62 50.96 -11.33 -1.14
CA THR A 62 52.03 -12.32 -1.05
C THR A 62 53.37 -11.63 -1.31
N ALA A 63 53.79 -10.85 -0.32
CA ALA A 63 55.05 -10.12 -0.40
C ALA A 63 55.59 -9.90 1.01
N THR A 64 56.91 -9.91 1.13
CA THR A 64 57.59 -9.70 2.39
C THR A 64 58.44 -8.44 2.31
N GLY A 65 59.15 -8.15 3.41
CA GLY A 65 60.00 -6.98 3.46
C GLY A 65 61.32 -7.10 2.75
N GLU A 66 61.65 -8.30 2.27
CA GLU A 66 62.90 -8.52 1.55
C GLU A 66 62.76 -8.38 0.04
N ASP A 67 61.56 -8.59 -0.51
CA ASP A 67 61.36 -8.45 -1.95
C ASP A 67 61.61 -7.01 -2.39
N PHE A 68 61.10 -6.04 -1.63
CA PHE A 68 61.29 -4.63 -1.97
C PHE A 68 62.63 -4.08 -1.50
N ARG A 69 63.37 -4.83 -0.68
CA ARG A 69 64.65 -4.32 -0.17
C ARG A 69 65.66 -4.15 -1.30
N GLY A 70 65.72 -5.11 -2.21
CA GLY A 70 66.68 -5.05 -3.31
C GLY A 70 66.08 -4.56 -4.60
N LEU A 71 64.93 -3.91 -4.53
CA LEU A 71 64.21 -3.41 -5.70
C LEU A 71 64.30 -1.90 -5.73
N SER A 72 64.71 -1.35 -6.88
CA SER A 72 64.85 0.09 -7.03
C SER A 72 64.65 0.46 -8.49
N PHE A 73 64.10 1.65 -8.72
CA PHE A 73 63.88 2.20 -10.05
C PHE A 73 64.41 3.63 -10.11
N PRO A 74 65.74 3.78 -10.14
CA PRO A 74 66.31 5.14 -10.19
C PRO A 74 66.03 5.88 -11.49
N ARG A 75 65.66 5.17 -12.56
CA ARG A 75 65.44 5.83 -13.84
C ARG A 75 64.18 6.69 -13.82
N LEU A 76 63.15 6.27 -13.09
CA LEU A 76 61.90 7.03 -13.05
C LEU A 76 62.12 8.38 -12.42
N THR A 77 61.64 9.44 -13.09
CA THR A 77 61.82 10.79 -12.60
C THR A 77 60.61 11.69 -12.80
N GLN A 78 59.49 11.17 -13.31
CA GLN A 78 58.33 12.01 -13.58
C GLN A 78 57.10 11.14 -13.76
N VAL A 79 55.97 11.60 -13.21
CA VAL A 79 54.68 10.94 -13.37
C VAL A 79 53.69 12.00 -13.83
N THR A 80 52.93 11.69 -14.87
CA THR A 80 52.05 12.69 -15.48
C THR A 80 50.68 12.78 -14.82
N ASP A 81 50.05 11.64 -14.51
CA ASP A 81 48.67 11.68 -14.02
C ASP A 81 48.60 11.70 -12.49
N TYR A 82 49.07 10.65 -11.85
CA TYR A 82 49.05 10.55 -10.39
C TYR A 82 49.78 9.27 -9.98
N LEU A 83 50.02 9.14 -8.69
CA LEU A 83 50.67 7.96 -8.13
C LEU A 83 49.78 7.39 -7.04
N LEU A 84 49.34 6.14 -7.22
CA LEU A 84 48.43 5.49 -6.29
C LEU A 84 49.11 4.27 -5.68
N LEU A 85 49.00 4.13 -4.36
CA LEU A 85 49.48 2.96 -3.64
C LEU A 85 48.37 2.50 -2.70
N PHE A 86 48.04 1.21 -2.78
CA PHE A 86 46.92 0.69 -2.00
C PHE A 86 47.20 -0.75 -1.60
N ARG A 87 47.40 -0.98 -0.31
CA ARG A 87 47.54 -2.32 0.26
C ARG A 87 48.70 -3.09 -0.39
N VAL A 88 49.90 -2.54 -0.23
CA VAL A 88 51.11 -3.21 -0.69
C VAL A 88 51.87 -3.73 0.51
N TYR A 89 51.65 -5.01 0.85
CA TYR A 89 52.28 -5.59 2.02
C TYR A 89 53.78 -5.75 1.80
N GLY A 90 54.53 -5.66 2.90
CA GLY A 90 55.96 -5.82 2.86
C GLY A 90 56.74 -4.59 2.46
N LEU A 91 56.08 -3.45 2.23
CA LEU A 91 56.73 -2.22 1.83
C LEU A 91 56.95 -1.36 3.07
N GLU A 92 58.21 -1.00 3.32
CA GLU A 92 58.57 -0.20 4.49
C GLU A 92 58.85 1.26 4.16
N SER A 93 59.45 1.54 3.02
CA SER A 93 59.77 2.91 2.64
C SER A 93 59.85 3.00 1.13
N LEU A 94 59.53 4.18 0.61
CA LEU A 94 59.62 4.46 -0.82
C LEU A 94 60.94 5.12 -1.21
N ARG A 95 61.87 5.27 -0.27
CA ARG A 95 63.17 5.84 -0.60
C ARG A 95 63.97 4.97 -1.55
N ASP A 96 63.62 3.68 -1.68
CA ASP A 96 64.29 2.80 -2.62
C ASP A 96 63.48 2.58 -3.89
N LEU A 97 62.15 2.53 -3.79
CA LEU A 97 61.33 2.31 -4.98
C LEU A 97 61.46 3.45 -5.98
N PHE A 98 61.36 4.69 -5.49
CA PHE A 98 61.43 5.88 -6.35
C PHE A 98 62.45 6.85 -5.77
N PRO A 99 63.74 6.54 -5.88
CA PRO A 99 64.76 7.45 -5.35
C PRO A 99 64.96 8.72 -6.16
N ASN A 100 64.44 8.78 -7.38
CA ASN A 100 64.63 9.94 -8.24
C ASN A 100 63.33 10.56 -8.72
N LEU A 101 62.18 10.15 -8.18
CA LEU A 101 60.92 10.76 -8.54
C LEU A 101 60.92 12.22 -8.11
N ALA A 102 60.71 13.12 -9.08
CA ALA A 102 60.85 14.55 -8.83
C ALA A 102 59.57 15.33 -9.03
N VAL A 103 58.89 15.15 -10.16
CA VAL A 103 57.75 15.97 -10.53
C VAL A 103 56.54 15.07 -10.80
N ILE A 104 55.39 15.44 -10.25
CA ILE A 104 54.12 14.79 -10.56
C ILE A 104 53.25 15.84 -11.25
N ARG A 105 53.05 15.69 -12.55
CA ARG A 105 52.34 16.71 -13.32
C ARG A 105 50.89 16.83 -12.86
N GLY A 106 50.24 15.70 -12.61
CA GLY A 106 48.84 15.74 -12.21
C GLY A 106 47.89 16.23 -13.29
N THR A 107 48.13 15.84 -14.54
CA THR A 107 47.24 16.24 -15.63
C THR A 107 45.83 15.67 -15.42
N ARG A 108 45.75 14.37 -15.10
CA ARG A 108 44.51 13.72 -14.75
C ARG A 108 44.58 13.26 -13.31
N LEU A 109 43.62 13.69 -12.50
CA LEU A 109 43.64 13.43 -11.07
C LEU A 109 42.72 12.28 -10.71
N PHE A 110 43.17 11.42 -9.81
CA PHE A 110 42.35 10.33 -9.29
C PHE A 110 41.46 10.89 -8.19
N LEU A 111 40.20 11.16 -8.52
CA LEU A 111 39.23 11.70 -7.57
C LEU A 111 39.70 13.02 -6.97
N GLY A 112 40.41 13.81 -7.77
CA GLY A 112 40.92 15.08 -7.31
C GLY A 112 42.24 15.02 -6.59
N TYR A 113 42.89 13.86 -6.54
CA TYR A 113 44.16 13.69 -5.84
C TYR A 113 45.24 13.27 -6.81
N ALA A 114 46.48 13.65 -6.51
CA ALA A 114 47.63 13.29 -7.34
C ALA A 114 48.57 12.30 -6.68
N LEU A 115 48.51 12.16 -5.36
CA LEU A 115 49.35 11.19 -4.63
C LEU A 115 48.47 10.55 -3.57
N VAL A 116 48.05 9.32 -3.82
CA VAL A 116 47.15 8.59 -2.93
C VAL A 116 47.90 7.44 -2.30
N ILE A 117 47.86 7.36 -0.97
CA ILE A 117 48.41 6.25 -0.22
C ILE A 117 47.32 5.77 0.72
N PHE A 118 46.81 4.56 0.50
CA PHE A 118 45.63 4.07 1.19
C PHE A 118 45.89 2.68 1.76
N GLU A 119 45.67 2.53 3.06
CA GLU A 119 45.71 1.23 3.74
C GLU A 119 47.00 0.48 3.45
N MET A 120 48.13 1.16 3.69
CA MET A 120 49.42 0.57 3.42
C MET A 120 50.04 0.09 4.72
N PRO A 121 50.13 -1.22 4.96
CA PRO A 121 50.78 -1.71 6.17
C PRO A 121 52.29 -1.67 6.05
N HIS A 122 52.94 -1.58 7.21
CA HIS A 122 54.40 -1.57 7.38
C HIS A 122 55.07 -0.35 6.75
N LEU A 123 54.32 0.57 6.16
CA LEU A 123 54.92 1.76 5.56
C LEU A 123 55.33 2.72 6.66
N ARG A 124 56.61 2.72 7.00
CA ARG A 124 57.09 3.54 8.11
C ARG A 124 57.13 5.02 7.74
N ASP A 125 57.50 5.36 6.52
CA ASP A 125 57.65 6.74 6.11
C ASP A 125 57.42 6.89 4.61
N VAL A 126 57.05 8.10 4.20
CA VAL A 126 56.78 8.36 2.78
C VAL A 126 58.06 8.27 1.97
N ALA A 127 59.11 8.95 2.42
CA ALA A 127 60.47 8.82 1.88
C ALA A 127 60.51 9.11 0.37
N LEU A 128 60.21 10.36 0.04
CA LEU A 128 60.38 10.83 -1.33
C LEU A 128 61.39 11.98 -1.33
N PRO A 129 62.68 11.69 -1.13
CA PRO A 129 63.66 12.77 -1.00
C PRO A 129 63.81 13.63 -2.24
N ALA A 130 63.65 13.04 -3.43
CA ALA A 130 63.90 13.76 -4.67
C ALA A 130 62.68 14.50 -5.20
N LEU A 131 61.54 14.41 -4.52
CA LEU A 131 60.34 15.06 -5.01
C LEU A 131 60.52 16.56 -5.02
N GLY A 132 60.16 17.18 -6.15
CA GLY A 132 60.35 18.62 -6.31
C GLY A 132 59.08 19.42 -6.14
N ALA A 133 57.99 18.97 -6.75
CA ALA A 133 56.73 19.70 -6.71
C ALA A 133 55.62 18.82 -7.26
N VAL A 134 54.42 19.02 -6.72
CA VAL A 134 53.21 18.41 -7.23
C VAL A 134 52.45 19.52 -7.95
N LEU A 135 52.42 19.46 -9.28
CA LEU A 135 51.90 20.58 -10.07
C LEU A 135 50.42 20.81 -9.81
N ARG A 136 49.64 19.72 -9.75
CA ARG A 136 48.20 19.86 -9.61
C ARG A 136 47.66 18.67 -8.81
N GLY A 137 46.64 18.93 -8.01
CA GLY A 137 45.98 17.89 -7.25
C GLY A 137 46.40 17.89 -5.79
N ALA A 138 45.56 17.28 -4.96
CA ALA A 138 45.80 17.18 -3.53
C ALA A 138 46.50 15.87 -3.21
N VAL A 139 46.86 15.70 -1.94
CA VAL A 139 47.54 14.51 -1.45
C VAL A 139 46.67 13.88 -0.35
N ARG A 140 46.36 12.60 -0.51
CA ARG A 140 45.55 11.86 0.45
C ARG A 140 46.39 10.72 1.02
N VAL A 141 46.64 10.76 2.32
CA VAL A 141 47.37 9.72 3.03
C VAL A 141 46.60 9.43 4.31
N GLU A 142 46.01 8.23 4.40
CA GLU A 142 45.18 7.89 5.55
C GLU A 142 45.11 6.38 5.70
N LYS A 143 44.61 5.96 6.86
CA LYS A 143 44.39 4.54 7.18
C LYS A 143 45.69 3.74 7.09
N ASN A 144 46.79 4.36 7.53
CA ASN A 144 48.09 3.70 7.54
C ASN A 144 48.39 3.23 8.96
N GLN A 145 48.69 1.93 9.10
CA GLN A 145 48.82 1.34 10.42
C GLN A 145 50.03 1.88 11.17
N GLU A 146 51.20 1.86 10.53
CA GLU A 146 52.46 2.17 11.20
C GLU A 146 53.23 3.25 10.43
N LEU A 147 52.55 4.33 10.08
CA LEU A 147 53.14 5.41 9.32
C LEU A 147 53.29 6.65 10.20
N CYS A 148 54.49 7.20 10.23
CA CYS A 148 54.77 8.43 10.96
C CYS A 148 55.74 9.25 10.09
N HIS A 149 56.39 10.24 10.69
CA HIS A 149 57.27 11.16 9.97
C HIS A 149 56.51 11.99 8.93
N LEU A 150 55.25 12.30 9.22
CA LEU A 150 54.44 13.12 8.34
C LEU A 150 54.34 14.57 8.79
N SER A 151 54.44 14.83 10.10
CA SER A 151 54.38 16.20 10.59
C SER A 151 55.58 17.03 10.16
N THR A 152 56.72 16.39 9.89
CA THR A 152 57.93 17.08 9.47
C THR A 152 57.96 17.36 7.97
N ILE A 153 56.81 17.29 7.30
CA ILE A 153 56.72 17.48 5.86
C ILE A 153 55.80 18.67 5.60
N ASP A 154 56.28 19.63 4.82
CA ASP A 154 55.49 20.79 4.45
C ASP A 154 55.16 20.73 2.96
N TRP A 155 53.89 20.88 2.63
CA TRP A 155 53.42 20.83 1.25
C TRP A 155 53.37 22.19 0.59
N GLY A 156 53.75 23.25 1.29
CA GLY A 156 53.75 24.57 0.68
C GLY A 156 54.75 24.70 -0.44
N LEU A 157 55.95 24.12 -0.26
CA LEU A 157 56.98 24.17 -1.29
C LEU A 157 56.77 23.12 -2.38
N LEU A 158 55.80 22.23 -2.21
CA LEU A 158 55.54 21.18 -3.20
C LEU A 158 54.28 21.48 -4.01
N GLN A 159 53.16 21.71 -3.36
CA GLN A 159 51.92 22.01 -4.06
C GLN A 159 51.67 23.51 -4.08
N PRO A 160 50.99 24.02 -5.11
CA PRO A 160 50.63 25.44 -5.12
C PRO A 160 49.42 25.79 -4.26
N ALA A 161 48.75 24.78 -3.68
CA ALA A 161 47.62 25.01 -2.81
C ALA A 161 47.44 23.82 -1.87
N PRO A 162 48.22 23.74 -0.79
CA PRO A 162 48.16 22.57 0.09
C PRO A 162 46.95 22.54 1.03
N GLY A 163 45.96 23.39 0.81
CA GLY A 163 44.78 23.39 1.67
C GLY A 163 43.80 22.27 1.40
N ALA A 164 43.95 21.55 0.29
CA ALA A 164 43.05 20.47 -0.07
C ALA A 164 43.57 19.10 0.37
N ASN A 165 44.71 19.04 1.04
CA ASN A 165 45.26 17.77 1.48
C ASN A 165 44.39 17.16 2.58
N HIS A 166 44.44 15.83 2.67
CA HIS A 166 43.67 15.08 3.67
C HIS A 166 44.59 14.01 4.24
N ILE A 167 45.27 14.34 5.33
CA ILE A 167 46.22 13.44 5.98
C ILE A 167 45.76 13.27 7.42
N VAL A 168 44.94 12.25 7.65
CA VAL A 168 44.45 11.90 8.99
C VAL A 168 44.46 10.38 9.12
N GLY A 169 44.06 9.89 10.29
CA GLY A 169 43.89 8.46 10.50
C GLY A 169 45.16 7.64 10.47
N ASN A 170 46.33 8.27 10.48
CA ASN A 170 47.59 7.54 10.48
C ASN A 170 47.92 7.10 11.90
N LYS A 171 49.16 6.65 12.10
CA LYS A 171 49.60 6.29 13.45
C LYS A 171 49.63 7.54 14.32
N LEU A 172 49.39 7.34 15.62
CA LEU A 172 49.36 8.44 16.56
C LEU A 172 50.69 9.20 16.56
N GLY A 173 50.60 10.53 16.57
CA GLY A 173 51.81 11.33 16.53
C GLY A 173 52.71 11.15 17.74
N GLU A 174 52.11 10.90 18.90
CA GLU A 174 52.88 10.69 20.12
C GLU A 174 53.56 9.33 20.17
N GLU A 175 53.09 8.37 19.38
CA GLU A 175 53.66 7.03 19.40
C GLU A 175 54.89 6.89 18.51
N CYS A 176 55.14 7.84 17.63
CA CYS A 176 56.32 7.82 16.77
C CYS A 176 57.11 9.11 16.95
N ALA A 177 58.41 8.96 17.15
CA ALA A 177 59.31 10.09 17.37
C ALA A 177 59.85 10.58 16.03
N ASP A 178 59.72 11.88 15.79
CA ASP A 178 60.18 12.49 14.54
C ASP A 178 61.69 12.75 14.64
N VAL A 179 62.45 11.67 14.66
CA VAL A 179 63.90 11.74 14.77
C VAL A 179 64.48 12.07 13.41
N CYS A 180 65.26 13.14 13.34
CA CYS A 180 65.89 13.56 12.11
C CYS A 180 67.13 14.36 12.46
N PRO A 181 68.02 14.63 11.48
CA PRO A 181 69.31 15.25 11.80
C PRO A 181 69.23 16.64 12.41
N GLY A 182 68.03 17.13 12.73
CA GLY A 182 67.88 18.48 13.20
C GLY A 182 67.91 18.65 14.70
N VAL A 183 66.75 18.87 15.32
CA VAL A 183 66.71 19.23 16.74
C VAL A 183 67.31 18.11 17.59
N LEU A 184 66.94 16.86 17.31
CA LEU A 184 67.44 15.74 18.10
C LEU A 184 68.89 15.44 17.74
N GLY A 185 69.57 14.79 18.68
CA GLY A 185 70.99 14.49 18.51
C GLY A 185 71.25 13.35 17.56
N ALA A 186 70.96 13.55 16.27
CA ALA A 186 71.22 12.54 15.26
C ALA A 186 72.61 12.73 14.66
N ALA A 187 73.05 11.71 13.93
CA ALA A 187 74.39 11.73 13.34
C ALA A 187 74.47 12.65 12.14
N GLY A 188 73.35 12.88 11.45
CA GLY A 188 73.38 13.69 10.24
C GLY A 188 73.48 15.17 10.51
N GLU A 189 73.93 15.90 9.50
CA GLU A 189 74.03 17.34 9.59
C GLU A 189 72.64 17.96 9.48
N PRO A 190 72.29 18.91 10.35
CA PRO A 190 70.95 19.51 10.29
C PRO A 190 70.78 20.44 9.11
N CYS A 191 69.53 20.58 8.68
CA CYS A 191 69.16 21.47 7.58
C CYS A 191 68.25 22.58 8.10
N ALA A 192 67.90 23.48 7.20
CA ALA A 192 67.14 24.68 7.56
C ALA A 192 65.69 24.32 7.90
N LYS A 193 64.97 25.31 8.41
CA LYS A 193 63.58 25.18 8.79
C LYS A 193 62.72 26.16 8.00
N THR A 194 61.45 25.80 7.85
CA THR A 194 60.49 26.64 7.14
C THR A 194 59.11 26.46 7.78
N THR A 195 58.40 27.56 7.97
CA THR A 195 57.07 27.50 8.55
C THR A 195 56.09 26.89 7.55
N PHE A 196 55.10 26.17 8.06
CA PHE A 196 54.05 25.58 7.25
C PHE A 196 52.68 26.15 7.57
N SER A 197 52.26 26.08 8.83
CA SER A 197 50.98 26.62 9.26
C SER A 197 51.12 27.30 10.62
N GLY A 198 52.22 28.04 10.79
CA GLY A 198 52.51 28.68 12.06
C GLY A 198 53.35 27.86 13.00
N HIS A 199 53.60 26.59 12.70
CA HIS A 199 54.46 25.72 13.50
C HIS A 199 55.82 25.69 12.83
N THR A 200 56.66 26.67 13.15
CA THR A 200 57.97 26.82 12.53
C THR A 200 58.89 25.77 13.14
N ASP A 201 59.00 24.64 12.44
CA ASP A 201 59.81 23.51 12.89
C ASP A 201 60.71 23.04 11.75
N TYR A 202 61.61 22.11 12.07
CA TYR A 202 62.47 21.52 11.06
C TYR A 202 61.67 20.64 10.10
N ARG A 203 62.13 20.58 8.86
CA ARG A 203 61.55 19.74 7.83
C ARG A 203 62.53 18.62 7.51
N CYS A 204 62.08 17.38 7.69
CA CYS A 204 62.93 16.20 7.47
C CYS A 204 62.10 15.12 6.83
N TRP A 205 62.48 14.70 5.62
CA TRP A 205 61.75 13.65 4.92
C TRP A 205 61.81 12.33 5.68
N THR A 206 62.99 11.97 6.18
CA THR A 206 63.20 10.70 6.85
C THR A 206 64.12 10.94 8.05
N SER A 207 64.60 9.85 8.64
CA SER A 207 65.57 9.96 9.73
C SER A 207 66.94 10.37 9.23
N SER A 208 67.23 10.17 7.95
CA SER A 208 68.50 10.55 7.36
C SER A 208 68.35 11.65 6.31
N HIS A 209 67.49 11.45 5.32
CA HIS A 209 67.26 12.48 4.31
C HIS A 209 66.27 13.51 4.81
N CYS A 210 66.53 14.77 4.52
CA CYS A 210 65.66 15.86 4.91
C CYS A 210 65.31 16.71 3.70
N GLN A 211 64.27 17.53 3.85
CA GLN A 211 63.75 18.30 2.72
C GLN A 211 64.78 19.30 2.22
N ARG A 212 64.81 19.51 0.91
CA ARG A 212 65.74 20.43 0.29
C ARG A 212 65.10 21.80 0.17
N VAL A 213 65.77 22.82 0.72
CA VAL A 213 65.29 24.19 0.69
C VAL A 213 66.40 25.09 0.17
N CYS A 214 66.03 25.94 -0.79
CA CYS A 214 66.99 26.87 -1.39
C CYS A 214 66.38 28.25 -1.41
N PRO A 215 67.16 29.31 -1.20
CA PRO A 215 66.62 30.67 -1.21
C PRO A 215 66.45 31.19 -2.63
N CYS A 216 65.20 31.25 -3.09
CA CYS A 216 64.84 31.81 -4.39
C CYS A 216 63.31 31.84 -4.48
N PRO A 217 62.76 32.63 -5.43
CA PRO A 217 61.30 32.64 -5.61
C PRO A 217 60.71 31.25 -5.80
N HIS A 218 59.42 31.12 -5.51
CA HIS A 218 58.76 29.82 -5.58
C HIS A 218 58.77 29.27 -7.00
N GLY A 219 58.97 27.96 -7.11
CA GLY A 219 59.02 27.29 -8.40
C GLY A 219 60.37 27.30 -9.07
N MET A 220 61.37 27.95 -8.47
CA MET A 220 62.72 28.01 -9.04
C MET A 220 63.50 26.80 -8.53
N ALA A 221 63.70 25.82 -9.41
CA ALA A 221 64.43 24.62 -9.04
C ALA A 221 65.89 24.93 -8.77
N CYS A 222 66.45 24.23 -7.79
CA CYS A 222 67.84 24.43 -7.39
C CYS A 222 68.58 23.09 -7.41
N THR A 223 69.87 23.16 -7.73
CA THR A 223 70.71 21.97 -7.75
C THR A 223 71.16 21.64 -6.32
N ALA A 224 72.10 20.71 -6.18
CA ALA A 224 72.60 20.33 -4.87
C ALA A 224 73.50 21.39 -4.25
N ARG A 225 73.91 22.40 -5.02
CA ARG A 225 74.82 23.43 -4.53
C ARG A 225 74.09 24.61 -3.90
N GLY A 226 72.76 24.57 -3.84
CA GLY A 226 72.00 25.65 -3.25
C GLY A 226 71.70 26.82 -4.16
N GLU A 227 72.09 26.75 -5.43
CA GLU A 227 71.82 27.80 -6.39
C GLU A 227 70.66 27.39 -7.29
N CYS A 228 69.71 28.30 -7.47
CA CYS A 228 68.50 28.01 -8.23
C CYS A 228 68.70 28.39 -9.69
N CYS A 229 68.30 27.49 -10.59
CA CYS A 229 68.58 27.61 -12.01
C CYS A 229 67.44 28.32 -12.75
N HIS A 230 67.49 28.26 -14.08
CA HIS A 230 66.56 28.99 -14.94
C HIS A 230 65.13 28.53 -14.66
N THR A 231 64.19 29.46 -14.87
CA THR A 231 62.81 29.25 -14.41
C THR A 231 62.20 27.98 -15.00
N GLU A 232 62.46 27.70 -16.28
CA GLU A 232 61.89 26.51 -16.90
C GLU A 232 62.39 25.22 -16.25
N CYS A 233 63.53 25.24 -15.59
CA CYS A 233 63.97 24.08 -14.83
C CYS A 233 63.00 23.81 -13.70
N LEU A 234 62.75 22.53 -13.44
CA LEU A 234 61.80 22.13 -12.39
C LEU A 234 62.25 20.81 -11.79
N GLY A 235 62.38 20.79 -10.47
CA GLY A 235 62.78 19.60 -9.76
C GLY A 235 64.28 19.39 -9.65
N GLY A 236 65.08 20.21 -10.30
CA GLY A 236 66.52 20.07 -10.23
C GLY A 236 67.17 20.59 -11.49
N CYS A 237 68.49 20.63 -11.46
CA CYS A 237 69.29 21.11 -12.57
C CYS A 237 70.75 20.74 -12.32
N SER A 238 71.59 21.03 -13.30
CA SER A 238 73.03 20.81 -13.18
C SER A 238 73.87 22.00 -13.60
N GLN A 239 73.34 22.92 -14.41
CA GLN A 239 74.05 24.13 -14.80
C GLN A 239 73.11 25.32 -14.56
N PRO A 240 73.54 26.32 -13.78
CA PRO A 240 72.67 27.48 -13.54
C PRO A 240 72.28 28.17 -14.85
N GLU A 241 71.01 28.56 -14.92
CA GLU A 241 70.46 29.27 -16.08
C GLU A 241 70.76 28.52 -17.39
N ASP A 242 70.25 27.30 -17.46
CA ASP A 242 70.45 26.45 -18.64
C ASP A 242 69.21 25.57 -18.80
N PRO A 243 68.32 25.92 -19.73
CA PRO A 243 67.14 25.06 -19.98
C PRO A 243 67.51 23.70 -20.54
N ARG A 244 68.69 23.54 -21.14
CA ARG A 244 69.08 22.27 -21.71
C ARG A 244 69.42 21.25 -20.62
N ALA A 245 69.90 21.71 -19.46
CA ALA A 245 70.36 20.84 -18.41
C ALA A 245 69.30 20.57 -17.34
N CYS A 246 68.07 20.97 -17.58
CA CYS A 246 67.00 20.73 -16.60
C CYS A 246 66.72 19.24 -16.48
N VAL A 247 66.23 18.84 -15.30
CA VAL A 247 65.84 17.46 -15.07
C VAL A 247 64.37 17.21 -15.42
N ALA A 248 63.55 18.25 -15.46
CA ALA A 248 62.13 18.12 -15.81
C ALA A 248 61.62 19.47 -16.28
N CYS A 249 61.22 19.56 -17.54
CA CYS A 249 60.77 20.82 -18.10
C CYS A 249 59.42 21.22 -17.50
N ARG A 250 59.33 22.46 -17.04
CA ARG A 250 58.12 22.91 -16.37
C ARG A 250 56.95 23.03 -17.34
N HIS A 251 57.15 23.74 -18.45
CA HIS A 251 56.05 23.99 -19.39
C HIS A 251 56.03 22.98 -20.54
N LEU A 252 57.05 22.97 -21.38
CA LEU A 252 57.09 22.08 -22.53
C LEU A 252 58.49 21.49 -22.67
N TYR A 253 58.54 20.23 -23.13
CA TYR A 253 59.78 19.51 -23.36
C TYR A 253 59.95 19.28 -24.85
N PHE A 254 61.15 19.53 -25.36
CA PHE A 254 61.41 19.41 -26.79
C PHE A 254 62.89 19.13 -27.00
N GLN A 255 63.22 17.91 -27.41
CA GLN A 255 64.59 17.53 -27.80
C GLN A 255 65.58 17.83 -26.67
N GLY A 256 65.21 17.49 -25.45
CA GLY A 256 66.07 17.72 -24.31
C GLY A 256 66.13 19.15 -23.81
N ALA A 257 65.28 20.03 -24.35
CA ALA A 257 65.27 21.42 -23.96
C ALA A 257 63.90 21.78 -23.39
N CYS A 258 63.88 22.82 -22.55
CA CYS A 258 62.66 23.29 -21.91
C CYS A 258 62.20 24.56 -22.62
N LEU A 259 60.96 24.54 -23.11
CA LEU A 259 60.43 25.63 -23.91
C LEU A 259 59.02 25.98 -23.45
N TRP A 260 58.66 27.24 -23.70
CA TRP A 260 57.30 27.70 -23.37
C TRP A 260 56.28 27.12 -24.34
N ALA A 261 56.63 27.01 -25.62
CA ALA A 261 55.72 26.51 -26.64
C ALA A 261 56.51 25.67 -27.63
N CYS A 262 55.87 25.35 -28.76
CA CYS A 262 56.47 24.53 -29.82
C CYS A 262 56.33 25.28 -31.13
N PRO A 263 57.20 26.27 -31.36
CA PRO A 263 57.02 27.17 -32.52
C PRO A 263 57.11 26.46 -33.86
N PRO A 264 58.24 25.78 -34.18
CA PRO A 264 58.55 25.54 -35.60
C PRO A 264 57.55 24.66 -36.34
N GLY A 265 57.38 23.42 -35.90
CA GLY A 265 56.48 22.52 -36.60
C GLY A 265 55.77 21.50 -35.74
N THR A 266 55.91 21.62 -34.42
CA THR A 266 55.41 20.62 -33.49
C THR A 266 54.30 21.19 -32.63
N TYR A 267 53.56 20.28 -32.00
CA TYR A 267 52.39 20.64 -31.20
C TYR A 267 52.44 19.88 -29.88
N GLN A 268 51.66 20.37 -28.91
CA GLN A 268 51.66 19.77 -27.59
C GLN A 268 51.05 18.38 -27.62
N TYR A 269 51.63 17.47 -26.84
CA TYR A 269 51.12 16.11 -26.67
C TYR A 269 51.06 15.81 -25.19
N GLU A 270 49.87 15.50 -24.69
CA GLU A 270 49.61 15.22 -23.28
C GLU A 270 49.99 16.41 -22.39
N SER A 271 50.06 17.61 -22.95
CA SER A 271 50.33 18.85 -22.23
C SER A 271 51.68 18.83 -21.52
N TRP A 272 52.63 18.03 -21.99
CA TRP A 272 53.95 17.99 -21.36
C TRP A 272 55.12 17.94 -22.32
N ARG A 273 54.88 17.87 -23.63
CA ARG A 273 55.99 17.79 -24.58
C ARG A 273 55.51 18.24 -25.95
N CYS A 274 56.48 18.50 -26.83
CA CYS A 274 56.22 18.88 -28.21
C CYS A 274 56.54 17.72 -29.13
N VAL A 275 55.65 17.45 -30.08
CA VAL A 275 55.80 16.33 -31.00
C VAL A 275 55.34 16.75 -32.39
N THR A 276 55.99 16.19 -33.41
CA THR A 276 55.60 16.48 -34.79
C THR A 276 54.26 15.83 -35.10
N ALA A 277 53.61 16.31 -36.16
CA ALA A 277 52.32 15.79 -36.56
C ALA A 277 52.41 14.32 -36.96
N GLU A 278 53.42 13.99 -37.77
CA GLU A 278 53.58 12.61 -38.23
C GLU A 278 53.89 11.67 -37.06
N ARG A 279 54.76 12.11 -36.15
CA ARG A 279 55.11 11.26 -35.01
C ARG A 279 53.92 11.00 -34.11
N CYS A 280 53.12 12.04 -33.84
CA CYS A 280 51.94 11.86 -33.00
C CYS A 280 50.88 11.03 -33.71
N ALA A 281 50.78 11.17 -35.04
CA ALA A 281 49.87 10.31 -35.79
C ALA A 281 50.29 8.85 -35.70
N SER A 282 51.60 8.58 -35.80
CA SER A 282 52.09 7.21 -35.65
C SER A 282 51.84 6.68 -34.25
N LEU A 283 52.03 7.53 -33.24
CA LEU A 283 51.76 7.12 -31.86
C LEU A 283 50.28 6.82 -31.64
N HIS A 284 49.40 7.44 -32.41
CA HIS A 284 47.96 7.25 -32.31
C HIS A 284 47.44 6.21 -33.29
N SER A 285 48.28 5.26 -33.69
CA SER A 285 47.87 4.22 -34.63
C SER A 285 48.31 2.84 -34.15
N SER A 291 43.04 7.34 -36.21
CA SER A 291 42.29 7.93 -37.32
C SER A 291 41.35 9.03 -36.81
N THR A 292 41.04 8.98 -35.51
CA THR A 292 40.16 9.96 -34.88
C THR A 292 40.92 11.04 -34.14
N PHE A 293 42.25 11.08 -34.26
CA PHE A 293 43.06 12.07 -33.57
C PHE A 293 42.92 13.44 -34.24
N GLY A 294 42.88 14.48 -33.40
CA GLY A 294 42.79 15.84 -33.88
C GLY A 294 44.00 16.65 -33.43
N ILE A 295 44.40 17.61 -34.27
CA ILE A 295 45.58 18.42 -34.02
C ILE A 295 45.17 19.89 -33.94
N HIS A 296 43.97 20.14 -33.44
CA HIS A 296 43.48 21.50 -33.32
C HIS A 296 44.07 22.20 -32.10
N GLN A 297 44.18 23.53 -32.19
CA GLN A 297 44.71 24.37 -31.11
C GLN A 297 46.12 23.97 -30.70
N GLY A 298 46.89 23.48 -31.67
CA GLY A 298 48.28 23.12 -31.39
C GLY A 298 48.44 21.98 -30.41
N SER A 299 47.50 21.03 -30.40
CA SER A 299 47.59 19.86 -29.53
C SER A 299 47.12 18.65 -30.31
N CYS A 300 47.92 17.58 -30.29
CA CYS A 300 47.57 16.35 -31.01
C CYS A 300 46.76 15.45 -30.09
N LEU A 301 45.51 15.84 -29.85
CA LEU A 301 44.63 15.05 -29.01
C LEU A 301 44.23 13.76 -29.71
N ALA A 302 43.93 12.74 -28.90
CA ALA A 302 43.51 11.46 -29.46
C ALA A 302 42.09 11.51 -30.00
N GLN A 303 41.26 12.40 -29.46
CA GLN A 303 39.86 12.51 -29.85
C GLN A 303 39.52 13.97 -30.11
N CYS A 304 38.83 14.23 -31.21
CA CYS A 304 38.40 15.59 -31.52
C CYS A 304 37.31 16.03 -30.55
N PRO A 305 37.23 17.33 -30.25
CA PRO A 305 36.20 17.80 -29.31
C PRO A 305 34.81 17.83 -29.95
N SER A 306 33.82 18.27 -29.18
CA SER A 306 32.46 18.35 -29.69
C SER A 306 32.34 19.43 -30.75
N GLY A 307 31.60 19.13 -31.81
CA GLY A 307 31.39 20.09 -32.88
C GLY A 307 32.57 20.30 -33.79
N PHE A 308 33.52 19.37 -33.82
CA PHE A 308 34.69 19.47 -34.68
C PHE A 308 34.94 18.13 -35.37
N THR A 309 35.60 18.20 -36.51
CA THR A 309 35.97 17.03 -37.30
C THR A 309 37.48 16.90 -37.35
N ARG A 310 37.94 15.90 -38.11
CA ARG A 310 39.38 15.67 -38.24
C ARG A 310 40.01 16.82 -39.04
N ASN A 311 41.09 17.37 -38.50
CA ASN A 311 41.79 18.47 -39.15
C ASN A 311 43.27 18.39 -38.82
N SER A 312 44.12 18.50 -39.83
CA SER A 312 45.56 18.43 -39.66
C SER A 312 46.22 19.80 -39.52
N SER A 313 45.43 20.86 -39.49
CA SER A 313 45.98 22.21 -39.37
C SER A 313 45.84 22.72 -37.94
N LYS A 326 31.07 12.36 -35.12
CA LYS A 326 32.06 12.30 -34.05
C LYS A 326 32.17 10.87 -33.51
N GLU A 327 33.29 10.21 -33.86
CA GLU A 327 33.49 8.85 -33.40
C GLU A 327 33.65 8.82 -31.87
N CYS A 328 33.13 7.75 -31.27
CA CYS A 328 32.90 7.70 -29.84
C CYS A 328 33.25 6.30 -29.35
N LYS A 329 33.95 6.23 -28.22
CA LYS A 329 34.57 4.98 -27.79
C LYS A 329 34.27 4.70 -26.32
N VAL A 330 33.81 3.49 -26.04
CA VAL A 330 33.63 3.01 -24.66
C VAL A 330 33.52 1.50 -24.71
N GLY A 331 34.02 0.84 -23.67
CA GLY A 331 33.93 -0.60 -23.58
C GLY A 331 32.52 -1.10 -23.30
N THR A 332 32.02 -0.84 -22.09
CA THR A 332 30.66 -1.20 -21.68
C THR A 332 30.15 -0.07 -20.79
N LYS A 333 29.44 0.87 -21.39
CA LYS A 333 28.95 2.04 -20.67
C LYS A 333 27.59 1.74 -20.06
N THR A 334 27.50 1.81 -18.74
CA THR A 334 26.26 1.58 -18.03
C THR A 334 25.56 2.90 -17.76
N ILE A 335 24.45 3.14 -18.45
CA ILE A 335 23.67 4.36 -18.30
C ILE A 335 22.66 4.11 -17.20
N ASP A 336 22.94 4.63 -16.01
CA ASP A 336 22.09 4.41 -14.85
C ASP A 336 21.14 5.56 -14.57
N SER A 337 21.46 6.77 -15.01
CA SER A 337 20.61 7.93 -14.76
C SER A 337 20.91 8.98 -15.82
N ILE A 338 20.17 10.10 -15.74
CA ILE A 338 20.39 11.19 -16.68
C ILE A 338 21.79 11.78 -16.54
N GLN A 339 22.24 11.95 -15.30
CA GLN A 339 23.56 12.52 -15.06
C GLN A 339 24.68 11.65 -15.61
N ALA A 340 24.44 10.35 -15.81
CA ALA A 340 25.41 9.45 -16.39
C ALA A 340 25.24 9.29 -17.89
N ALA A 341 24.29 9.99 -18.50
CA ALA A 341 24.01 9.88 -19.93
C ALA A 341 24.55 11.05 -20.73
N GLN A 342 25.25 11.99 -20.10
CA GLN A 342 25.81 13.16 -20.78
C GLN A 342 27.21 12.92 -21.31
N ASP A 343 27.72 11.69 -21.23
CA ASP A 343 29.03 11.40 -21.81
C ASP A 343 28.93 11.32 -23.33
N LEU A 344 27.78 10.91 -23.85
CA LEU A 344 27.62 10.63 -25.27
C LEU A 344 26.82 11.70 -26.01
N VAL A 345 26.96 12.97 -25.60
CA VAL A 345 26.30 14.05 -26.33
C VAL A 345 27.05 14.30 -27.64
N GLY A 346 26.33 14.22 -28.75
CA GLY A 346 26.93 14.36 -30.05
C GLY A 346 27.66 13.13 -30.54
N CYS A 347 27.62 12.03 -29.79
CA CYS A 347 28.29 10.81 -30.22
C CYS A 347 27.57 10.26 -31.45
N THR A 348 28.32 9.95 -32.50
CA THR A 348 27.71 9.56 -33.77
C THR A 348 27.96 8.11 -34.13
N HIS A 349 29.19 7.63 -33.96
CA HIS A 349 29.53 6.22 -34.19
C HIS A 349 30.13 5.72 -32.87
N VAL A 350 29.33 5.00 -32.10
CA VAL A 350 29.72 4.51 -30.79
C VAL A 350 30.23 3.09 -30.98
N GLU A 351 31.56 2.94 -30.95
CA GLU A 351 32.21 1.64 -31.08
C GLU A 351 32.28 1.01 -29.70
N GLY A 352 31.20 0.36 -29.29
CA GLY A 352 31.16 -0.26 -27.99
C GLY A 352 29.75 -0.76 -27.67
N SER A 353 29.54 -1.07 -26.41
CA SER A 353 28.28 -1.62 -25.92
C SER A 353 27.66 -0.69 -24.88
N LEU A 354 26.34 -0.71 -24.82
CA LEU A 354 25.59 0.11 -23.88
C LEU A 354 24.69 -0.77 -23.03
N ILE A 355 24.64 -0.48 -21.73
CA ILE A 355 23.82 -1.22 -20.77
C ILE A 355 22.94 -0.20 -20.06
N LEU A 356 21.69 -0.08 -20.50
CA LEU A 356 20.77 0.90 -19.93
C LEU A 356 20.03 0.28 -18.75
N ASN A 357 20.05 0.97 -17.61
CA ASN A 357 19.37 0.50 -16.40
C ASN A 357 18.92 1.74 -15.64
N LEU A 358 17.68 2.15 -15.87
CA LEU A 358 17.11 3.35 -15.26
C LEU A 358 15.88 2.94 -14.46
N ARG A 359 15.96 3.09 -13.14
CA ARG A 359 14.91 2.62 -12.25
C ARG A 359 14.21 3.71 -11.45
N GLN A 360 14.80 4.91 -11.33
CA GLN A 360 14.25 5.95 -10.49
C GLN A 360 13.80 7.20 -11.23
N GLY A 361 14.10 7.33 -12.51
CA GLY A 361 13.73 8.51 -13.26
C GLY A 361 12.27 8.52 -13.68
N TYR A 362 11.88 9.62 -14.32
CA TYR A 362 10.54 9.77 -14.84
C TYR A 362 10.57 10.79 -15.97
N ASN A 363 9.89 10.45 -17.08
CA ASN A 363 9.85 11.31 -18.26
C ASN A 363 11.25 11.65 -18.75
N LEU A 364 12.06 10.61 -18.94
CA LEU A 364 13.44 10.74 -19.37
C LEU A 364 13.60 10.67 -20.88
N GLU A 365 12.50 10.63 -21.62
CA GLU A 365 12.58 10.58 -23.09
C GLU A 365 13.32 11.76 -23.69
N PRO A 366 13.00 13.03 -23.37
CA PRO A 366 13.70 14.13 -24.05
C PRO A 366 15.11 14.36 -23.54
N GLN A 367 15.35 14.14 -22.25
CA GLN A 367 16.70 14.26 -21.73
C GLN A 367 17.62 13.23 -22.37
N LEU A 368 17.13 12.00 -22.55
CA LEU A 368 17.94 10.97 -23.20
C LEU A 368 18.07 11.23 -24.70
N GLN A 369 17.02 11.76 -25.33
CA GLN A 369 17.08 12.03 -26.76
C GLN A 369 17.94 13.24 -27.07
N HIS A 370 18.21 14.10 -26.08
CA HIS A 370 19.16 15.20 -26.29
C HIS A 370 20.56 14.67 -26.56
N SER A 371 21.01 13.70 -25.77
CA SER A 371 22.34 13.12 -25.97
C SER A 371 22.30 12.03 -27.04
N LEU A 372 21.54 10.97 -26.81
CA LEU A 372 21.43 9.89 -27.77
C LEU A 372 20.42 10.25 -28.86
N GLY A 373 20.68 9.74 -30.07
CA GLY A 373 19.81 10.01 -31.19
C GLY A 373 20.58 10.23 -32.48
N LEU A 374 21.80 10.72 -32.37
CA LEU A 374 22.68 10.85 -33.52
C LEU A 374 23.54 9.61 -33.74
N VAL A 375 23.41 8.60 -32.89
CA VAL A 375 24.17 7.37 -33.06
C VAL A 375 23.68 6.63 -34.29
N GLU A 376 24.61 6.24 -35.15
CA GLU A 376 24.27 5.50 -36.36
C GLU A 376 24.79 4.07 -36.38
N THR A 377 25.68 3.70 -35.46
CA THR A 377 26.22 2.35 -35.43
C THR A 377 26.68 2.03 -34.02
N ILE A 378 26.20 0.92 -33.48
CA ILE A 378 26.63 0.41 -32.18
C ILE A 378 27.34 -0.90 -32.45
N THR A 379 28.67 -0.89 -32.37
CA THR A 379 29.45 -2.07 -32.74
C THR A 379 29.28 -3.19 -31.72
N GLY A 380 29.05 -2.87 -30.45
CA GLY A 380 28.89 -3.89 -29.44
C GLY A 380 27.48 -4.44 -29.36
N PHE A 381 26.95 -4.51 -28.14
CA PHE A 381 25.60 -5.02 -27.91
C PHE A 381 24.79 -3.99 -27.13
N LEU A 382 23.48 -4.05 -27.33
CA LEU A 382 22.54 -3.19 -26.62
C LEU A 382 21.82 -4.06 -25.60
N LYS A 383 21.96 -3.71 -24.32
CA LYS A 383 21.40 -4.49 -23.23
C LYS A 383 20.62 -3.58 -22.30
N ILE A 384 19.41 -3.99 -21.92
CA ILE A 384 18.55 -3.24 -21.02
C ILE A 384 18.02 -4.19 -19.96
N LYS A 385 18.30 -3.88 -18.69
CA LYS A 385 17.84 -4.70 -17.58
C LYS A 385 17.20 -3.81 -16.52
N HIS A 386 16.04 -4.25 -16.03
CA HIS A 386 15.37 -3.63 -14.88
C HIS A 386 15.18 -2.14 -15.07
N SER A 387 14.82 -1.74 -16.29
CA SER A 387 14.65 -0.32 -16.62
C SER A 387 13.22 0.10 -16.30
N PHE A 388 12.97 0.29 -15.01
CA PHE A 388 11.63 0.68 -14.56
C PHE A 388 11.24 2.07 -15.07
N ALA A 389 12.19 3.00 -15.06
CA ALA A 389 11.88 4.38 -15.43
C ALA A 389 11.50 4.50 -16.91
N LEU A 390 12.21 3.79 -17.78
CA LEU A 390 11.99 3.94 -19.21
C LEU A 390 10.61 3.43 -19.62
N VAL A 391 10.03 4.10 -20.61
CA VAL A 391 8.72 3.72 -21.13
C VAL A 391 8.73 3.54 -22.65
N SER A 392 9.76 4.04 -23.32
CA SER A 392 9.86 3.90 -24.77
C SER A 392 11.33 3.94 -25.17
N LEU A 393 11.60 3.44 -26.38
CA LEU A 393 12.95 3.40 -26.92
C LEU A 393 13.08 4.31 -28.14
N GLY A 394 12.43 5.47 -28.08
CA GLY A 394 12.39 6.40 -29.20
C GLY A 394 13.55 7.35 -29.32
N PHE A 395 14.55 7.26 -28.46
CA PHE A 395 15.70 8.15 -28.51
C PHE A 395 16.81 7.63 -29.43
N PHE A 396 16.59 6.53 -30.14
CA PHE A 396 17.55 5.97 -31.09
C PHE A 396 17.11 6.24 -32.52
N LYS A 397 16.63 7.46 -32.79
CA LYS A 397 15.97 7.82 -34.05
C LYS A 397 16.77 7.41 -35.28
N ASN A 398 18.06 7.72 -35.30
CA ASN A 398 18.90 7.40 -36.45
C ASN A 398 19.79 6.19 -36.23
N LEU A 399 19.50 5.35 -35.24
CA LEU A 399 20.21 4.09 -35.09
C LEU A 399 19.88 3.20 -36.28
N LYS A 400 20.93 2.69 -36.95
CA LYS A 400 20.71 2.00 -38.22
C LYS A 400 21.44 0.65 -38.30
N LEU A 401 22.53 0.49 -37.56
CA LEU A 401 23.34 -0.71 -37.74
C LEU A 401 23.94 -1.12 -36.40
N ILE A 402 23.98 -2.43 -36.15
CA ILE A 402 24.65 -3.01 -34.99
C ILE A 402 25.43 -4.23 -35.49
N ARG A 403 26.74 -4.07 -35.67
CA ARG A 403 27.53 -5.19 -36.19
C ARG A 403 27.76 -6.27 -35.16
N GLY A 404 27.59 -5.97 -33.87
CA GLY A 404 27.68 -6.98 -32.83
C GLY A 404 29.05 -7.61 -32.68
N ASP A 405 30.10 -6.79 -32.67
CA ASP A 405 31.44 -7.31 -32.40
C ASP A 405 31.53 -7.88 -30.99
N ALA A 406 30.95 -7.18 -30.01
CA ALA A 406 30.84 -7.66 -28.64
C ALA A 406 29.38 -7.97 -28.36
N MET A 407 29.13 -9.13 -27.74
CA MET A 407 27.78 -9.61 -27.54
C MET A 407 27.65 -10.22 -26.15
N VAL A 408 26.40 -10.28 -25.68
CA VAL A 408 26.14 -10.88 -24.38
C VAL A 408 26.46 -12.37 -24.43
N ASP A 409 26.86 -12.92 -23.28
CA ASP A 409 27.22 -14.32 -23.19
C ASP A 409 26.06 -15.22 -23.60
N GLY A 410 26.21 -15.92 -24.72
CA GLY A 410 25.16 -16.80 -25.20
C GLY A 410 24.66 -16.45 -26.58
N ASN A 411 25.49 -15.75 -27.37
CA ASN A 411 25.17 -15.38 -28.75
C ASN A 411 23.90 -14.53 -28.81
N TYR A 412 23.97 -13.38 -28.13
CA TYR A 412 22.85 -12.44 -28.05
C TYR A 412 23.36 -11.04 -28.33
N THR A 413 22.80 -10.40 -29.36
CA THR A 413 23.18 -9.04 -29.72
C THR A 413 22.27 -8.00 -29.07
N LEU A 414 20.96 -8.17 -29.20
CA LEU A 414 19.98 -7.29 -28.58
C LEU A 414 19.39 -8.01 -27.37
N TYR A 415 19.50 -7.39 -26.20
CA TYR A 415 19.10 -8.02 -24.94
C TYR A 415 18.21 -7.05 -24.17
N VAL A 416 16.89 -7.23 -24.29
CA VAL A 416 15.91 -6.44 -23.55
C VAL A 416 15.24 -7.37 -22.55
N LEU A 417 15.39 -7.05 -21.26
CA LEU A 417 14.90 -7.92 -20.20
C LEU A 417 14.36 -7.09 -19.05
N ASP A 418 13.18 -7.48 -18.55
CA ASP A 418 12.60 -6.92 -17.33
C ASP A 418 12.42 -5.41 -17.44
N ASN A 419 11.57 -5.01 -18.37
CA ASN A 419 11.14 -3.62 -18.51
C ASN A 419 9.67 -3.56 -18.09
N GLN A 420 9.43 -3.15 -16.84
CA GLN A 420 8.09 -3.26 -16.26
C GLN A 420 7.05 -2.45 -17.00
N ASN A 421 7.44 -1.38 -17.69
CA ASN A 421 6.49 -0.58 -18.47
C ASN A 421 7.22 -0.06 -19.70
N LEU A 422 7.09 -0.80 -20.80
CA LEU A 422 7.62 -0.39 -22.10
C LEU A 422 6.56 -0.67 -23.14
N GLN A 423 6.21 0.35 -23.93
CA GLN A 423 5.13 0.21 -24.90
C GLN A 423 5.57 0.43 -26.33
N GLN A 424 6.21 1.57 -26.63
CA GLN A 424 6.41 1.97 -28.01
C GLN A 424 7.53 1.18 -28.70
N LEU A 425 8.63 0.93 -27.98
CA LEU A 425 9.84 0.36 -28.56
C LEU A 425 10.38 1.21 -29.71
N GLY A 426 10.20 2.53 -29.62
CA GLY A 426 10.84 3.43 -30.55
C GLY A 426 10.27 3.36 -31.96
N SER A 427 10.99 4.04 -32.86
CA SER A 427 10.62 4.09 -34.27
C SER A 427 11.78 3.70 -35.18
N TRP A 428 12.88 3.18 -34.64
CA TRP A 428 14.01 2.72 -35.44
C TRP A 428 13.73 1.31 -35.97
N VAL A 429 12.75 1.24 -36.87
CA VAL A 429 12.31 -0.01 -37.50
C VAL A 429 12.07 0.24 -38.98
N ALA A 430 11.51 -0.74 -39.67
CA ALA A 430 11.10 -0.62 -41.06
C ALA A 430 12.29 -0.37 -41.98
N ALA A 431 13.15 -1.40 -42.07
CA ALA A 431 14.27 -1.53 -42.99
C ALA A 431 15.46 -0.69 -42.59
N GLY A 432 15.50 -0.15 -41.37
CA GLY A 432 16.66 0.59 -40.93
C GLY A 432 17.75 -0.31 -40.36
N LEU A 433 17.39 -1.09 -39.34
CA LEU A 433 18.36 -1.94 -38.67
C LEU A 433 18.77 -3.13 -39.52
N THR A 434 19.95 -3.67 -39.21
CA THR A 434 20.43 -4.93 -39.74
C THR A 434 21.45 -5.48 -38.76
N ILE A 435 21.37 -6.78 -38.50
CA ILE A 435 22.26 -7.41 -37.54
C ILE A 435 23.07 -8.50 -38.26
N PRO A 436 24.31 -8.22 -38.65
CA PRO A 436 25.10 -9.23 -39.38
C PRO A 436 25.31 -10.50 -38.59
N VAL A 437 25.49 -10.42 -37.28
CA VAL A 437 25.74 -11.59 -36.45
C VAL A 437 25.12 -11.36 -35.07
N GLY A 438 24.49 -12.40 -34.54
CA GLY A 438 23.89 -12.36 -33.23
C GLY A 438 22.40 -12.68 -33.27
N LYS A 439 21.86 -12.92 -32.09
CA LYS A 439 20.45 -13.23 -31.90
C LYS A 439 19.80 -12.17 -31.03
N ILE A 440 18.51 -11.92 -31.28
CA ILE A 440 17.75 -10.91 -30.58
C ILE A 440 16.98 -11.56 -29.44
N TYR A 441 17.13 -11.02 -28.23
CA TYR A 441 16.50 -11.55 -27.03
C TYR A 441 15.59 -10.49 -26.43
N PHE A 442 14.28 -10.69 -26.56
CA PHE A 442 13.28 -9.75 -26.07
C PHE A 442 12.49 -10.42 -24.96
N ALA A 443 12.36 -9.74 -23.82
CA ALA A 443 11.78 -10.39 -22.65
C ALA A 443 11.17 -9.36 -21.72
N PHE A 444 9.94 -9.61 -21.27
CA PHE A 444 9.23 -8.82 -20.25
C PHE A 444 9.30 -7.32 -20.53
N ASN A 445 8.66 -6.96 -21.62
CA ASN A 445 8.10 -5.62 -21.78
C ASN A 445 6.58 -5.80 -21.76
N PRO A 446 5.99 -6.12 -20.61
CA PRO A 446 4.59 -6.60 -20.60
C PRO A 446 3.60 -5.59 -21.12
N ARG A 447 3.90 -4.30 -21.09
CA ARG A 447 3.06 -3.29 -21.70
C ARG A 447 3.27 -3.18 -23.20
N LEU A 448 4.15 -4.00 -23.77
CA LEU A 448 4.44 -4.02 -25.20
C LEU A 448 3.88 -5.29 -25.80
N CYS A 449 3.08 -5.16 -26.85
CA CYS A 449 2.54 -6.31 -27.55
C CYS A 449 3.62 -6.97 -28.42
N LEU A 450 3.44 -8.27 -28.66
CA LEU A 450 4.38 -9.03 -29.47
C LEU A 450 4.44 -8.57 -30.92
N GLU A 451 3.47 -7.75 -31.35
CA GLU A 451 3.47 -7.28 -32.74
C GLU A 451 4.68 -6.42 -33.03
N HIS A 452 5.11 -5.60 -32.07
CA HIS A 452 6.27 -4.75 -32.28
C HIS A 452 7.55 -5.58 -32.41
N ILE A 453 7.70 -6.60 -31.56
CA ILE A 453 8.87 -7.46 -31.66
C ILE A 453 8.86 -8.22 -32.98
N TYR A 454 7.69 -8.70 -33.39
CA TYR A 454 7.61 -9.43 -34.65
C TYR A 454 7.95 -8.52 -35.84
N ARG A 455 7.47 -7.28 -35.80
CA ARG A 455 7.82 -6.33 -36.85
C ARG A 455 9.31 -6.04 -36.86
N LEU A 456 9.92 -5.87 -35.68
CA LEU A 456 11.36 -5.65 -35.61
C LEU A 456 12.12 -6.84 -36.18
N GLU A 457 11.67 -8.05 -35.87
CA GLU A 457 12.30 -9.26 -36.41
C GLU A 457 12.17 -9.31 -37.93
N GLU A 458 10.99 -8.96 -38.45
CA GLU A 458 10.79 -9.00 -39.89
C GLU A 458 11.66 -7.97 -40.61
N VAL A 459 11.75 -6.74 -40.07
CA VAL A 459 12.58 -5.73 -40.71
C VAL A 459 14.07 -5.91 -40.44
N THR A 460 14.43 -6.76 -39.48
CA THR A 460 15.84 -7.10 -39.31
C THR A 460 16.36 -7.95 -40.46
N GLY A 461 15.46 -8.60 -41.21
CA GLY A 461 15.84 -9.44 -42.33
C GLY A 461 15.95 -10.92 -42.00
N THR A 462 15.94 -11.29 -40.72
CA THR A 462 16.04 -12.67 -40.29
C THR A 462 14.92 -12.98 -39.30
N ARG A 463 14.35 -14.16 -39.41
CA ARG A 463 13.27 -14.58 -38.51
C ARG A 463 13.55 -15.93 -37.86
N GLY A 464 14.17 -16.86 -38.56
CA GLY A 464 14.39 -18.20 -38.07
C GLY A 464 15.66 -18.41 -37.27
N ARG A 465 16.44 -17.36 -37.01
CA ARG A 465 17.65 -17.54 -36.22
C ARG A 465 17.34 -17.98 -34.80
N GLN A 466 16.31 -17.40 -34.20
CA GLN A 466 15.98 -17.66 -32.81
C GLN A 466 14.79 -18.59 -32.69
N ASN A 467 14.42 -18.90 -31.45
CA ASN A 467 13.29 -19.77 -31.15
C ASN A 467 12.73 -19.34 -29.80
N LYS A 468 11.91 -20.19 -29.18
CA LYS A 468 11.26 -19.84 -27.93
C LYS A 468 12.29 -19.60 -26.83
N ALA A 469 11.78 -19.17 -25.67
CA ALA A 469 12.55 -18.77 -24.49
C ALA A 469 13.38 -17.52 -24.75
N GLU A 470 13.34 -16.95 -25.94
CA GLU A 470 14.01 -15.71 -26.31
C GLU A 470 13.04 -14.65 -26.81
N ILE A 471 12.04 -15.06 -27.58
CA ILE A 471 10.90 -14.21 -27.92
C ILE A 471 9.65 -14.97 -27.47
N ASN A 472 9.78 -15.69 -26.36
CA ASN A 472 8.76 -16.63 -25.94
C ASN A 472 7.44 -15.91 -25.69
N PRO A 473 6.32 -16.48 -26.16
CA PRO A 473 5.01 -15.96 -25.75
C PRO A 473 4.73 -16.30 -24.30
N ARG A 474 3.62 -15.75 -23.78
CA ARG A 474 3.21 -15.88 -22.38
C ARG A 474 4.33 -15.44 -21.45
N THR A 475 5.33 -14.77 -21.99
CA THR A 475 6.52 -14.32 -21.28
C THR A 475 6.67 -12.82 -21.29
N ASN A 476 6.41 -12.18 -22.43
CA ASN A 476 6.40 -10.73 -22.55
C ASN A 476 5.09 -10.31 -23.20
N GLY A 477 4.54 -9.19 -22.75
CA GLY A 477 3.26 -8.72 -23.24
C GLY A 477 2.06 -9.30 -22.53
N ASP A 478 2.23 -9.82 -21.31
CA ASP A 478 1.11 -10.39 -20.58
C ASP A 478 0.06 -9.33 -20.26
N ARG A 479 0.50 -8.14 -19.86
CA ARG A 479 -0.41 -7.05 -19.53
C ARG A 479 -0.73 -6.16 -20.72
N ALA A 480 -0.61 -6.70 -21.94
CA ALA A 480 -0.90 -5.97 -23.17
C ALA A 480 -0.11 -4.67 -23.26
N THR A 484 -6.71 -6.67 -33.58
CA THR A 484 -7.56 -6.71 -32.38
C THR A 484 -8.79 -5.83 -32.56
N ARG A 485 -9.95 -6.46 -32.64
CA ARG A 485 -11.19 -5.72 -32.80
C ARG A 485 -11.51 -4.94 -31.53
N THR A 486 -11.94 -3.69 -31.70
CA THR A 486 -12.27 -2.81 -30.59
C THR A 486 -13.74 -2.46 -30.62
N LEU A 487 -14.42 -2.67 -29.51
CA LEU A 487 -15.83 -2.32 -29.41
C LEU A 487 -15.99 -0.82 -29.13
N ARG A 488 -17.07 -0.25 -29.64
CA ARG A 488 -17.35 1.17 -29.51
C ARG A 488 -18.64 1.38 -28.75
N PHE A 489 -18.59 2.24 -27.73
CA PHE A 489 -19.79 2.62 -27.00
C PHE A 489 -20.66 3.52 -27.87
N VAL A 490 -21.96 3.32 -27.81
CA VAL A 490 -22.91 4.12 -28.58
C VAL A 490 -23.82 4.97 -27.71
N SER A 491 -23.91 4.70 -26.41
CA SER A 491 -24.76 5.49 -25.54
C SER A 491 -24.25 5.38 -24.11
N ASN A 492 -24.23 6.52 -23.40
CA ASN A 492 -23.79 6.57 -22.01
C ASN A 492 -24.67 7.57 -21.28
N VAL A 493 -25.54 7.06 -20.41
CA VAL A 493 -26.46 7.89 -19.63
C VAL A 493 -25.99 7.89 -18.18
N THR A 494 -25.68 9.07 -17.65
CA THR A 494 -25.19 9.21 -16.29
C THR A 494 -26.31 9.74 -15.40
N GLU A 495 -26.47 9.12 -14.24
CA GLU A 495 -27.47 9.52 -13.26
C GLU A 495 -26.77 9.91 -11.96
N ALA A 496 -27.57 10.22 -10.94
CA ALA A 496 -27.01 10.58 -9.65
C ALA A 496 -26.26 9.42 -9.01
N ASP A 497 -26.81 8.21 -9.11
CA ASP A 497 -26.18 7.03 -8.52
C ASP A 497 -26.28 5.82 -9.44
N ARG A 498 -26.39 6.04 -10.74
CA ARG A 498 -26.54 4.95 -11.69
C ARG A 498 -25.93 5.35 -13.03
N ILE A 499 -25.45 4.36 -13.76
CA ILE A 499 -24.88 4.57 -15.09
C ILE A 499 -25.43 3.52 -16.03
N LEU A 500 -25.87 3.95 -17.22
CA LEU A 500 -26.37 3.05 -18.25
C LEU A 500 -25.47 3.13 -19.47
N LEU A 501 -24.99 1.98 -19.94
CA LEU A 501 -24.08 1.92 -21.06
C LEU A 501 -24.65 1.06 -22.17
N ARG A 502 -24.33 1.42 -23.41
CA ARG A 502 -24.74 0.65 -24.57
C ARG A 502 -23.65 0.77 -25.62
N TRP A 503 -23.12 -0.37 -26.08
CA TRP A 503 -22.10 -0.40 -27.12
C TRP A 503 -22.66 -1.02 -28.38
N GLU A 504 -21.84 -1.02 -29.43
CA GLU A 504 -22.28 -1.47 -30.74
C GLU A 504 -22.57 -2.97 -30.73
N ARG A 505 -23.50 -3.37 -31.60
CA ARG A 505 -23.90 -4.77 -31.73
C ARG A 505 -23.16 -5.41 -32.90
N TYR A 506 -22.66 -6.62 -32.67
CA TYR A 506 -21.91 -7.33 -33.70
C TYR A 506 -22.80 -7.71 -34.87
N GLU A 507 -22.22 -7.67 -36.06
CA GLU A 507 -22.91 -8.13 -37.25
C GLU A 507 -23.07 -9.65 -37.21
N PRO A 508 -24.08 -10.20 -37.90
CA PRO A 508 -24.30 -11.65 -37.83
C PRO A 508 -23.12 -12.47 -38.29
N LEU A 509 -22.31 -11.97 -39.22
CA LEU A 509 -21.12 -12.71 -39.65
C LEU A 509 -20.12 -12.84 -38.51
N GLU A 510 -19.89 -11.76 -37.76
CA GLU A 510 -18.92 -11.75 -36.68
C GLU A 510 -19.51 -12.11 -35.32
N ALA A 511 -20.82 -12.32 -35.23
CA ALA A 511 -21.46 -12.67 -33.98
C ALA A 511 -21.64 -14.18 -33.80
N ARG A 512 -21.17 -14.98 -34.75
CA ARG A 512 -21.30 -16.43 -34.62
C ARG A 512 -20.49 -16.95 -33.44
N ASP A 513 -19.24 -16.51 -33.33
CA ASP A 513 -18.39 -16.88 -32.20
C ASP A 513 -18.39 -15.77 -31.15
N LEU A 514 -19.56 -15.54 -30.57
CA LEU A 514 -19.74 -14.50 -29.56
C LEU A 514 -20.54 -15.04 -28.39
N LEU A 515 -20.10 -14.70 -27.18
CA LEU A 515 -20.79 -15.09 -25.96
C LEU A 515 -20.99 -13.88 -25.06
N SER A 516 -21.38 -14.11 -23.81
CA SER A 516 -21.69 -13.01 -22.91
C SER A 516 -20.47 -12.12 -22.67
N PHE A 517 -20.72 -10.83 -22.55
CA PHE A 517 -19.66 -9.85 -22.33
C PHE A 517 -19.32 -9.75 -20.85
N ILE A 518 -18.14 -9.18 -20.57
CA ILE A 518 -17.68 -8.94 -19.21
C ILE A 518 -17.29 -7.48 -19.09
N VAL A 519 -17.84 -6.80 -18.09
CA VAL A 519 -17.64 -5.37 -17.87
C VAL A 519 -16.76 -5.19 -16.64
N TYR A 520 -15.67 -4.43 -16.80
CA TYR A 520 -14.81 -4.05 -15.69
C TYR A 520 -14.99 -2.57 -15.44
N TYR A 521 -15.42 -2.22 -14.23
CA TYR A 521 -15.60 -0.83 -13.86
C TYR A 521 -15.05 -0.60 -12.45
N LYS A 522 -14.35 0.52 -12.27
CA LYS A 522 -13.80 0.86 -10.97
C LYS A 522 -13.72 2.36 -10.81
N GLU A 523 -13.76 2.81 -9.56
CA GLU A 523 -13.73 4.24 -9.25
C GLU A 523 -12.29 4.74 -9.35
N SER A 524 -12.01 5.54 -10.38
CA SER A 524 -10.67 6.11 -10.58
C SER A 524 -10.75 7.62 -10.53
N PRO A 525 -10.31 8.27 -9.45
CA PRO A 525 -10.33 9.74 -9.42
C PRO A 525 -9.51 10.39 -10.50
N PHE A 526 -8.41 9.77 -10.92
CA PHE A 526 -7.55 10.28 -11.97
C PHE A 526 -7.72 9.45 -13.24
N GLN A 527 -7.15 9.95 -14.33
CA GLN A 527 -7.24 9.31 -15.64
C GLN A 527 -6.00 8.51 -15.97
N ASN A 528 -5.38 7.89 -14.97
CA ASN A 528 -4.19 7.06 -15.16
C ASN A 528 -4.48 5.61 -14.80
N ALA A 529 -5.65 5.11 -15.21
CA ALA A 529 -6.07 3.76 -14.92
C ALA A 529 -5.83 2.86 -16.13
N THR A 530 -5.43 1.62 -15.86
CA THR A 530 -5.18 0.65 -16.92
C THR A 530 -5.48 -0.74 -16.40
N GLU A 531 -5.69 -1.67 -17.34
CA GLU A 531 -5.99 -3.05 -16.99
C GLU A 531 -4.72 -3.83 -16.72
N HIS A 532 -4.82 -4.78 -15.79
CA HIS A 532 -3.68 -5.61 -15.43
C HIS A 532 -3.38 -6.65 -16.51
N SER A 542 -8.36 -4.96 -8.62
CA SER A 542 -9.20 -3.98 -7.94
C SER A 542 -10.40 -3.60 -8.80
N TRP A 543 -10.44 -4.11 -10.03
CA TRP A 543 -11.55 -3.81 -10.92
C TRP A 543 -12.82 -4.52 -10.45
N ASN A 544 -13.95 -3.83 -10.59
CA ASN A 544 -15.24 -4.40 -10.27
C ASN A 544 -15.77 -5.15 -11.49
N LEU A 545 -16.19 -6.39 -11.27
CA LEU A 545 -16.58 -7.31 -12.34
C LEU A 545 -18.09 -7.33 -12.52
N LEU A 546 -18.52 -7.51 -13.76
CA LEU A 546 -19.92 -7.72 -14.07
C LEU A 546 -20.03 -8.59 -15.31
N ASP A 547 -21.03 -9.47 -15.33
CA ASP A 547 -21.30 -10.33 -16.47
C ASP A 547 -22.58 -9.87 -17.15
N VAL A 548 -22.52 -9.69 -18.47
CA VAL A 548 -23.65 -9.19 -19.25
C VAL A 548 -24.02 -10.25 -20.26
N GLU A 549 -25.17 -10.88 -20.07
CA GLU A 549 -25.66 -11.84 -21.05
C GLU A 549 -26.14 -11.11 -22.29
N LEU A 550 -25.73 -11.58 -23.46
CA LEU A 550 -26.09 -10.92 -24.70
C LEU A 550 -27.60 -11.03 -24.94
N PRO A 551 -28.20 -10.02 -25.56
CA PRO A 551 -29.66 -10.07 -25.80
C PRO A 551 -30.03 -11.17 -26.79
N LEU A 552 -31.23 -11.68 -26.62
CA LEU A 552 -31.75 -12.75 -27.47
C LEU A 552 -32.47 -12.20 -28.70
N SER A 553 -31.80 -11.30 -29.43
CA SER A 553 -32.36 -10.73 -30.64
C SER A 553 -31.21 -10.17 -31.47
N ARG A 554 -31.49 -9.95 -32.76
CA ARG A 554 -30.51 -9.37 -33.66
C ARG A 554 -30.34 -7.87 -33.46
N THR A 555 -31.21 -7.24 -32.68
CA THR A 555 -31.16 -5.81 -32.39
C THR A 555 -31.13 -5.62 -30.88
N GLN A 556 -31.32 -4.37 -30.44
CA GLN A 556 -31.34 -4.03 -29.02
C GLN A 556 -30.00 -4.39 -28.36
N GLU A 557 -28.97 -3.62 -28.76
CA GLU A 557 -27.59 -3.76 -28.30
C GLU A 557 -27.53 -3.99 -26.80
N PRO A 558 -26.55 -4.78 -26.31
CA PRO A 558 -26.65 -5.32 -24.94
C PRO A 558 -26.77 -4.28 -23.84
N GLY A 559 -25.78 -3.40 -23.71
CA GLY A 559 -25.76 -2.43 -22.63
C GLY A 559 -25.68 -3.05 -21.25
N VAL A 560 -25.55 -2.21 -20.22
CA VAL A 560 -25.47 -2.68 -18.84
C VAL A 560 -25.83 -1.51 -17.94
N THR A 561 -26.28 -1.82 -16.72
CA THR A 561 -26.59 -0.81 -15.72
C THR A 561 -25.71 -1.04 -14.50
N LEU A 562 -25.02 0.01 -14.07
CA LEU A 562 -24.19 -0.01 -12.87
C LEU A 562 -24.87 0.84 -11.81
N ALA A 563 -25.13 0.24 -10.66
CA ALA A 563 -25.84 0.90 -9.57
C ALA A 563 -24.96 0.96 -8.33
N SER A 564 -25.49 1.59 -7.29
CA SER A 564 -24.79 1.78 -6.02
C SER A 564 -23.46 2.51 -6.23
N LEU A 565 -23.55 3.70 -6.80
CA LEU A 565 -22.40 4.53 -7.09
C LEU A 565 -22.53 5.86 -6.35
N LYS A 566 -21.41 6.31 -5.78
CA LYS A 566 -21.42 7.59 -5.06
C LYS A 566 -21.60 8.75 -6.04
N PRO A 567 -22.44 9.72 -5.72
CA PRO A 567 -22.64 10.86 -6.63
C PRO A 567 -21.37 11.67 -6.81
N TRP A 568 -21.21 12.25 -8.00
CA TRP A 568 -20.05 13.05 -8.37
C TRP A 568 -18.76 12.26 -8.17
N THR A 569 -18.66 11.16 -8.91
CA THR A 569 -17.46 10.32 -8.91
C THR A 569 -17.13 9.92 -10.34
N GLN A 570 -15.86 9.69 -10.59
CA GLN A 570 -15.37 9.30 -11.91
C GLN A 570 -15.11 7.80 -11.91
N TYR A 571 -15.73 7.10 -12.85
CA TYR A 571 -15.61 5.65 -12.97
C TYR A 571 -14.98 5.31 -14.32
N ALA A 572 -13.97 4.46 -14.29
CA ALA A 572 -13.36 3.92 -15.51
C ALA A 572 -14.00 2.57 -15.81
N VAL A 573 -14.55 2.44 -17.01
CA VAL A 573 -15.29 1.26 -17.44
C VAL A 573 -14.75 0.80 -18.78
N PHE A 574 -14.70 -0.52 -18.97
CA PHE A 574 -14.41 -1.09 -20.28
C PHE A 574 -14.97 -2.50 -20.36
N VAL A 575 -15.38 -2.89 -21.56
CA VAL A 575 -16.04 -4.18 -21.79
C VAL A 575 -15.10 -5.09 -22.57
N ARG A 576 -15.36 -6.38 -22.49
CA ARG A 576 -14.56 -7.38 -23.18
C ARG A 576 -15.46 -8.55 -23.58
N ALA A 577 -15.29 -9.03 -24.81
CA ALA A 577 -16.08 -10.14 -25.32
C ALA A 577 -15.39 -11.47 -25.00
N ILE A 578 -16.21 -12.50 -24.77
CA ILE A 578 -15.67 -13.83 -24.50
C ILE A 578 -15.25 -14.51 -25.79
N THR A 579 -15.96 -14.21 -26.89
CA THR A 579 -15.63 -14.63 -28.26
C THR A 579 -15.31 -16.12 -28.39
N LEU A 580 -16.21 -16.97 -27.87
CA LEU A 580 -16.06 -18.41 -27.92
C LEU A 580 -14.63 -18.84 -27.59
N THR A 581 -13.85 -19.19 -28.60
CA THR A 581 -12.48 -19.65 -28.39
C THR A 581 -11.63 -18.59 -27.70
N THR A 582 -10.92 -19.00 -26.65
CA THR A 582 -10.13 -18.13 -25.76
C THR A 582 -10.62 -16.69 -25.67
N GLY A 590 -10.72 -11.63 -26.63
CA GLY A 590 -10.36 -11.39 -28.02
C GLY A 590 -10.56 -9.95 -28.45
N ALA A 591 -11.75 -9.42 -28.19
CA ALA A 591 -12.11 -8.05 -28.52
C ALA A 591 -12.53 -7.31 -27.26
N GLN A 592 -12.07 -6.07 -27.13
CA GLN A 592 -12.40 -5.25 -25.97
C GLN A 592 -12.43 -3.79 -26.38
N SER A 593 -13.13 -2.99 -25.57
CA SER A 593 -13.30 -1.57 -25.80
C SER A 593 -12.29 -0.75 -25.01
N PRO A 594 -11.93 0.43 -25.50
CA PRO A 594 -11.02 1.29 -24.74
C PRO A 594 -11.66 1.76 -23.44
N ILE A 595 -10.81 2.02 -22.46
CA ILE A 595 -11.29 2.47 -21.15
C ILE A 595 -11.92 3.85 -21.30
N VAL A 596 -13.14 4.00 -20.78
CA VAL A 596 -13.86 5.26 -20.82
C VAL A 596 -14.14 5.72 -19.40
N TYR A 597 -13.93 7.01 -19.15
CA TYR A 597 -14.15 7.61 -17.85
C TYR A 597 -15.45 8.39 -17.88
N LEU A 598 -16.35 8.08 -16.94
CA LEU A 598 -17.66 8.72 -16.87
C LEU A 598 -17.88 9.28 -15.47
N ARG A 599 -18.43 10.48 -15.40
CA ARG A 599 -18.70 11.15 -14.13
C ARG A 599 -20.20 11.16 -13.87
N THR A 600 -20.59 10.73 -12.68
CA THR A 600 -22.00 10.71 -12.30
C THR A 600 -22.49 12.12 -12.00
N LEU A 601 -23.82 12.26 -12.02
CA LEU A 601 -24.42 13.56 -11.75
C LEU A 601 -24.28 13.92 -10.28
N PRO A 602 -24.14 15.21 -9.98
CA PRO A 602 -24.02 15.64 -8.57
C PRO A 602 -25.36 15.63 -7.86
N ALA A 603 -25.30 15.85 -6.55
CA ALA A 603 -26.49 15.88 -5.72
C ALA A 603 -26.25 16.82 -4.55
N ALA A 604 -27.27 16.96 -3.70
CA ALA A 604 -27.15 17.83 -2.55
C ALA A 604 -26.18 17.25 -1.53
N PRO A 605 -25.33 18.08 -0.91
CA PRO A 605 -24.36 17.55 0.05
C PRO A 605 -24.97 17.18 1.39
N THR A 606 -24.13 16.78 2.33
CA THR A 606 -24.56 16.36 3.66
C THR A 606 -24.40 17.53 4.65
N VAL A 607 -25.04 17.39 5.80
CA VAL A 607 -25.05 18.44 6.83
C VAL A 607 -23.65 18.63 7.39
N PRO A 608 -23.30 19.85 7.82
CA PRO A 608 -22.01 20.04 8.50
C PRO A 608 -21.96 19.34 9.83
N GLN A 609 -20.74 19.03 10.26
CA GLN A 609 -20.51 18.23 11.46
C GLN A 609 -19.80 19.05 12.52
N ASP A 610 -20.17 18.82 13.79
CA ASP A 610 -19.47 19.34 14.96
C ASP A 610 -19.41 20.87 14.94
N VAL A 611 -20.59 21.48 15.05
CA VAL A 611 -20.70 22.92 15.07
C VAL A 611 -20.53 23.42 16.51
N ILE A 612 -19.59 24.33 16.70
CA ILE A 612 -19.34 24.94 18.00
C ILE A 612 -19.29 26.46 17.82
N SER A 613 -19.57 27.18 18.90
CA SER A 613 -19.61 28.63 18.88
C SER A 613 -19.10 29.17 20.21
N THR A 614 -18.55 30.39 20.15
CA THR A 614 -18.01 31.05 21.32
C THR A 614 -18.25 32.55 21.18
N SER A 615 -18.26 33.24 22.32
CA SER A 615 -18.48 34.69 22.36
C SER A 615 -17.28 35.33 23.05
N ASN A 616 -16.33 35.82 22.26
CA ASN A 616 -15.15 36.46 22.81
C ASN A 616 -15.44 37.86 23.36
N SER A 617 -16.52 38.49 22.91
CA SER A 617 -16.87 39.83 23.37
C SER A 617 -18.38 39.86 23.60
N SER A 618 -18.91 41.05 23.86
CA SER A 618 -20.33 41.23 24.12
C SER A 618 -21.14 41.47 22.85
N SER A 619 -20.49 41.55 21.68
CA SER A 619 -21.22 41.76 20.43
C SER A 619 -20.66 40.91 19.29
N HIS A 620 -19.91 39.85 19.59
CA HIS A 620 -19.32 39.01 18.57
C HIS A 620 -19.64 37.55 18.86
N LEU A 621 -19.62 36.74 17.81
CA LEU A 621 -19.88 35.31 17.93
C LEU A 621 -19.04 34.59 16.88
N LEU A 622 -18.03 33.84 17.32
CA LEU A 622 -17.18 33.07 16.42
C LEU A 622 -17.70 31.64 16.36
N VAL A 623 -18.00 31.17 15.14
CA VAL A 623 -18.58 29.85 14.92
C VAL A 623 -17.62 29.05 14.06
N ARG A 624 -17.32 27.83 14.50
CA ARG A 624 -16.45 26.94 13.76
C ARG A 624 -17.06 25.56 13.72
N TRP A 625 -16.93 24.88 12.58
CA TRP A 625 -17.50 23.54 12.41
C TRP A 625 -16.59 22.76 11.47
N LYS A 626 -17.09 21.65 10.95
CA LYS A 626 -16.31 20.77 10.10
C LYS A 626 -17.05 20.52 8.79
N PRO A 627 -16.31 20.25 7.71
CA PRO A 627 -16.96 20.01 6.42
C PRO A 627 -17.75 18.72 6.43
N PRO A 628 -18.76 18.60 5.57
CA PRO A 628 -19.59 17.39 5.55
C PRO A 628 -18.79 16.17 5.09
N THR A 629 -19.38 15.00 5.36
CA THR A 629 -18.73 13.75 4.99
C THR A 629 -18.53 13.65 3.49
N GLN A 630 -19.62 13.64 2.73
CA GLN A 630 -19.57 13.56 1.28
C GLN A 630 -19.97 14.91 0.70
N ARG A 631 -19.11 15.48 -0.15
CA ARG A 631 -19.38 16.79 -0.72
C ARG A 631 -20.45 16.71 -1.81
N ASN A 632 -20.52 15.59 -2.53
CA ASN A 632 -21.45 15.43 -3.66
C ASN A 632 -21.25 16.55 -4.68
N GLY A 633 -19.99 16.88 -4.93
CA GLY A 633 -19.62 17.96 -5.82
C GLY A 633 -18.44 18.72 -5.23
N ASN A 634 -18.29 19.97 -5.64
CA ASN A 634 -17.29 20.87 -5.08
C ASN A 634 -18.01 21.95 -4.27
N LEU A 635 -17.67 22.02 -2.99
CA LEU A 635 -18.33 22.98 -2.10
C LEU A 635 -17.92 24.39 -2.49
N THR A 636 -18.91 25.25 -2.74
CA THR A 636 -18.64 26.62 -3.15
C THR A 636 -18.58 27.57 -1.95
N TYR A 637 -19.50 27.42 -1.01
CA TYR A 637 -19.58 28.28 0.17
C TYR A 637 -20.47 27.60 1.19
N TYR A 638 -20.71 28.30 2.30
CA TYR A 638 -21.65 27.87 3.33
C TYR A 638 -22.63 29.00 3.58
N LEU A 639 -23.90 28.64 3.75
CA LEU A 639 -24.96 29.60 4.04
C LEU A 639 -25.23 29.59 5.54
N VAL A 640 -25.00 30.72 6.19
CA VAL A 640 -25.14 30.84 7.65
C VAL A 640 -26.28 31.80 7.93
N LEU A 641 -27.28 31.32 8.68
CA LEU A 641 -28.42 32.13 9.08
C LEU A 641 -28.46 32.27 10.58
N TRP A 642 -28.69 33.48 11.06
CA TRP A 642 -28.84 33.74 12.49
C TRP A 642 -30.08 34.59 12.72
N GLN A 643 -30.75 34.36 13.84
CA GLN A 643 -31.96 35.07 14.22
C GLN A 643 -31.94 35.32 15.72
N ARG A 644 -32.31 36.54 16.12
CA ARG A 644 -32.36 36.87 17.53
C ARG A 644 -33.56 36.19 18.18
N LEU A 645 -33.33 35.62 19.36
CA LEU A 645 -34.37 34.92 20.12
C LEU A 645 -34.69 35.73 21.36
N ALA A 646 -35.99 35.99 21.57
CA ALA A 646 -36.43 36.73 22.73
C ALA A 646 -36.60 35.82 23.93
N GLU A 647 -36.40 36.37 25.12
CA GLU A 647 -36.55 35.60 26.35
C GLU A 647 -38.01 35.21 26.57
N ASP A 648 -38.21 34.07 27.23
CA ASP A 648 -39.55 33.57 27.47
C ASP A 648 -40.32 34.50 28.40
N GLY A 649 -41.64 34.47 28.27
CA GLY A 649 -42.50 35.33 29.08
C GLY A 649 -42.65 34.88 30.51
N ASP A 650 -42.14 33.70 30.86
CA ASP A 650 -42.20 33.26 32.26
C ASP A 650 -41.40 34.17 33.17
N LEU A 651 -40.23 34.63 32.69
CA LEU A 651 -39.38 35.50 33.50
C LEU A 651 -40.02 36.85 33.77
N TYR A 652 -40.97 37.28 32.94
CA TYR A 652 -41.60 38.58 33.08
C TYR A 652 -42.78 38.58 34.05
N LEU A 653 -43.19 37.41 34.54
CA LEU A 653 -44.37 37.31 35.40
C LEU A 653 -44.08 36.75 36.78
N ASN A 654 -43.05 35.92 36.93
CA ASN A 654 -42.76 35.32 38.22
C ASN A 654 -42.13 36.33 39.17
N ASP A 655 -42.38 36.14 40.46
CA ASP A 655 -41.78 36.96 41.51
C ASP A 655 -40.47 36.31 41.93
N TYR A 656 -39.35 36.99 41.69
CA TYR A 656 -38.04 36.40 41.87
C TYR A 656 -37.37 36.82 43.18
N CYS A 657 -38.08 37.53 44.06
CA CYS A 657 -37.58 37.72 45.42
C CYS A 657 -37.49 36.37 46.13
N HIS A 658 -38.49 35.53 45.95
CA HIS A 658 -38.46 34.13 46.36
C HIS A 658 -38.44 33.26 45.11
N ARG A 659 -38.52 31.95 45.31
CA ARG A 659 -38.51 30.93 44.25
C ARG A 659 -37.51 31.29 43.14
N GLY A 660 -36.25 31.42 43.56
CA GLY A 660 -35.20 31.83 42.64
C GLY A 660 -34.93 30.79 41.58
N LEU A 661 -34.25 31.23 40.53
CA LEU A 661 -33.93 30.39 39.39
C LEU A 661 -32.46 30.54 39.04
N ARG A 662 -31.93 29.55 38.31
CA ARG A 662 -30.57 29.62 37.83
C ARG A 662 -30.43 30.67 36.74
N LEU A 663 -29.25 31.28 36.67
CA LEU A 663 -28.97 32.31 35.68
C LEU A 663 -28.28 31.69 34.48
N PRO A 664 -28.83 31.82 33.27
CA PRO A 664 -28.15 31.26 32.10
C PRO A 664 -26.79 31.91 31.89
N THR A 665 -25.83 31.09 31.44
CA THR A 665 -24.45 31.52 31.27
C THR A 665 -24.15 31.76 29.80
N SER A 666 -23.19 32.64 29.55
CA SER A 666 -22.77 32.93 28.19
C SER A 666 -22.09 31.70 27.58
N ASN A 667 -22.20 31.59 26.24
CA ASN A 667 -21.65 30.45 25.54
C ASN A 667 -20.13 30.56 25.48
N ASN A 668 -19.44 29.58 26.05
CA ASN A 668 -17.98 29.53 26.04
C ASN A 668 -17.53 28.11 25.74
N ASP A 669 -16.34 27.99 25.16
CA ASP A 669 -15.79 26.69 24.81
C ASP A 669 -14.39 26.52 25.36
N SER A 708 -25.33 -19.61 -12.71
CA SER A 708 -23.93 -19.80 -13.05
C SER A 708 -23.76 -20.84 -14.15
N PHE A 709 -24.87 -21.20 -14.79
CA PHE A 709 -24.81 -22.17 -15.88
C PHE A 709 -24.07 -21.63 -17.09
N GLN A 710 -24.21 -20.33 -17.35
CA GLN A 710 -23.54 -19.74 -18.52
C GLN A 710 -22.02 -19.84 -18.38
N LYS A 711 -21.49 -19.55 -17.19
CA LYS A 711 -20.04 -19.61 -16.99
C LYS A 711 -19.53 -21.03 -17.15
N LYS A 712 -20.26 -22.01 -16.60
CA LYS A 712 -19.84 -23.40 -16.74
C LYS A 712 -19.90 -23.86 -18.19
N PHE A 713 -20.94 -23.43 -18.91
CA PHE A 713 -21.04 -23.77 -20.34
C PHE A 713 -19.89 -23.16 -21.13
N GLU A 714 -19.53 -21.90 -20.82
CA GLU A 714 -18.41 -21.28 -21.49
C GLU A 714 -17.11 -22.01 -21.18
N ASN A 715 -16.92 -22.43 -19.92
CA ASN A 715 -15.73 -23.19 -19.57
C ASN A 715 -15.68 -24.51 -20.31
N PHE A 716 -16.82 -25.19 -20.43
CA PHE A 716 -16.85 -26.45 -21.17
C PHE A 716 -16.53 -26.23 -22.65
N LEU A 717 -17.06 -25.15 -23.23
CA LEU A 717 -16.77 -24.85 -24.64
C LEU A 717 -15.30 -24.52 -24.84
N HIS A 718 -14.68 -23.83 -23.88
CA HIS A 718 -13.28 -23.45 -24.00
C HIS A 718 -12.34 -24.66 -24.02
N ASN A 719 -12.77 -25.78 -23.46
CA ASN A 719 -11.94 -26.98 -23.42
C ASN A 719 -12.31 -27.95 -24.55
N ASP A 759 -36.24 42.08 17.65
CA ASP A 759 -36.71 40.95 18.44
C ASP A 759 -36.47 39.63 17.70
N PHE A 760 -36.92 39.57 16.44
CA PHE A 760 -36.74 38.38 15.62
C PHE A 760 -36.67 38.80 14.16
N GLU A 761 -35.58 38.45 13.49
CA GLU A 761 -35.40 38.77 12.08
C GLU A 761 -34.30 37.87 11.52
N ILE A 762 -34.61 37.15 10.45
CA ILE A 762 -33.64 36.25 9.84
C ILE A 762 -32.57 37.06 9.13
N GLN A 763 -31.30 36.76 9.41
CA GLN A 763 -30.19 37.36 8.71
C GLN A 763 -29.29 36.27 8.16
N GLU A 764 -28.73 36.52 6.98
CA GLU A 764 -27.98 35.52 6.23
C GLU A 764 -26.60 36.05 5.87
N ASP A 765 -25.68 35.11 5.64
CA ASP A 765 -24.32 35.44 5.23
C ASP A 765 -23.86 34.37 4.23
N LYS A 766 -22.64 34.56 3.73
CA LYS A 766 -22.04 33.64 2.76
C LYS A 766 -20.58 33.46 3.15
N VAL A 767 -20.25 32.33 3.77
CA VAL A 767 -18.92 32.10 4.31
C VAL A 767 -18.18 31.16 3.36
N PRO A 768 -17.12 31.62 2.68
CA PRO A 768 -16.36 30.73 1.79
C PRO A 768 -15.40 29.82 2.53
N ARG A 769 -15.11 30.08 3.80
CA ARG A 769 -14.13 29.32 4.56
C ARG A 769 -14.84 28.63 5.72
N GLU A 770 -14.10 27.75 6.40
CA GLU A 770 -14.70 26.89 7.43
C GLU A 770 -15.26 27.72 8.58
N ARG A 771 -14.52 28.72 9.05
CA ARG A 771 -14.90 29.49 10.23
C ARG A 771 -15.65 30.75 9.84
N ALA A 772 -16.54 31.19 10.73
CA ALA A 772 -17.35 32.39 10.49
C ALA A 772 -17.36 33.25 11.74
N VAL A 773 -17.58 34.55 11.54
CA VAL A 773 -17.66 35.52 12.62
C VAL A 773 -18.90 36.36 12.43
N LEU A 774 -19.70 36.49 13.48
CA LEU A 774 -20.93 37.28 13.48
C LEU A 774 -20.70 38.52 14.33
N SER A 775 -20.95 39.69 13.75
CA SER A 775 -20.76 40.96 14.43
C SER A 775 -22.08 41.72 14.49
N GLY A 776 -22.07 42.82 15.24
CA GLY A 776 -23.27 43.63 15.37
C GLY A 776 -24.41 42.93 16.08
N LEU A 777 -24.11 42.20 17.15
CA LEU A 777 -25.10 41.43 17.88
C LEU A 777 -25.38 42.08 19.23
N ARG A 778 -26.58 41.85 19.74
CA ARG A 778 -26.98 42.40 21.03
C ARG A 778 -26.22 41.72 22.16
N HIS A 779 -26.11 42.42 23.28
CA HIS A 779 -25.39 41.90 24.44
C HIS A 779 -26.29 40.97 25.25
N PHE A 780 -25.78 39.77 25.52
CA PHE A 780 -26.49 38.76 26.32
C PHE A 780 -27.87 38.46 25.74
N THR A 781 -27.87 37.98 24.50
CA THR A 781 -29.10 37.58 23.83
C THR A 781 -28.87 36.26 23.10
N GLU A 782 -29.87 35.39 23.15
CA GLU A 782 -29.78 34.08 22.52
C GLU A 782 -29.96 34.20 21.02
N TYR A 783 -29.10 33.48 20.28
CA TYR A 783 -29.12 33.48 18.82
C TYR A 783 -29.16 32.04 18.33
N ARG A 784 -30.04 31.77 17.38
CA ARG A 784 -30.13 30.46 16.73
C ARG A 784 -29.41 30.56 15.39
N ILE A 785 -28.36 29.74 15.23
CA ILE A 785 -27.49 29.78 14.06
C ILE A 785 -27.78 28.54 13.22
N ASP A 786 -28.13 28.76 11.96
CA ASP A 786 -28.37 27.70 10.99
C ASP A 786 -27.28 27.72 9.93
N ILE A 787 -26.73 26.56 9.62
CA ILE A 787 -25.63 26.43 8.66
C ILE A 787 -26.02 25.40 7.61
N HIS A 788 -25.84 25.75 6.34
CA HIS A 788 -26.06 24.86 5.21
C HIS A 788 -24.76 24.68 4.44
N ALA A 789 -24.63 23.53 3.81
CA ALA A 789 -23.53 23.25 2.90
C ALA A 789 -24.04 23.34 1.47
N CYS A 790 -23.30 24.05 0.61
CA CYS A 790 -23.74 24.33 -0.75
C CYS A 790 -22.65 23.97 -1.74
N ASN A 791 -22.94 23.01 -2.62
CA ASN A 791 -22.15 22.77 -3.82
C ASN A 791 -22.78 23.56 -4.97
N HIS A 792 -22.41 23.27 -6.21
CA HIS A 792 -23.02 23.92 -7.37
C HIS A 792 -24.44 23.37 -7.53
N ALA A 793 -25.34 23.85 -6.68
CA ALA A 793 -26.70 23.33 -6.58
C ALA A 793 -27.73 24.30 -7.17
N ALA A 794 -27.37 25.00 -8.25
CA ALA A 794 -28.32 25.88 -8.90
C ALA A 794 -29.50 25.09 -9.47
N HIS A 795 -29.21 23.95 -10.10
CA HIS A 795 -30.25 23.09 -10.67
C HIS A 795 -30.62 21.93 -9.75
N THR A 796 -29.85 21.71 -8.68
CA THR A 796 -30.14 20.62 -7.75
C THR A 796 -31.33 21.03 -6.87
N VAL A 797 -31.76 20.12 -5.99
CA VAL A 797 -32.88 20.39 -5.10
C VAL A 797 -32.56 21.58 -4.19
N GLY A 798 -31.28 21.83 -3.92
CA GLY A 798 -30.88 22.95 -3.10
C GLY A 798 -29.63 22.60 -2.32
N CYS A 799 -29.38 23.39 -1.29
CA CYS A 799 -28.23 23.16 -0.42
C CYS A 799 -28.52 22.03 0.55
N SER A 800 -27.54 21.72 1.40
CA SER A 800 -27.70 20.63 2.35
C SER A 800 -28.69 21.02 3.44
N ALA A 801 -29.14 20.01 4.20
CA ALA A 801 -30.05 20.25 5.30
C ALA A 801 -29.38 21.09 6.37
N ALA A 802 -30.13 22.03 6.94
CA ALA A 802 -29.56 22.96 7.90
C ALA A 802 -29.19 22.25 9.20
N THR A 803 -28.08 22.69 9.79
CA THR A 803 -27.70 22.30 11.14
C THR A 803 -27.84 23.53 12.04
N PHE A 804 -28.40 23.33 13.24
CA PHE A 804 -28.77 24.44 14.11
C PHE A 804 -28.02 24.34 15.42
N VAL A 805 -27.62 25.51 15.94
CA VAL A 805 -27.00 25.63 17.25
C VAL A 805 -27.56 26.86 17.94
N PHE A 806 -27.40 26.91 19.26
CA PHE A 806 -27.84 28.04 20.07
C PHE A 806 -26.63 28.65 20.76
N ALA A 807 -26.49 29.96 20.67
CA ALA A 807 -25.37 30.67 21.28
C ALA A 807 -25.90 31.87 22.07
N ARG A 808 -25.05 32.39 22.95
CA ARG A 808 -25.39 33.57 23.73
C ARG A 808 -24.17 34.48 23.82
N THR A 809 -24.38 35.77 23.62
CA THR A 809 -23.30 36.73 23.69
C THR A 809 -22.96 37.05 25.14
N MET A 810 -21.73 37.55 25.34
CA MET A 810 -21.30 37.91 26.68
C MET A 810 -22.07 39.13 27.19
N PRO A 811 -22.35 39.18 28.48
CA PRO A 811 -23.09 40.33 29.03
C PRO A 811 -22.25 41.60 29.00
N HIS A 812 -22.95 42.73 28.91
CA HIS A 812 -22.30 44.03 28.95
C HIS A 812 -21.99 44.41 30.40
N ARG A 813 -20.80 44.95 30.62
CA ARG A 813 -20.32 45.20 31.98
C ARG A 813 -21.15 46.28 32.68
N GLU A 814 -21.34 47.43 32.03
CA GLU A 814 -21.97 48.58 32.65
C GLU A 814 -23.44 48.75 32.24
N ALA A 815 -24.03 47.76 31.57
CA ALA A 815 -25.41 47.89 31.15
C ALA A 815 -26.40 47.71 32.30
N ASP A 816 -25.97 47.12 33.40
CA ASP A 816 -26.86 46.84 34.53
C ASP A 816 -26.88 47.96 35.56
N GLY A 817 -26.07 49.00 35.39
CA GLY A 817 -26.07 50.10 36.34
C GLY A 817 -27.35 50.89 36.29
N ILE A 818 -27.77 51.37 37.46
CA ILE A 818 -28.98 52.18 37.58
C ILE A 818 -28.66 53.59 37.09
N PRO A 819 -29.39 54.11 36.10
CA PRO A 819 -29.10 55.44 35.59
C PRO A 819 -29.39 56.52 36.62
N GLY A 820 -28.60 57.58 36.58
CA GLY A 820 -28.81 58.71 37.47
C GLY A 820 -28.53 58.36 38.92
N LYS A 821 -29.17 59.12 39.81
CA LYS A 821 -29.05 58.91 41.24
C LYS A 821 -30.43 58.68 41.84
N VAL A 822 -30.49 57.80 42.84
CA VAL A 822 -31.75 57.47 43.48
C VAL A 822 -32.23 58.67 44.29
N ALA A 823 -33.54 58.88 44.30
CA ALA A 823 -34.15 60.00 45.01
C ALA A 823 -34.93 59.49 46.23
N TRP A 824 -35.03 60.33 47.24
CA TRP A 824 -35.70 59.99 48.48
C TRP A 824 -36.68 61.09 48.86
N GLU A 825 -37.77 60.67 49.53
CA GLU A 825 -38.75 61.61 50.05
C GLU A 825 -39.30 61.04 51.35
N ALA A 826 -39.88 61.93 52.16
CA ALA A 826 -40.41 61.54 53.46
C ALA A 826 -41.92 61.75 53.50
N SER A 827 -42.56 61.12 54.48
CA SER A 827 -43.98 61.29 54.73
C SER A 827 -44.20 61.46 56.22
N SER A 828 -45.30 62.14 56.57
CA SER A 828 -45.58 62.42 57.97
C SER A 828 -45.87 61.16 58.78
N LYS A 829 -46.24 60.07 58.14
CA LYS A 829 -46.58 58.83 58.85
C LYS A 829 -45.38 57.92 59.04
N ASN A 830 -44.28 58.48 59.55
CA ASN A 830 -43.11 57.72 59.96
C ASN A 830 -42.61 56.78 58.85
N SER A 831 -42.55 57.31 57.62
CA SER A 831 -42.16 56.48 56.50
C SER A 831 -41.43 57.33 55.45
N VAL A 832 -40.67 56.63 54.61
CA VAL A 832 -39.94 57.26 53.52
C VAL A 832 -40.14 56.45 52.25
N LEU A 833 -39.95 57.12 51.12
CA LEU A 833 -40.08 56.53 49.79
C LEU A 833 -38.78 56.74 49.02
N LEU A 834 -38.35 55.71 48.31
CA LEU A 834 -37.15 55.78 47.48
C LEU A 834 -37.53 55.44 46.04
N ARG A 835 -36.97 56.20 45.10
CA ARG A 835 -37.26 56.01 43.68
C ARG A 835 -35.97 55.95 42.88
N TRP A 836 -35.97 55.13 41.84
CA TRP A 836 -34.83 55.00 40.95
C TRP A 836 -35.31 54.49 39.60
N LEU A 837 -34.67 54.98 38.55
CA LEU A 837 -35.04 54.59 37.19
C LEU A 837 -34.46 53.23 36.83
N GLU A 838 -35.21 52.48 36.01
CA GLU A 838 -34.74 51.20 35.55
C GLU A 838 -33.56 51.37 34.59
N PRO A 839 -32.69 50.38 34.50
CA PRO A 839 -31.60 50.43 33.51
C PRO A 839 -32.16 50.53 32.10
N PRO A 840 -31.50 51.28 31.22
CA PRO A 840 -32.03 51.47 29.87
C PRO A 840 -31.98 50.20 29.03
N ASP A 841 -30.83 49.52 29.03
CA ASP A 841 -30.62 48.30 28.25
C ASP A 841 -30.07 47.22 29.16
N PRO A 842 -30.92 46.60 29.98
CA PRO A 842 -30.44 45.53 30.86
C PRO A 842 -30.10 44.27 30.07
N ASN A 843 -29.26 43.44 30.68
CA ASN A 843 -28.89 42.17 30.06
C ASN A 843 -30.06 41.20 30.12
N GLY A 844 -30.85 41.15 29.06
CA GLY A 844 -32.04 40.33 29.03
C GLY A 844 -33.22 40.99 29.70
N LEU A 845 -33.21 41.03 31.03
CA LEU A 845 -34.27 41.68 31.80
C LEU A 845 -33.76 41.83 33.23
N ILE A 846 -34.45 42.67 33.99
CA ILE A 846 -34.14 42.91 35.40
C ILE A 846 -35.10 42.06 36.24
N LEU A 847 -34.54 41.20 37.07
CA LEU A 847 -35.36 40.29 37.88
C LEU A 847 -35.78 40.89 39.21
N LYS A 848 -34.85 41.56 39.90
CA LYS A 848 -35.16 42.11 41.22
C LYS A 848 -34.19 43.24 41.52
N TYR A 849 -34.60 44.10 42.45
CA TYR A 849 -33.78 45.20 42.93
C TYR A 849 -33.48 44.98 44.41
N GLU A 850 -32.20 44.99 44.76
CA GLU A 850 -31.78 44.83 46.15
C GLU A 850 -31.39 46.20 46.70
N ILE A 851 -32.06 46.62 47.77
CA ILE A 851 -31.80 47.89 48.41
C ILE A 851 -31.17 47.64 49.77
N LYS A 852 -30.01 48.25 50.00
CA LYS A 852 -29.26 48.08 51.24
C LYS A 852 -29.29 49.39 52.03
N TYR A 853 -29.79 49.33 53.26
CA TYR A 853 -29.87 50.50 54.12
C TYR A 853 -29.45 50.14 55.53
N ARG A 854 -28.97 51.15 56.25
CA ARG A 854 -28.42 50.95 57.58
C ARG A 854 -28.48 52.25 58.36
N ARG A 855 -28.43 52.13 59.69
CA ARG A 855 -28.20 53.27 60.55
C ARG A 855 -26.70 53.52 60.66
N LEU A 856 -26.33 54.79 60.71
CA LEU A 856 -24.92 55.19 60.63
C LEU A 856 -24.08 54.55 61.74
N GLY A 857 -23.21 53.62 61.37
CA GLY A 857 -22.26 53.04 62.30
C GLY A 857 -22.46 51.58 62.64
N GLU A 858 -23.52 50.95 62.17
CA GLU A 858 -23.71 49.52 62.44
C GLU A 858 -23.95 48.80 61.11
N GLU A 859 -24.42 47.56 61.21
CA GLU A 859 -24.58 46.72 60.02
C GLU A 859 -25.78 47.17 59.20
N ALA A 860 -25.84 46.66 57.97
CA ALA A 860 -26.88 46.99 57.01
C ALA A 860 -27.84 45.83 56.84
N THR A 861 -29.09 46.15 56.50
CA THR A 861 -30.14 45.16 56.28
C THR A 861 -30.66 45.32 54.86
N VAL A 862 -30.32 44.38 53.98
CA VAL A 862 -30.74 44.47 52.59
C VAL A 862 -32.15 43.92 52.44
N LEU A 863 -32.80 44.32 51.34
CA LEU A 863 -34.18 43.93 51.08
C LEU A 863 -34.38 43.78 49.58
N CYS A 864 -35.10 42.72 49.19
CA CYS A 864 -35.40 42.45 47.79
C CYS A 864 -36.73 43.07 47.40
N VAL A 865 -36.81 43.54 46.16
CA VAL A 865 -38.03 44.09 45.60
C VAL A 865 -38.20 43.49 44.21
N SER A 866 -39.36 42.85 43.97
CA SER A 866 -39.64 42.27 42.67
C SER A 866 -40.00 43.36 41.67
N ARG A 867 -40.13 42.95 40.40
CA ARG A 867 -40.51 43.90 39.36
C ARG A 867 -41.90 44.48 39.61
N LEU A 868 -42.85 43.62 39.99
CA LEU A 868 -44.21 44.09 40.24
C LEU A 868 -44.26 45.04 41.43
N ARG A 869 -43.55 44.71 42.51
CA ARG A 869 -43.53 45.58 43.68
C ARG A 869 -42.90 46.93 43.36
N TYR A 870 -41.82 46.93 42.59
CA TYR A 870 -41.18 48.18 42.22
C TYR A 870 -42.08 49.02 41.32
N ALA A 871 -42.75 48.37 40.35
CA ALA A 871 -43.60 49.11 39.42
C ALA A 871 -44.90 49.57 40.04
N LYS A 872 -45.32 48.96 41.16
CA LYS A 872 -46.57 49.35 41.79
C LYS A 872 -46.50 50.79 42.28
N PHE A 873 -45.38 51.20 42.87
CA PHE A 873 -45.23 52.54 43.41
C PHE A 873 -44.08 53.31 42.77
N GLY A 874 -43.41 52.76 41.77
CA GLY A 874 -42.27 53.42 41.17
C GLY A 874 -40.99 53.30 41.97
N GLY A 875 -41.00 52.55 43.07
CA GLY A 875 -39.83 52.42 43.91
C GLY A 875 -40.06 51.53 45.11
N VAL A 876 -39.59 51.98 46.28
CA VAL A 876 -39.69 51.20 47.51
C VAL A 876 -40.17 52.11 48.64
N HIS A 877 -40.78 51.47 49.64
CA HIS A 877 -41.26 52.12 50.85
C HIS A 877 -40.51 51.56 52.05
N LEU A 878 -40.15 52.45 52.98
CA LEU A 878 -39.55 52.05 54.24
C LEU A 878 -40.34 52.71 55.37
N ALA A 879 -41.09 51.91 56.11
CA ALA A 879 -41.98 52.43 57.14
C ALA A 879 -41.54 51.93 58.51
N LEU A 880 -41.97 52.66 59.54
CA LEU A 880 -41.68 52.35 60.93
C LEU A 880 -40.16 52.29 61.18
N LEU A 881 -39.53 53.45 60.99
CA LEU A 881 -38.10 53.58 61.21
C LEU A 881 -37.83 54.47 62.41
N PRO A 882 -36.95 54.07 63.32
CA PRO A 882 -36.63 54.92 64.46
C PRO A 882 -35.95 56.19 63.99
N PRO A 883 -36.10 57.30 64.72
CA PRO A 883 -35.50 58.57 64.28
C PRO A 883 -33.99 58.47 64.19
N GLY A 884 -33.44 59.13 63.19
CA GLY A 884 -32.00 59.14 62.97
C GLY A 884 -31.69 59.31 61.50
N ASN A 885 -30.40 59.23 61.19
CA ASN A 885 -29.91 59.32 59.83
C ASN A 885 -29.63 57.93 59.28
N TYR A 886 -29.80 57.77 57.98
CA TYR A 886 -29.61 56.48 57.33
C TYR A 886 -28.97 56.69 55.97
N SER A 887 -28.20 55.68 55.54
CA SER A 887 -27.59 55.66 54.23
C SER A 887 -28.15 54.47 53.45
N ALA A 888 -28.63 54.73 52.24
CA ALA A 888 -29.30 53.73 51.42
C ALA A 888 -28.60 53.59 50.08
N ARG A 889 -28.47 52.35 49.62
CA ARG A 889 -27.93 52.03 48.30
C ARG A 889 -28.84 51.03 47.63
N VAL A 890 -28.86 51.06 46.30
CA VAL A 890 -29.70 50.18 45.50
C VAL A 890 -28.82 49.40 44.52
N ARG A 891 -29.29 48.22 44.14
CA ARG A 891 -28.59 47.39 43.17
C ARG A 891 -29.62 46.62 42.36
N ALA A 892 -29.43 46.58 41.05
CA ALA A 892 -30.33 45.89 40.14
C ALA A 892 -29.69 44.59 39.67
N THR A 893 -30.43 43.49 39.80
CA THR A 893 -29.96 42.18 39.38
C THR A 893 -30.65 41.78 38.08
N SER A 894 -29.87 41.33 37.11
CA SER A 894 -30.37 40.95 35.80
C SER A 894 -30.21 39.45 35.60
N LEU A 895 -30.56 38.99 34.40
CA LEU A 895 -30.42 37.58 34.06
C LEU A 895 -28.96 37.15 33.97
N ALA A 896 -28.03 38.10 33.84
CA ALA A 896 -26.62 37.77 33.72
C ALA A 896 -25.91 37.66 35.07
N GLY A 897 -26.32 38.46 36.05
CA GLY A 897 -25.69 38.42 37.36
C GLY A 897 -25.99 39.69 38.13
N ASN A 898 -25.15 39.95 39.13
CA ASN A 898 -25.33 41.13 39.95
C ASN A 898 -24.99 42.40 39.18
N GLY A 899 -25.58 43.50 39.61
CA GLY A 899 -25.32 44.81 39.04
C GLY A 899 -24.25 45.57 39.79
N SER A 900 -24.38 46.89 39.79
CA SER A 900 -23.44 47.77 40.46
C SER A 900 -24.18 48.64 41.46
N TRP A 901 -23.66 48.73 42.67
CA TRP A 901 -24.28 49.56 43.70
C TRP A 901 -24.22 51.02 43.31
N THR A 902 -25.33 51.73 43.47
CA THR A 902 -25.40 53.13 43.12
C THR A 902 -24.82 53.98 44.26
N ASP A 903 -24.81 55.29 44.06
CA ASP A 903 -24.30 56.20 45.07
C ASP A 903 -25.20 56.20 46.30
N SER A 904 -24.58 56.19 47.47
CA SER A 904 -25.32 56.18 48.72
C SER A 904 -26.10 57.48 48.89
N VAL A 905 -27.34 57.37 49.34
CA VAL A 905 -28.20 58.51 49.62
C VAL A 905 -28.40 58.60 51.12
N ALA A 906 -28.19 59.78 51.68
CA ALA A 906 -28.33 59.99 53.12
C ALA A 906 -29.65 60.70 53.39
N PHE A 907 -30.49 60.09 54.23
CA PHE A 907 -31.78 60.66 54.58
C PHE A 907 -32.00 60.55 56.07
N TYR A 908 -32.56 61.61 56.66
CA TYR A 908 -32.81 61.68 58.09
C TYR A 908 -34.31 61.69 58.34
N ILE A 909 -34.75 60.90 59.31
CA ILE A 909 -36.16 60.80 59.67
C ILE A 909 -36.30 61.18 61.14
N LEU A 910 -37.19 62.12 61.43
CA LEU A 910 -37.41 62.59 62.79
C LEU A 910 -38.89 62.60 63.14
N VAL B 27 -27.87 -52.87 -31.03
CA VAL B 27 -27.44 -53.38 -32.33
C VAL B 27 -26.08 -52.79 -32.70
N GLU B 28 -25.96 -51.47 -32.62
CA GLU B 28 -24.74 -50.76 -32.94
C GLU B 28 -24.07 -50.26 -31.65
N VAL B 29 -22.82 -49.82 -31.80
CA VAL B 29 -22.07 -49.31 -30.67
C VAL B 29 -22.21 -47.80 -30.61
N CYS B 30 -21.72 -47.11 -31.66
CA CYS B 30 -21.85 -45.67 -31.83
C CYS B 30 -21.43 -44.92 -30.57
N PRO B 31 -20.12 -44.82 -30.30
CA PRO B 31 -19.68 -44.11 -29.09
C PRO B 31 -20.05 -42.63 -29.09
N SER B 32 -19.75 -41.94 -27.99
CA SER B 32 -20.13 -40.54 -27.85
C SER B 32 -19.54 -39.70 -28.98
N LEU B 33 -20.38 -38.83 -29.55
CA LEU B 33 -19.97 -38.02 -30.68
C LEU B 33 -20.45 -36.58 -30.53
N ASP B 34 -19.63 -35.66 -31.02
CA ASP B 34 -19.97 -34.25 -31.12
C ASP B 34 -19.81 -33.80 -32.55
N ILE B 35 -20.80 -33.05 -33.05
CA ILE B 35 -20.87 -32.64 -34.44
C ILE B 35 -20.87 -31.13 -34.50
N ARG B 36 -20.03 -30.56 -35.37
CA ARG B 36 -19.82 -29.13 -35.43
C ARG B 36 -19.53 -28.70 -36.87
N SER B 37 -19.90 -27.45 -37.17
CA SER B 37 -19.37 -26.69 -38.29
C SER B 37 -19.82 -27.15 -39.67
N GLU B 38 -20.56 -28.25 -39.75
CA GLU B 38 -21.00 -28.73 -41.05
C GLU B 38 -22.15 -29.71 -40.89
N VAL B 39 -23.08 -29.68 -41.84
CA VAL B 39 -24.18 -30.65 -41.86
C VAL B 39 -23.73 -32.00 -42.40
N ALA B 40 -22.66 -32.03 -43.20
CA ALA B 40 -22.17 -33.30 -43.72
C ALA B 40 -21.68 -34.21 -42.59
N GLU B 41 -21.04 -33.61 -41.58
CA GLU B 41 -20.55 -34.40 -40.45
C GLU B 41 -21.68 -35.09 -39.70
N LEU B 42 -22.92 -34.62 -39.86
CA LEU B 42 -24.07 -35.29 -39.26
C LEU B 42 -24.34 -36.66 -39.86
N ARG B 43 -23.72 -36.99 -41.00
CA ARG B 43 -23.98 -38.25 -41.67
C ARG B 43 -23.37 -39.45 -40.95
N GLN B 44 -22.55 -39.23 -39.92
CA GLN B 44 -21.92 -40.33 -39.20
C GLN B 44 -22.87 -41.02 -38.23
N LEU B 45 -24.17 -40.72 -38.29
CA LEU B 45 -25.17 -41.38 -37.46
C LEU B 45 -26.10 -42.27 -38.28
N GLU B 46 -25.70 -42.63 -39.49
CA GLU B 46 -26.57 -43.41 -40.38
C GLU B 46 -26.83 -44.80 -39.82
N ASN B 47 -25.78 -45.49 -39.37
CA ASN B 47 -25.89 -46.85 -38.89
C ASN B 47 -26.06 -46.94 -37.38
N CYS B 48 -26.03 -45.81 -36.68
CA CYS B 48 -26.15 -45.83 -35.23
C CYS B 48 -27.55 -46.25 -34.80
N SER B 49 -27.61 -47.09 -33.77
CA SER B 49 -28.88 -47.50 -33.17
C SER B 49 -29.01 -47.10 -31.72
N VAL B 50 -27.98 -47.34 -30.91
CA VAL B 50 -27.94 -46.92 -29.51
C VAL B 50 -26.62 -46.22 -29.28
N VAL B 51 -26.66 -44.91 -29.04
CA VAL B 51 -25.44 -44.14 -28.85
C VAL B 51 -24.92 -44.40 -27.44
N GLU B 52 -23.75 -45.03 -27.33
CA GLU B 52 -23.14 -45.33 -26.05
C GLU B 52 -22.29 -44.15 -25.56
N GLY B 53 -22.99 -43.04 -25.32
CA GLY B 53 -22.33 -41.83 -24.87
C GLY B 53 -23.17 -40.62 -25.21
N HIS B 54 -22.59 -39.45 -24.92
CA HIS B 54 -23.30 -38.20 -25.17
C HIS B 54 -23.33 -37.88 -26.66
N LEU B 55 -24.45 -37.29 -27.09
CA LEU B 55 -24.63 -36.85 -28.46
C LEU B 55 -24.75 -35.33 -28.45
N GLN B 56 -23.77 -34.66 -29.04
CA GLN B 56 -23.73 -33.19 -29.06
C GLN B 56 -23.82 -32.71 -30.49
N ILE B 57 -24.68 -31.73 -30.73
CA ILE B 57 -24.78 -31.04 -32.02
C ILE B 57 -24.69 -29.55 -31.75
N LEU B 58 -23.63 -28.91 -32.27
CA LEU B 58 -23.44 -27.51 -31.93
C LEU B 58 -22.64 -26.81 -33.01
N LEU B 59 -22.79 -25.49 -33.04
CA LEU B 59 -22.01 -24.60 -33.90
C LEU B 59 -22.16 -24.97 -35.37
N MET B 60 -23.38 -24.85 -35.87
CA MET B 60 -23.70 -25.04 -37.29
C MET B 60 -24.31 -23.74 -37.81
N PHE B 61 -23.44 -22.84 -38.28
CA PHE B 61 -23.88 -21.55 -38.79
C PHE B 61 -24.17 -21.59 -40.29
N THR B 62 -23.32 -22.25 -41.07
CA THR B 62 -23.49 -22.36 -42.52
C THR B 62 -24.46 -23.50 -42.83
N ALA B 63 -25.73 -23.25 -42.53
CA ALA B 63 -26.78 -24.23 -42.77
C ALA B 63 -28.10 -23.49 -42.98
N THR B 64 -28.94 -24.07 -43.82
CA THR B 64 -30.25 -23.52 -44.14
C THR B 64 -31.35 -24.50 -43.70
N GLY B 65 -32.59 -24.11 -43.95
CA GLY B 65 -33.72 -24.95 -43.59
C GLY B 65 -33.97 -26.13 -44.51
N GLU B 66 -33.25 -26.21 -45.63
CA GLU B 66 -33.41 -27.30 -46.58
C GLU B 66 -32.44 -28.45 -46.32
N ASP B 67 -31.29 -28.18 -45.71
CA ASP B 67 -30.34 -29.25 -45.43
C ASP B 67 -30.93 -30.27 -44.46
N PHE B 68 -31.61 -29.81 -43.43
CA PHE B 68 -32.20 -30.71 -42.44
C PHE B 68 -33.56 -31.24 -42.88
N ARG B 69 -34.15 -30.69 -43.95
CA ARG B 69 -35.47 -31.14 -44.39
C ARG B 69 -35.43 -32.59 -44.86
N GLY B 70 -34.40 -32.96 -45.62
CA GLY B 70 -34.30 -34.30 -46.15
C GLY B 70 -33.37 -35.19 -45.35
N LEU B 71 -33.07 -34.80 -44.12
CA LEU B 71 -32.17 -35.54 -43.25
C LEU B 71 -32.96 -36.19 -42.12
N SER B 72 -32.75 -37.49 -41.92
CA SER B 72 -33.46 -38.24 -40.90
C SER B 72 -32.60 -39.41 -40.45
N PHE B 73 -32.75 -39.76 -39.17
CA PHE B 73 -32.04 -40.89 -38.57
C PHE B 73 -33.03 -41.76 -37.81
N PRO B 74 -33.88 -42.51 -38.53
CA PRO B 74 -34.86 -43.36 -37.84
C PRO B 74 -34.24 -44.50 -37.05
N ARG B 75 -32.99 -44.88 -37.34
CA ARG B 75 -32.38 -46.00 -36.65
C ARG B 75 -32.09 -45.68 -35.18
N LEU B 76 -31.74 -44.44 -34.88
CA LEU B 76 -31.41 -44.07 -33.50
C LEU B 76 -32.64 -44.21 -32.60
N THR B 77 -32.46 -44.90 -31.48
CA THR B 77 -33.56 -45.12 -30.55
C THR B 77 -33.17 -45.03 -29.08
N GLN B 78 -31.94 -44.66 -28.76
CA GLN B 78 -31.52 -44.60 -27.36
C GLN B 78 -30.24 -43.77 -27.26
N VAL B 79 -30.17 -42.96 -26.21
CA VAL B 79 -28.98 -42.17 -25.88
C VAL B 79 -28.64 -42.43 -24.42
N THR B 80 -27.37 -42.74 -24.15
CA THR B 80 -26.98 -43.15 -22.81
C THR B 80 -26.66 -41.98 -21.89
N ASP B 81 -25.91 -40.98 -22.36
CA ASP B 81 -25.43 -39.93 -21.47
C ASP B 81 -26.37 -38.72 -21.45
N TYR B 82 -26.53 -38.04 -22.59
CA TYR B 82 -27.39 -36.88 -22.69
C TYR B 82 -27.42 -36.44 -24.15
N LEU B 83 -28.32 -35.50 -24.45
CA LEU B 83 -28.46 -34.95 -25.79
C LEU B 83 -28.34 -33.44 -25.71
N LEU B 84 -27.35 -32.88 -26.38
CA LEU B 84 -27.06 -31.45 -26.34
C LEU B 84 -27.24 -30.84 -27.72
N LEU B 85 -27.95 -29.73 -27.80
CA LEU B 85 -28.09 -28.96 -29.02
C LEU B 85 -27.80 -27.50 -28.71
N PHE B 86 -26.91 -26.89 -29.49
CA PHE B 86 -26.49 -25.52 -29.21
C PHE B 86 -26.17 -24.80 -30.50
N ARG B 87 -26.99 -23.81 -30.85
CA ARG B 87 -26.75 -22.93 -32.00
C ARG B 87 -26.64 -23.72 -33.30
N VAL B 88 -27.71 -24.42 -33.64
CA VAL B 88 -27.79 -25.13 -34.91
C VAL B 88 -28.73 -24.38 -35.85
N TYR B 89 -28.18 -23.52 -36.68
CA TYR B 89 -28.98 -22.70 -37.59
C TYR B 89 -29.65 -23.57 -38.64
N GLY B 90 -30.83 -23.13 -39.08
CA GLY B 90 -31.56 -23.84 -40.12
C GLY B 90 -32.38 -25.01 -39.64
N LEU B 91 -32.42 -25.28 -38.35
CA LEU B 91 -33.18 -26.40 -37.80
C LEU B 91 -34.53 -25.88 -37.31
N GLU B 92 -35.61 -26.47 -37.83
CA GLU B 92 -36.96 -26.06 -37.49
C GLU B 92 -37.65 -27.01 -36.53
N SER B 93 -37.42 -28.32 -36.66
CA SER B 93 -38.06 -29.29 -35.80
C SER B 93 -37.20 -30.54 -35.72
N LEU B 94 -37.28 -31.23 -34.59
CA LEU B 94 -36.55 -32.49 -34.40
C LEU B 94 -37.41 -33.70 -34.72
N ARG B 95 -38.63 -33.51 -35.23
CA ARG B 95 -39.48 -34.63 -35.60
C ARG B 95 -38.90 -35.45 -36.75
N ASP B 96 -37.97 -34.87 -37.51
CA ASP B 96 -37.30 -35.59 -38.59
C ASP B 96 -35.91 -36.08 -38.21
N LEU B 97 -35.17 -35.32 -37.40
CA LEU B 97 -33.82 -35.73 -37.03
C LEU B 97 -33.85 -37.00 -36.19
N PHE B 98 -34.72 -37.07 -35.18
CA PHE B 98 -34.83 -38.21 -34.29
C PHE B 98 -36.28 -38.65 -34.20
N PRO B 99 -36.80 -39.28 -35.26
CA PRO B 99 -38.20 -39.73 -35.23
C PRO B 99 -38.44 -40.94 -34.33
N ASN B 100 -37.39 -41.64 -33.92
CA ASN B 100 -37.54 -42.87 -33.13
C ASN B 100 -36.80 -42.81 -31.80
N LEU B 101 -36.26 -41.65 -31.42
CA LEU B 101 -35.60 -41.53 -30.13
C LEU B 101 -36.60 -41.77 -29.01
N ALA B 102 -36.33 -42.75 -28.15
CA ALA B 102 -37.29 -43.19 -27.16
C ALA B 102 -36.81 -43.00 -25.72
N VAL B 103 -35.59 -43.44 -25.41
CA VAL B 103 -35.11 -43.46 -24.03
C VAL B 103 -33.79 -42.73 -23.96
N ILE B 104 -33.65 -41.86 -22.96
CA ILE B 104 -32.39 -41.21 -22.63
C ILE B 104 -31.98 -41.70 -21.26
N ARG B 105 -30.95 -42.55 -21.21
CA ARG B 105 -30.55 -43.17 -19.94
C ARG B 105 -30.06 -42.14 -18.94
N GLY B 106 -29.27 -41.18 -19.40
CA GLY B 106 -28.73 -40.18 -18.50
C GLY B 106 -27.75 -40.73 -17.49
N THR B 107 -26.89 -41.66 -17.91
CA THR B 107 -25.87 -42.20 -16.99
C THR B 107 -24.90 -41.11 -16.56
N ARG B 108 -24.40 -40.33 -17.51
CA ARG B 108 -23.55 -39.17 -17.23
C ARG B 108 -24.30 -37.92 -17.68
N LEU B 109 -24.47 -36.98 -16.76
CA LEU B 109 -25.26 -35.78 -17.02
C LEU B 109 -24.35 -34.60 -17.33
N PHE B 110 -24.77 -33.79 -18.30
CA PHE B 110 -24.06 -32.56 -18.64
C PHE B 110 -24.53 -31.48 -17.68
N LEU B 111 -23.71 -31.19 -16.67
CA LEU B 111 -24.01 -30.18 -15.66
C LEU B 111 -25.34 -30.46 -14.96
N GLY B 112 -25.65 -31.75 -14.77
CA GLY B 112 -26.88 -32.15 -14.12
C GLY B 112 -28.09 -32.23 -15.03
N TYR B 113 -27.91 -32.08 -16.34
CA TYR B 113 -29.00 -32.11 -17.29
C TYR B 113 -28.80 -33.25 -18.29
N ALA B 114 -29.92 -33.79 -18.79
CA ALA B 114 -29.88 -34.86 -19.77
C ALA B 114 -30.35 -34.45 -21.15
N LEU B 115 -31.08 -33.34 -21.28
CA LEU B 115 -31.54 -32.84 -22.56
C LEU B 115 -31.38 -31.32 -22.53
N VAL B 116 -30.34 -30.82 -23.21
CA VAL B 116 -30.02 -29.41 -23.22
C VAL B 116 -30.29 -28.85 -24.61
N ILE B 117 -31.06 -27.78 -24.68
CA ILE B 117 -31.30 -27.04 -25.92
C ILE B 117 -31.01 -25.58 -25.63
N PHE B 118 -29.96 -25.04 -26.23
CA PHE B 118 -29.47 -23.71 -25.87
C PHE B 118 -29.28 -22.87 -27.13
N GLU B 119 -29.90 -21.69 -27.15
CA GLU B 119 -29.69 -20.69 -28.19
C GLU B 119 -29.89 -21.27 -29.58
N MET B 120 -31.05 -21.91 -29.79
CA MET B 120 -31.34 -22.56 -31.05
C MET B 120 -32.28 -21.68 -31.87
N PRO B 121 -31.81 -21.03 -32.93
CA PRO B 121 -32.71 -20.24 -33.75
C PRO B 121 -33.54 -21.11 -34.69
N HIS B 122 -34.71 -20.59 -35.05
CA HIS B 122 -35.66 -21.19 -35.99
C HIS B 122 -36.28 -22.48 -35.46
N LEU B 123 -35.93 -22.92 -34.25
CA LEU B 123 -36.49 -24.15 -33.69
C LEU B 123 -37.93 -23.86 -33.24
N ARG B 124 -38.89 -24.26 -34.07
CA ARG B 124 -40.29 -23.97 -33.77
C ARG B 124 -40.83 -24.83 -32.64
N ASP B 125 -40.43 -26.09 -32.59
CA ASP B 125 -40.97 -27.02 -31.59
C ASP B 125 -39.94 -28.11 -31.29
N VAL B 126 -40.09 -28.73 -30.11
CA VAL B 126 -39.16 -29.77 -29.70
C VAL B 126 -39.34 -31.01 -30.56
N ALA B 127 -40.59 -31.46 -30.71
CA ALA B 127 -40.97 -32.51 -31.65
C ALA B 127 -40.18 -33.81 -31.40
N LEU B 128 -40.43 -34.39 -30.24
CA LEU B 128 -39.91 -35.72 -29.94
C LEU B 128 -41.07 -36.68 -29.71
N PRO B 129 -41.80 -37.06 -30.75
CA PRO B 129 -43.01 -37.87 -30.55
C PRO B 129 -42.74 -39.24 -29.95
N ALA B 130 -41.61 -39.85 -30.25
CA ALA B 130 -41.32 -41.21 -29.83
C ALA B 130 -40.64 -41.28 -28.46
N LEU B 131 -40.35 -40.14 -27.83
CA LEU B 131 -39.67 -40.16 -26.54
C LEU B 131 -40.53 -40.85 -25.49
N GLY B 132 -39.93 -41.78 -24.76
CA GLY B 132 -40.67 -42.54 -23.77
C GLY B 132 -40.43 -42.08 -22.35
N ALA B 133 -39.17 -41.84 -21.99
CA ALA B 133 -38.84 -41.45 -20.63
C ALA B 133 -37.40 -40.97 -20.58
N VAL B 134 -37.14 -40.02 -19.68
CA VAL B 134 -35.79 -39.57 -19.36
C VAL B 134 -35.45 -40.17 -18.00
N LEU B 135 -34.57 -41.17 -18.00
CA LEU B 135 -34.32 -41.94 -16.79
C LEU B 135 -33.73 -41.08 -15.67
N ARG B 136 -32.78 -40.22 -16.01
CA ARG B 136 -32.08 -39.43 -15.00
C ARG B 136 -31.68 -38.10 -15.60
N GLY B 137 -31.73 -37.06 -14.77
CA GLY B 137 -31.31 -35.74 -15.18
C GLY B 137 -32.47 -34.82 -15.48
N ALA B 138 -32.19 -33.52 -15.46
CA ALA B 138 -33.19 -32.50 -15.71
C ALA B 138 -33.16 -32.10 -17.19
N VAL B 139 -34.08 -31.23 -17.58
CA VAL B 139 -34.19 -30.74 -18.95
C VAL B 139 -34.06 -29.22 -18.92
N ARG B 140 -33.12 -28.69 -19.71
CA ARG B 140 -32.89 -27.25 -19.79
C ARG B 140 -33.16 -26.80 -21.21
N VAL B 141 -34.15 -25.93 -21.38
CA VAL B 141 -34.51 -25.35 -22.67
C VAL B 141 -34.72 -23.86 -22.46
N GLU B 142 -33.82 -23.04 -23.00
CA GLU B 142 -33.90 -21.60 -22.77
C GLU B 142 -33.19 -20.87 -23.89
N LYS B 143 -33.42 -19.55 -23.93
CA LYS B 143 -32.78 -18.65 -24.90
C LYS B 143 -33.08 -19.06 -26.34
N ASN B 144 -34.31 -19.51 -26.58
CA ASN B 144 -34.76 -19.90 -27.91
C ASN B 144 -35.59 -18.79 -28.51
N GLN B 145 -35.20 -18.33 -29.70
CA GLN B 145 -35.81 -17.14 -30.28
C GLN B 145 -37.26 -17.39 -30.66
N GLU B 146 -37.53 -18.46 -31.40
CA GLU B 146 -38.85 -18.72 -31.98
C GLU B 146 -39.36 -20.10 -31.62
N LEU B 147 -39.28 -20.44 -30.33
CA LEU B 147 -39.70 -21.75 -29.85
C LEU B 147 -40.96 -21.62 -29.02
N CYS B 148 -41.97 -22.43 -29.36
CA CYS B 148 -43.22 -22.49 -28.61
C CYS B 148 -43.64 -23.95 -28.56
N HIS B 149 -44.90 -24.19 -28.23
CA HIS B 149 -45.44 -25.55 -28.05
C HIS B 149 -44.73 -26.29 -26.91
N LEU B 150 -44.35 -25.55 -25.88
CA LEU B 150 -43.72 -26.13 -24.70
C LEU B 150 -44.69 -26.30 -23.54
N SER B 151 -45.71 -25.44 -23.44
CA SER B 151 -46.68 -25.56 -22.36
C SER B 151 -47.53 -26.81 -22.46
N THR B 152 -47.70 -27.35 -23.68
CA THR B 152 -48.49 -28.57 -23.89
C THR B 152 -47.69 -29.83 -23.65
N ILE B 153 -46.56 -29.75 -22.96
CA ILE B 153 -45.69 -30.89 -22.71
C ILE B 153 -45.59 -31.07 -21.20
N ASP B 154 -45.85 -32.29 -20.74
CA ASP B 154 -45.75 -32.64 -19.33
C ASP B 154 -44.58 -33.58 -19.13
N TRP B 155 -43.71 -33.26 -18.19
CA TRP B 155 -42.53 -34.06 -17.90
C TRP B 155 -42.76 -35.07 -16.79
N GLY B 156 -43.98 -35.13 -16.23
CA GLY B 156 -44.25 -36.11 -15.20
C GLY B 156 -44.19 -37.54 -15.70
N LEU B 157 -44.71 -37.78 -16.90
CA LEU B 157 -44.68 -39.10 -17.49
C LEU B 157 -43.34 -39.45 -18.14
N LEU B 158 -42.43 -38.49 -18.22
CA LEU B 158 -41.11 -38.70 -18.83
C LEU B 158 -40.02 -38.82 -17.78
N GLN B 159 -39.89 -37.83 -16.91
CA GLN B 159 -38.88 -37.86 -15.87
C GLN B 159 -39.46 -38.33 -14.55
N PRO B 160 -38.67 -38.97 -13.69
CA PRO B 160 -39.17 -39.36 -12.36
C PRO B 160 -39.20 -38.21 -11.37
N ALA B 161 -38.67 -37.04 -11.73
CA ALA B 161 -38.67 -35.88 -10.85
C ALA B 161 -38.56 -34.61 -11.69
N PRO B 162 -39.66 -34.14 -12.28
CA PRO B 162 -39.61 -32.97 -13.16
C PRO B 162 -39.47 -31.64 -12.46
N GLY B 163 -39.18 -31.62 -11.15
CA GLY B 163 -39.04 -30.37 -10.44
C GLY B 163 -37.73 -29.64 -10.67
N ALA B 164 -36.75 -30.31 -11.29
CA ALA B 164 -35.45 -29.71 -11.55
C ALA B 164 -35.34 -29.09 -12.94
N ASN B 165 -36.40 -29.15 -13.74
CA ASN B 165 -36.35 -28.58 -15.07
C ASN B 165 -36.23 -27.06 -15.03
N HIS B 166 -35.66 -26.50 -16.09
CA HIS B 166 -35.45 -25.06 -16.21
C HIS B 166 -35.82 -24.67 -17.64
N ILE B 167 -37.08 -24.30 -17.84
CA ILE B 167 -37.60 -23.93 -19.16
C ILE B 167 -38.14 -22.52 -19.05
N VAL B 168 -37.31 -21.52 -19.32
CA VAL B 168 -37.69 -20.12 -19.32
C VAL B 168 -37.01 -19.44 -20.49
N GLY B 169 -37.27 -18.14 -20.66
CA GLY B 169 -36.59 -17.34 -21.66
C GLY B 169 -36.89 -17.68 -23.09
N ASN B 170 -37.90 -18.52 -23.35
CA ASN B 170 -38.27 -18.87 -24.71
C ASN B 170 -39.14 -17.78 -25.31
N LYS B 171 -39.76 -18.06 -26.46
CA LYS B 171 -40.69 -17.12 -27.05
C LYS B 171 -41.90 -16.94 -26.14
N LEU B 172 -42.48 -15.74 -26.17
CA LEU B 172 -43.61 -15.42 -25.32
C LEU B 172 -44.77 -16.37 -25.59
N GLY B 173 -45.40 -16.84 -24.51
CA GLY B 173 -46.49 -17.80 -24.65
C GLY B 173 -47.68 -17.24 -25.41
N GLU B 174 -47.96 -15.95 -25.25
CA GLU B 174 -49.08 -15.32 -25.93
C GLU B 174 -48.81 -15.09 -27.42
N GLU B 175 -47.55 -15.10 -27.85
CA GLU B 175 -47.21 -14.86 -29.24
C GLU B 175 -47.28 -16.11 -30.10
N CYS B 176 -47.37 -17.29 -29.51
CA CYS B 176 -47.49 -18.55 -30.24
C CYS B 176 -48.72 -19.29 -29.76
N ALA B 177 -49.55 -19.74 -30.71
CA ALA B 177 -50.77 -20.46 -30.41
C ALA B 177 -50.49 -21.95 -30.33
N ASP B 178 -50.90 -22.58 -29.23
CA ASP B 178 -50.70 -24.01 -29.03
C ASP B 178 -51.78 -24.79 -29.77
N VAL B 179 -51.68 -24.75 -31.10
CA VAL B 179 -52.65 -25.41 -31.97
C VAL B 179 -52.28 -26.89 -32.05
N CYS B 180 -53.23 -27.75 -31.71
CA CYS B 180 -53.03 -29.19 -31.74
C CYS B 180 -54.38 -29.85 -31.92
N PRO B 181 -54.41 -31.15 -32.26
CA PRO B 181 -55.69 -31.80 -32.61
C PRO B 181 -56.73 -31.83 -31.51
N GLY B 182 -56.48 -31.16 -30.38
CA GLY B 182 -57.37 -31.25 -29.24
C GLY B 182 -58.44 -30.18 -29.18
N VAL B 183 -58.26 -29.19 -28.29
CA VAL B 183 -59.32 -28.21 -28.04
C VAL B 183 -59.64 -27.42 -29.30
N LEU B 184 -58.62 -26.98 -30.02
CA LEU B 184 -58.84 -26.19 -31.22
C LEU B 184 -59.32 -27.08 -32.37
N GLY B 185 -59.99 -26.45 -33.33
CA GLY B 185 -60.54 -27.17 -34.46
C GLY B 185 -59.51 -27.60 -35.48
N ALA B 186 -58.64 -28.53 -35.10
CA ALA B 186 -57.63 -29.06 -36.01
C ALA B 186 -58.15 -30.29 -36.73
N ALA B 187 -57.43 -30.68 -37.79
CA ALA B 187 -57.85 -31.82 -38.59
C ALA B 187 -57.60 -33.15 -37.90
N GLY B 188 -56.63 -33.21 -36.99
CA GLY B 188 -56.29 -34.46 -36.36
C GLY B 188 -57.26 -34.87 -35.28
N GLU B 189 -57.25 -36.16 -34.97
CA GLU B 189 -58.10 -36.70 -33.92
C GLU B 189 -57.54 -36.32 -32.55
N PRO B 190 -58.36 -35.84 -31.63
CA PRO B 190 -57.84 -35.44 -30.32
C PRO B 190 -57.46 -36.62 -29.46
N CYS B 191 -56.53 -36.38 -28.53
CA CYS B 191 -56.07 -37.38 -27.59
C CYS B 191 -56.42 -36.95 -26.17
N ALA B 192 -56.09 -37.82 -25.21
CA ALA B 192 -56.49 -37.61 -23.83
C ALA B 192 -55.67 -36.48 -23.19
N LYS B 193 -56.08 -36.11 -21.98
CA LYS B 193 -55.45 -35.06 -21.20
C LYS B 193 -54.94 -35.61 -19.89
N THR B 194 -53.91 -34.95 -19.35
CA THR B 194 -53.33 -35.34 -18.07
C THR B 194 -52.84 -34.08 -17.36
N THR B 195 -53.11 -34.00 -16.06
CA THR B 195 -52.65 -32.85 -15.29
C THR B 195 -51.14 -32.90 -15.09
N PHE B 196 -50.53 -31.71 -15.04
CA PHE B 196 -49.10 -31.59 -14.81
C PHE B 196 -48.80 -30.87 -13.50
N SER B 197 -49.32 -29.66 -13.32
CA SER B 197 -49.12 -28.88 -12.11
C SER B 197 -50.40 -28.18 -11.71
N GLY B 198 -51.53 -28.87 -11.84
CA GLY B 198 -52.83 -28.29 -11.59
C GLY B 198 -53.51 -27.68 -12.78
N HIS B 199 -52.80 -27.54 -13.91
CA HIS B 199 -53.39 -27.02 -15.15
C HIS B 199 -53.74 -28.23 -16.01
N THR B 200 -54.93 -28.78 -15.80
CA THR B 200 -55.39 -29.97 -16.49
C THR B 200 -55.77 -29.57 -17.91
N ASP B 201 -54.82 -29.71 -18.83
CA ASP B 201 -55.01 -29.35 -20.23
C ASP B 201 -54.58 -30.51 -21.12
N TYR B 202 -54.83 -30.35 -22.42
CA TYR B 202 -54.39 -31.33 -23.40
C TYR B 202 -52.87 -31.33 -23.55
N ARG B 203 -52.33 -32.50 -23.85
CA ARG B 203 -50.90 -32.67 -24.10
C ARG B 203 -50.70 -32.98 -25.57
N CYS B 204 -49.93 -32.14 -26.26
CA CYS B 204 -49.70 -32.29 -27.68
C CYS B 204 -48.24 -31.94 -27.98
N TRP B 205 -47.50 -32.92 -28.51
CA TRP B 205 -46.09 -32.68 -28.83
C TRP B 205 -45.95 -31.60 -29.91
N THR B 206 -46.78 -31.68 -30.95
CA THR B 206 -46.68 -30.79 -32.09
C THR B 206 -48.09 -30.41 -32.52
N SER B 207 -48.20 -29.77 -33.68
CA SER B 207 -49.51 -29.46 -34.24
C SER B 207 -50.21 -30.70 -34.79
N SER B 208 -49.45 -31.76 -35.09
CA SER B 208 -50.02 -33.01 -35.59
C SER B 208 -49.82 -34.16 -34.61
N HIS B 209 -48.59 -34.43 -34.19
CA HIS B 209 -48.33 -35.48 -33.22
C HIS B 209 -48.58 -34.98 -31.80
N CYS B 210 -49.21 -35.83 -30.99
CA CYS B 210 -49.50 -35.50 -29.60
C CYS B 210 -48.94 -36.60 -28.70
N GLN B 211 -48.84 -36.27 -27.41
CA GLN B 211 -48.21 -37.17 -26.46
C GLN B 211 -49.01 -38.46 -26.31
N ARG B 212 -48.30 -39.57 -26.14
CA ARG B 212 -48.91 -40.89 -25.99
C ARG B 212 -49.15 -41.19 -24.52
N VAL B 213 -50.41 -41.48 -24.19
CA VAL B 213 -50.80 -41.79 -22.81
C VAL B 213 -51.57 -43.10 -22.81
N CYS B 214 -51.18 -44.00 -21.89
CA CYS B 214 -51.83 -45.29 -21.78
C CYS B 214 -52.16 -45.54 -20.32
N PRO B 215 -53.29 -46.18 -20.00
CA PRO B 215 -53.64 -46.44 -18.60
C PRO B 215 -52.91 -47.65 -18.05
N CYS B 216 -51.92 -47.39 -17.20
CA CYS B 216 -51.17 -48.42 -16.50
C CYS B 216 -50.23 -47.74 -15.50
N PRO B 217 -49.70 -48.49 -14.52
CA PRO B 217 -48.74 -47.90 -13.58
C PRO B 217 -47.57 -47.20 -14.26
N HIS B 218 -46.94 -46.28 -13.56
CA HIS B 218 -45.85 -45.50 -14.13
C HIS B 218 -44.68 -46.40 -14.53
N GLY B 219 -44.06 -46.08 -15.65
CA GLY B 219 -42.94 -46.84 -16.17
C GLY B 219 -43.31 -48.05 -17.00
N MET B 220 -44.60 -48.34 -17.15
CA MET B 220 -45.05 -49.49 -17.95
C MET B 220 -45.22 -49.03 -19.38
N ALA B 221 -44.28 -49.41 -20.24
CA ALA B 221 -44.34 -49.03 -21.65
C ALA B 221 -45.52 -49.69 -22.34
N CYS B 222 -46.12 -48.95 -23.27
CA CYS B 222 -47.29 -49.41 -24.01
C CYS B 222 -47.02 -49.29 -25.51
N THR B 223 -47.60 -50.21 -26.26
CA THR B 223 -47.49 -50.19 -27.72
C THR B 223 -48.49 -49.19 -28.29
N ALA B 224 -48.65 -49.20 -29.62
CA ALA B 224 -49.59 -48.29 -30.27
C ALA B 224 -51.04 -48.68 -30.05
N ARG B 225 -51.31 -49.86 -29.51
CA ARG B 225 -52.67 -50.35 -29.30
C ARG B 225 -53.24 -49.95 -27.95
N GLY B 226 -52.49 -49.22 -27.12
CA GLY B 226 -52.97 -48.79 -25.83
C GLY B 226 -52.80 -49.79 -24.71
N GLU B 227 -52.19 -50.95 -24.98
CA GLU B 227 -51.95 -51.96 -23.96
C GLU B 227 -50.50 -51.91 -23.52
N CYS B 228 -50.28 -51.92 -22.21
CA CYS B 228 -48.94 -51.78 -21.64
C CYS B 228 -48.32 -53.16 -21.43
N CYS B 229 -47.06 -53.30 -21.84
CA CYS B 229 -46.40 -54.59 -21.89
C CYS B 229 -45.61 -54.84 -20.60
N HIS B 230 -44.77 -55.87 -20.63
CA HIS B 230 -44.05 -56.35 -19.45
C HIS B 230 -43.16 -55.24 -18.90
N THR B 231 -42.94 -55.27 -17.57
CA THR B 231 -42.32 -54.15 -16.88
C THR B 231 -40.95 -53.81 -17.45
N GLU B 232 -40.15 -54.82 -17.80
CA GLU B 232 -38.82 -54.55 -18.34
C GLU B 232 -38.86 -53.80 -19.67
N CYS B 233 -39.97 -53.88 -20.40
CA CYS B 233 -40.12 -53.06 -21.60
C CYS B 233 -40.14 -51.59 -21.22
N LEU B 234 -39.50 -50.77 -22.06
CA LEU B 234 -39.41 -49.34 -21.79
C LEU B 234 -39.39 -48.59 -23.11
N GLY B 235 -40.29 -47.62 -23.26
CA GLY B 235 -40.37 -46.82 -24.46
C GLY B 235 -41.21 -47.41 -25.57
N GLY B 236 -41.69 -48.63 -25.43
CA GLY B 236 -42.50 -49.25 -26.45
C GLY B 236 -42.34 -50.75 -26.42
N CYS B 237 -43.16 -51.41 -27.24
CA CYS B 237 -43.17 -52.87 -27.33
C CYS B 237 -43.98 -53.26 -28.56
N SER B 238 -43.99 -54.56 -28.84
CA SER B 238 -44.81 -55.11 -29.93
C SER B 238 -45.63 -56.32 -29.52
N GLN B 239 -45.27 -57.03 -28.46
CA GLN B 239 -46.04 -58.15 -27.96
C GLN B 239 -46.26 -57.95 -26.46
N PRO B 240 -47.50 -57.95 -25.98
CA PRO B 240 -47.73 -57.77 -24.54
C PRO B 240 -47.04 -58.85 -23.72
N GLU B 241 -46.44 -58.43 -22.61
CA GLU B 241 -45.74 -59.31 -21.68
C GLU B 241 -44.71 -60.18 -22.41
N ASP B 242 -43.74 -59.51 -23.03
CA ASP B 242 -42.67 -60.19 -23.77
C ASP B 242 -41.41 -59.36 -23.66
N PRO B 243 -40.48 -59.75 -22.79
CA PRO B 243 -39.20 -59.03 -22.70
C PRO B 243 -38.37 -59.11 -23.97
N ARG B 244 -38.61 -60.11 -24.81
CA ARG B 244 -37.82 -60.25 -26.04
C ARG B 244 -38.19 -59.20 -27.07
N ALA B 245 -39.44 -58.72 -27.05
CA ALA B 245 -39.95 -57.80 -28.06
C ALA B 245 -39.87 -56.35 -27.62
N CYS B 246 -39.19 -56.05 -26.51
CA CYS B 246 -39.07 -54.67 -26.06
C CYS B 246 -38.23 -53.86 -27.03
N VAL B 247 -38.49 -52.55 -27.05
CA VAL B 247 -37.71 -51.64 -27.88
C VAL B 247 -36.50 -51.08 -27.13
N ALA B 248 -36.53 -51.08 -25.80
CA ALA B 248 -35.41 -50.59 -25.01
C ALA B 248 -35.50 -51.22 -23.63
N CYS B 249 -34.51 -52.03 -23.26
CA CYS B 249 -34.53 -52.71 -21.98
C CYS B 249 -34.33 -51.73 -20.84
N ARG B 250 -35.19 -51.81 -19.83
CA ARG B 250 -35.14 -50.84 -18.73
C ARG B 250 -33.90 -51.05 -17.87
N HIS B 251 -33.65 -52.28 -17.42
CA HIS B 251 -32.54 -52.54 -16.50
C HIS B 251 -31.30 -53.03 -17.22
N LEU B 252 -31.36 -54.20 -17.86
CA LEU B 252 -30.21 -54.76 -18.54
C LEU B 252 -30.62 -55.34 -19.88
N TYR B 253 -29.74 -55.23 -20.87
CA TYR B 253 -29.94 -55.77 -22.20
C TYR B 253 -28.98 -56.91 -22.45
N PHE B 254 -29.49 -58.02 -23.01
CA PHE B 254 -28.66 -59.20 -23.22
C PHE B 254 -29.27 -60.01 -24.37
N GLN B 255 -28.57 -60.02 -25.51
CA GLN B 255 -28.94 -60.86 -26.65
C GLN B 255 -30.38 -60.61 -27.09
N GLY B 256 -30.76 -59.34 -27.15
CA GLY B 256 -32.12 -58.99 -27.56
C GLY B 256 -33.17 -59.18 -26.50
N ALA B 257 -32.79 -59.51 -25.27
CA ALA B 257 -33.73 -59.74 -24.19
C ALA B 257 -33.48 -58.74 -23.06
N CYS B 258 -34.53 -58.49 -22.29
CA CYS B 258 -34.45 -57.56 -21.16
C CYS B 258 -34.37 -58.37 -19.87
N LEU B 259 -33.33 -58.12 -19.08
CA LEU B 259 -33.07 -58.88 -17.88
C LEU B 259 -32.72 -57.95 -16.73
N TRP B 260 -32.98 -58.44 -15.51
CA TRP B 260 -32.63 -57.69 -14.31
C TRP B 260 -31.12 -57.69 -14.08
N ALA B 261 -30.45 -58.81 -14.35
CA ALA B 261 -29.03 -58.94 -14.12
C ALA B 261 -28.43 -59.78 -15.24
N CYS B 262 -27.18 -60.21 -15.05
CA CYS B 262 -26.45 -61.01 -16.04
C CYS B 262 -25.92 -62.25 -15.32
N PRO B 263 -26.77 -63.25 -15.11
CA PRO B 263 -26.40 -64.40 -14.26
C PRO B 263 -25.24 -65.20 -14.82
N PRO B 264 -25.35 -65.76 -16.06
CA PRO B 264 -24.50 -66.92 -16.39
C PRO B 264 -23.01 -66.65 -16.42
N GLY B 265 -22.55 -65.74 -17.29
CA GLY B 265 -21.13 -65.49 -17.39
C GLY B 265 -20.75 -64.06 -17.75
N THR B 266 -21.72 -63.17 -17.79
CA THR B 266 -21.51 -61.81 -18.27
C THR B 266 -21.70 -60.80 -17.15
N TYR B 267 -21.21 -59.59 -17.40
CA TYR B 267 -21.22 -58.52 -16.41
C TYR B 267 -21.70 -57.24 -17.07
N GLN B 268 -22.11 -56.29 -16.22
CA GLN B 268 -22.65 -55.03 -16.72
C GLN B 268 -21.56 -54.20 -17.41
N TYR B 269 -21.95 -53.56 -18.50
CA TYR B 269 -21.06 -52.64 -19.23
C TYR B 269 -21.82 -51.34 -19.47
N GLU B 270 -21.28 -50.23 -18.96
CA GLU B 270 -21.89 -48.92 -19.06
C GLU B 270 -23.28 -48.87 -18.42
N SER B 271 -23.56 -49.81 -17.52
CA SER B 271 -24.80 -49.87 -16.75
C SER B 271 -26.03 -49.99 -17.64
N TRP B 272 -25.89 -50.52 -18.85
CA TRP B 272 -27.04 -50.68 -19.73
C TRP B 272 -27.09 -52.01 -20.49
N ARG B 273 -26.09 -52.88 -20.35
CA ARG B 273 -26.08 -54.13 -21.08
C ARG B 273 -25.17 -55.12 -20.40
N CYS B 274 -25.30 -56.38 -20.79
CA CYS B 274 -24.46 -57.47 -20.28
C CYS B 274 -23.49 -57.90 -21.37
N VAL B 275 -22.23 -58.08 -20.97
CA VAL B 275 -21.16 -58.43 -21.90
C VAL B 275 -20.22 -59.43 -21.25
N THR B 276 -19.67 -60.33 -22.05
CA THR B 276 -18.71 -61.30 -21.54
C THR B 276 -17.39 -60.62 -21.19
N ALA B 277 -16.60 -61.30 -20.36
CA ALA B 277 -15.32 -60.74 -19.94
C ALA B 277 -14.39 -60.54 -21.12
N GLU B 278 -14.29 -61.54 -22.00
CA GLU B 278 -13.40 -61.44 -23.15
C GLU B 278 -13.84 -60.35 -24.10
N ARG B 279 -15.16 -60.24 -24.35
CA ARG B 279 -15.64 -59.22 -25.27
C ARG B 279 -15.39 -57.82 -24.72
N CYS B 280 -15.63 -57.61 -23.42
CA CYS B 280 -15.38 -56.29 -22.85
C CYS B 280 -13.89 -55.99 -22.78
N ALA B 281 -13.05 -57.01 -22.57
CA ALA B 281 -11.61 -56.80 -22.64
C ALA B 281 -11.18 -56.38 -24.04
N SER B 282 -11.75 -57.02 -25.07
CA SER B 282 -11.42 -56.63 -26.45
C SER B 282 -11.91 -55.22 -26.74
N LEU B 283 -13.09 -54.85 -26.23
CA LEU B 283 -13.59 -53.50 -26.42
C LEU B 283 -12.72 -52.47 -25.72
N HIS B 284 -12.03 -52.87 -24.65
CA HIS B 284 -11.17 -51.97 -23.89
C HIS B 284 -9.71 -52.06 -24.33
N SER B 285 -9.46 -52.44 -25.58
CA SER B 285 -8.11 -52.55 -26.10
C SER B 285 -7.96 -51.88 -27.46
N SER B 291 -5.85 -52.54 -20.58
CA SER B 291 -5.02 -53.24 -19.61
C SER B 291 -5.35 -52.79 -18.19
N THR B 292 -5.96 -51.62 -18.06
CA THR B 292 -6.33 -51.06 -16.77
C THR B 292 -7.81 -51.30 -16.44
N PHE B 293 -8.52 -52.07 -17.25
CA PHE B 293 -9.93 -52.33 -17.02
C PHE B 293 -10.12 -53.29 -15.85
N GLY B 294 -11.15 -53.04 -15.05
CA GLY B 294 -11.49 -53.89 -13.92
C GLY B 294 -12.88 -54.46 -14.09
N ILE B 295 -13.06 -55.68 -13.57
CA ILE B 295 -14.33 -56.40 -13.71
C ILE B 295 -14.89 -56.69 -12.32
N HIS B 296 -14.63 -55.80 -11.37
CA HIS B 296 -15.11 -55.99 -10.01
C HIS B 296 -16.58 -55.61 -9.90
N GLN B 297 -17.26 -56.24 -8.93
CA GLN B 297 -18.67 -56.01 -8.64
C GLN B 297 -19.56 -56.25 -9.87
N GLY B 298 -19.16 -57.20 -10.71
CA GLY B 298 -19.94 -57.55 -11.88
C GLY B 298 -20.09 -56.44 -12.89
N SER B 299 -19.08 -55.59 -13.02
CA SER B 299 -19.09 -54.50 -14.00
C SER B 299 -17.71 -54.39 -14.62
N CYS B 300 -17.64 -54.38 -15.95
CA CYS B 300 -16.36 -54.29 -16.65
C CYS B 300 -16.01 -52.81 -16.88
N LEU B 301 -15.64 -52.15 -15.78
CA LEU B 301 -15.25 -50.75 -15.85
C LEU B 301 -13.92 -50.59 -16.57
N ALA B 302 -13.74 -49.42 -17.20
CA ALA B 302 -12.50 -49.15 -17.91
C ALA B 302 -11.36 -48.86 -16.95
N GLN B 303 -11.66 -48.36 -15.74
CA GLN B 303 -10.64 -48.02 -14.76
C GLN B 303 -11.03 -48.60 -13.42
N CYS B 304 -10.06 -49.21 -12.73
CA CYS B 304 -10.29 -49.75 -11.41
C CYS B 304 -10.49 -48.62 -10.40
N PRO B 305 -11.30 -48.84 -9.37
CA PRO B 305 -11.53 -47.79 -8.36
C PRO B 305 -10.34 -47.59 -7.44
N SER B 306 -10.47 -46.66 -6.50
CA SER B 306 -9.38 -46.39 -5.57
C SER B 306 -9.18 -47.58 -4.61
N GLY B 307 -7.92 -47.90 -4.35
CA GLY B 307 -7.60 -48.98 -3.44
C GLY B 307 -7.82 -50.38 -4.00
N PHE B 308 -7.88 -50.51 -5.32
CA PHE B 308 -8.08 -51.81 -5.96
C PHE B 308 -7.12 -51.95 -7.13
N THR B 309 -6.81 -53.20 -7.46
CA THR B 309 -5.93 -53.53 -8.57
C THR B 309 -6.72 -54.30 -9.64
N ARG B 310 -6.01 -54.72 -10.67
CA ARG B 310 -6.64 -55.47 -11.76
C ARG B 310 -7.08 -56.84 -11.27
N ASN B 311 -8.33 -57.19 -11.52
CA ASN B 311 -8.88 -58.47 -11.11
C ASN B 311 -9.92 -58.92 -12.12
N SER B 312 -9.82 -60.18 -12.55
CA SER B 312 -10.73 -60.75 -13.53
C SER B 312 -11.90 -61.50 -12.89
N SER B 313 -12.00 -61.50 -11.56
CA SER B 313 -13.08 -62.19 -10.87
C SER B 313 -14.17 -61.22 -10.43
N LYS B 326 -2.09 -47.58 -9.14
CA LYS B 326 -3.32 -47.23 -9.84
C LYS B 326 -3.01 -46.33 -11.03
N GLU B 327 -3.11 -46.89 -12.24
CA GLU B 327 -2.83 -46.12 -13.45
C GLU B 327 -3.87 -45.01 -13.60
N CYS B 328 -3.42 -43.87 -14.12
CA CYS B 328 -4.16 -42.63 -14.05
C CYS B 328 -3.97 -41.89 -15.36
N LYS B 329 -5.06 -41.35 -15.90
CA LYS B 329 -5.06 -40.83 -17.27
C LYS B 329 -5.68 -39.45 -17.34
N VAL B 330 -4.98 -38.52 -18.00
CA VAL B 330 -5.51 -37.20 -18.29
C VAL B 330 -4.64 -36.59 -19.38
N GLY B 331 -5.26 -35.78 -20.24
CA GLY B 331 -4.54 -35.11 -21.30
C GLY B 331 -3.64 -33.99 -20.80
N THR B 332 -4.25 -32.91 -20.32
CA THR B 332 -3.53 -31.77 -19.74
C THR B 332 -4.37 -31.25 -18.58
N LYS B 333 -4.06 -31.73 -17.37
CA LYS B 333 -4.82 -31.37 -16.19
C LYS B 333 -4.26 -30.10 -15.57
N THR B 334 -5.09 -29.06 -15.50
CA THR B 334 -4.68 -27.79 -14.92
C THR B 334 -5.12 -27.74 -13.45
N ILE B 335 -4.15 -27.81 -12.55
CA ILE B 335 -4.40 -27.77 -11.11
C ILE B 335 -4.39 -26.30 -10.70
N ASP B 336 -5.58 -25.74 -10.51
CA ASP B 336 -5.70 -24.33 -10.18
C ASP B 336 -5.90 -24.06 -8.70
N SER B 337 -6.43 -25.03 -7.95
CA SER B 337 -6.67 -24.87 -6.52
C SER B 337 -6.71 -26.24 -5.87
N ILE B 338 -6.90 -26.24 -4.54
CA ILE B 338 -6.97 -27.50 -3.80
C ILE B 338 -8.17 -28.31 -4.25
N GLN B 339 -9.32 -27.66 -4.44
CA GLN B 339 -10.53 -28.36 -4.85
C GLN B 339 -10.38 -29.01 -6.22
N ALA B 340 -9.46 -28.54 -7.05
CA ALA B 340 -9.21 -29.13 -8.35
C ALA B 340 -8.07 -30.14 -8.32
N ALA B 341 -7.48 -30.40 -7.15
CA ALA B 341 -6.36 -31.33 -7.02
C ALA B 341 -6.77 -32.67 -6.43
N GLN B 342 -8.05 -32.89 -6.18
CA GLN B 342 -8.52 -34.15 -5.61
C GLN B 342 -8.90 -35.18 -6.67
N ASP B 343 -8.63 -34.91 -7.94
CA ASP B 343 -8.87 -35.90 -8.97
C ASP B 343 -7.81 -36.99 -8.94
N LEU B 344 -6.59 -36.66 -8.51
CA LEU B 344 -5.45 -37.57 -8.58
C LEU B 344 -5.06 -38.14 -7.22
N VAL B 345 -6.04 -38.39 -6.34
CA VAL B 345 -5.74 -39.04 -5.07
C VAL B 345 -5.47 -40.52 -5.30
N GLY B 346 -4.31 -40.98 -4.87
CA GLY B 346 -3.91 -42.35 -5.12
C GLY B 346 -3.39 -42.62 -6.51
N CYS B 347 -3.30 -41.59 -7.36
CA CYS B 347 -2.80 -41.78 -8.72
C CYS B 347 -1.31 -42.16 -8.64
N THR B 348 -0.94 -43.23 -9.33
CA THR B 348 0.43 -43.77 -9.20
C THR B 348 1.24 -43.60 -10.47
N HIS B 349 0.67 -43.92 -11.63
CA HIS B 349 1.32 -43.71 -12.92
C HIS B 349 0.39 -42.81 -13.73
N VAL B 350 0.73 -41.53 -13.79
CA VAL B 350 -0.09 -40.53 -14.46
C VAL B 350 0.45 -40.39 -15.88
N GLU B 351 -0.26 -40.97 -16.84
CA GLU B 351 0.10 -40.90 -18.25
C GLU B 351 -0.51 -39.63 -18.83
N GLY B 352 0.20 -38.52 -18.65
CA GLY B 352 -0.29 -37.24 -19.15
C GLY B 352 0.58 -36.11 -18.65
N SER B 353 0.05 -34.89 -18.80
CA SER B 353 0.77 -33.67 -18.42
C SER B 353 0.00 -32.93 -17.35
N LEU B 354 0.74 -32.20 -16.52
CA LEU B 354 0.16 -31.41 -15.44
C LEU B 354 0.59 -29.96 -15.58
N ILE B 355 -0.36 -29.04 -15.37
CA ILE B 355 -0.10 -27.61 -15.45
C ILE B 355 -0.56 -27.01 -14.11
N LEU B 356 0.39 -26.75 -13.22
CA LEU B 356 0.08 -26.22 -11.90
C LEU B 356 0.08 -24.71 -11.94
N ASN B 357 -1.03 -24.10 -11.46
CA ASN B 357 -1.15 -22.64 -11.42
C ASN B 357 -2.01 -22.30 -10.20
N LEU B 358 -1.33 -22.01 -9.09
CA LEU B 358 -1.99 -21.72 -7.82
C LEU B 358 -1.58 -20.32 -7.38
N ARG B 359 -2.54 -19.39 -7.35
CA ARG B 359 -2.25 -17.99 -7.08
C ARG B 359 -2.91 -17.45 -5.81
N GLN B 360 -3.92 -18.12 -5.27
CA GLN B 360 -4.67 -17.59 -4.14
C GLN B 360 -4.57 -18.42 -2.87
N GLY B 361 -3.98 -19.62 -2.92
CA GLY B 361 -3.89 -20.46 -1.76
C GLY B 361 -2.78 -20.05 -0.81
N TYR B 362 -2.71 -20.77 0.31
CA TYR B 362 -1.66 -20.56 1.30
C TYR B 362 -1.48 -21.83 2.10
N ASN B 363 -0.22 -22.22 2.30
CA ASN B 363 0.14 -23.43 3.02
C ASN B 363 -0.55 -24.65 2.41
N LEU B 364 -0.38 -24.80 1.09
CA LEU B 364 -0.99 -25.89 0.34
C LEU B 364 -0.07 -27.11 0.23
N GLU B 365 1.07 -27.11 0.92
CA GLU B 365 1.97 -28.25 0.87
C GLU B 365 1.32 -29.56 1.34
N PRO B 366 0.66 -29.64 2.51
CA PRO B 366 0.13 -30.94 2.94
C PRO B 366 -1.14 -31.35 2.20
N GLN B 367 -1.99 -30.39 1.84
CA GLN B 367 -3.17 -30.71 1.05
C GLN B 367 -2.78 -31.27 -0.31
N LEU B 368 -1.75 -30.69 -0.93
CA LEU B 368 -1.29 -31.20 -2.22
C LEU B 368 -0.55 -32.52 -2.06
N GLN B 369 0.21 -32.68 -0.97
CA GLN B 369 0.94 -33.93 -0.76
C GLN B 369 0.01 -35.07 -0.36
N HIS B 370 -1.20 -34.77 0.10
CA HIS B 370 -2.17 -35.84 0.36
C HIS B 370 -2.55 -36.55 -0.93
N SER B 371 -2.82 -35.80 -1.99
CA SER B 371 -3.18 -36.39 -3.28
C SER B 371 -1.93 -36.79 -4.07
N LEU B 372 -1.10 -35.81 -4.40
CA LEU B 372 0.13 -36.08 -5.14
C LEU B 372 1.22 -36.55 -4.19
N GLY B 373 2.09 -37.42 -4.71
CA GLY B 373 3.17 -37.95 -3.91
C GLY B 373 3.44 -39.41 -4.19
N LEU B 374 2.40 -40.14 -4.60
CA LEU B 374 2.56 -41.52 -5.02
C LEU B 374 2.82 -41.65 -6.51
N VAL B 375 2.87 -40.53 -7.23
CA VAL B 375 3.15 -40.57 -8.67
C VAL B 375 4.60 -40.98 -8.89
N GLU B 376 4.80 -41.97 -9.75
CA GLU B 376 6.14 -42.46 -10.07
C GLU B 376 6.56 -42.18 -11.50
N THR B 377 5.65 -41.78 -12.38
CA THR B 377 6.00 -41.50 -13.77
C THR B 377 4.99 -40.52 -14.36
N ILE B 378 5.49 -39.43 -14.93
CA ILE B 378 4.68 -38.45 -15.63
C ILE B 378 5.09 -38.51 -17.09
N THR B 379 4.25 -39.14 -17.92
CA THR B 379 4.64 -39.35 -19.31
C THR B 379 4.67 -38.05 -20.11
N GLY B 380 3.83 -37.08 -19.75
CA GLY B 380 3.79 -35.83 -20.46
C GLY B 380 4.83 -34.84 -19.99
N PHE B 381 4.41 -33.60 -19.74
CA PHE B 381 5.30 -32.55 -19.30
C PHE B 381 4.77 -31.94 -18.01
N LEU B 382 5.69 -31.40 -17.21
CA LEU B 382 5.35 -30.71 -15.97
C LEU B 382 5.56 -29.22 -16.22
N LYS B 383 4.49 -28.44 -16.08
CA LYS B 383 4.52 -27.01 -16.36
C LYS B 383 3.92 -26.25 -15.19
N ILE B 384 4.60 -25.19 -14.75
CA ILE B 384 4.15 -24.36 -13.64
C ILE B 384 4.26 -22.90 -14.08
N LYS B 385 3.14 -22.18 -14.06
CA LYS B 385 3.12 -20.78 -14.42
C LYS B 385 2.38 -19.97 -13.37
N HIS B 386 2.96 -18.83 -12.99
CA HIS B 386 2.30 -17.85 -12.12
C HIS B 386 1.79 -18.48 -10.83
N SER B 387 2.57 -19.39 -10.26
CA SER B 387 2.16 -20.11 -9.05
C SER B 387 2.59 -19.29 -7.83
N PHE B 388 1.81 -18.25 -7.56
CA PHE B 388 2.10 -17.38 -6.42
C PHE B 388 1.95 -18.11 -5.09
N ALA B 389 0.92 -18.95 -4.97
CA ALA B 389 0.65 -19.60 -3.70
C ALA B 389 1.74 -20.59 -3.32
N LEU B 390 2.24 -21.35 -4.29
CA LEU B 390 3.21 -22.40 -4.00
C LEU B 390 4.53 -21.83 -3.50
N VAL B 391 5.16 -22.55 -2.58
CA VAL B 391 6.46 -22.14 -2.03
C VAL B 391 7.50 -23.26 -2.13
N SER B 392 7.07 -24.49 -2.38
CA SER B 392 7.99 -25.61 -2.51
C SER B 392 7.38 -26.67 -3.40
N LEU B 393 8.23 -27.55 -3.92
CA LEU B 393 7.82 -28.64 -4.79
C LEU B 393 8.05 -29.99 -4.13
N GLY B 394 7.80 -30.07 -2.83
CA GLY B 394 8.07 -31.27 -2.04
C GLY B 394 6.99 -32.32 -2.05
N PHE B 395 5.90 -32.13 -2.79
CA PHE B 395 4.81 -33.09 -2.83
C PHE B 395 5.01 -34.15 -3.91
N PHE B 396 6.15 -34.16 -4.59
CA PHE B 396 6.48 -35.17 -5.59
C PHE B 396 7.50 -36.16 -5.07
N LYS B 397 7.34 -36.59 -3.81
CA LYS B 397 8.35 -37.36 -3.09
C LYS B 397 8.87 -38.57 -3.87
N ASN B 398 7.97 -39.36 -4.45
CA ASN B 398 8.37 -40.55 -5.19
C ASN B 398 8.31 -40.36 -6.70
N LEU B 399 8.29 -39.12 -7.19
CA LEU B 399 8.42 -38.87 -8.62
C LEU B 399 9.82 -39.30 -9.07
N LYS B 400 9.88 -40.13 -10.10
CA LYS B 400 11.16 -40.74 -10.46
C LYS B 400 11.47 -40.65 -11.95
N LEU B 401 10.45 -40.56 -12.81
CA LEU B 401 10.68 -40.64 -14.24
C LEU B 401 9.69 -39.76 -14.98
N ILE B 402 10.18 -39.09 -16.02
CA ILE B 402 9.35 -38.30 -16.93
C ILE B 402 9.82 -38.62 -18.34
N ARG B 403 9.10 -39.47 -19.05
CA ARG B 403 9.52 -39.85 -20.39
C ARG B 403 9.29 -38.75 -21.42
N GLY B 404 8.42 -37.79 -21.11
CA GLY B 404 8.21 -36.64 -21.97
C GLY B 404 7.63 -36.97 -23.34
N ASP B 405 6.60 -37.81 -23.37
CA ASP B 405 5.91 -38.07 -24.64
C ASP B 405 5.25 -36.80 -25.17
N ALA B 406 4.61 -36.04 -24.29
CA ALA B 406 4.05 -34.74 -24.63
C ALA B 406 4.88 -33.66 -23.96
N MET B 407 5.22 -32.62 -24.72
CA MET B 407 6.12 -31.58 -24.23
C MET B 407 5.62 -30.21 -24.66
N VAL B 408 6.07 -29.19 -23.93
CA VAL B 408 5.72 -27.82 -24.26
C VAL B 408 6.32 -27.46 -25.61
N ASP B 409 5.63 -26.56 -26.32
CA ASP B 409 6.07 -26.14 -27.64
C ASP B 409 7.45 -25.52 -27.59
N GLY B 410 8.44 -26.19 -28.19
CA GLY B 410 9.80 -25.69 -28.19
C GLY B 410 10.79 -26.63 -27.56
N ASN B 411 10.46 -27.92 -27.52
CA ASN B 411 11.32 -28.97 -27.00
C ASN B 411 11.68 -28.72 -25.52
N TYR B 412 10.62 -28.66 -24.71
CA TYR B 412 10.75 -28.40 -23.28
C TYR B 412 9.93 -29.42 -22.51
N THR B 413 10.58 -30.17 -21.62
CA THR B 413 9.91 -31.16 -20.80
C THR B 413 9.50 -30.60 -19.44
N LEU B 414 10.44 -29.98 -18.73
CA LEU B 414 10.16 -29.34 -17.46
C LEU B 414 10.11 -27.84 -17.67
N TYR B 415 8.99 -27.23 -17.29
CA TYR B 415 8.73 -25.81 -17.57
C TYR B 415 8.28 -25.13 -16.28
N VAL B 416 9.21 -24.50 -15.57
CA VAL B 416 8.92 -23.73 -14.37
C VAL B 416 9.14 -22.26 -14.68
N LEU B 417 8.08 -21.46 -14.58
CA LEU B 417 8.13 -20.07 -14.97
C LEU B 417 7.30 -19.23 -14.02
N ASP B 418 7.85 -18.09 -13.59
CA ASP B 418 7.14 -17.07 -12.83
C ASP B 418 6.55 -17.65 -11.54
N ASN B 419 7.44 -18.09 -10.65
CA ASN B 419 7.08 -18.52 -9.31
C ASN B 419 7.64 -17.48 -8.34
N GLN B 420 6.78 -16.55 -7.91
CA GLN B 420 7.25 -15.37 -7.17
C GLN B 420 7.92 -15.74 -5.85
N ASN B 421 7.58 -16.89 -5.26
CA ASN B 421 8.23 -17.31 -4.02
C ASN B 421 8.33 -18.84 -4.03
N LEU B 422 9.47 -19.34 -4.49
CA LEU B 422 9.77 -20.76 -4.48
C LEU B 422 11.21 -20.92 -3.99
N GLN B 423 11.40 -21.74 -2.95
CA GLN B 423 12.71 -21.89 -2.35
C GLN B 423 13.25 -23.31 -2.41
N GLN B 424 12.50 -24.29 -1.93
CA GLN B 424 13.06 -25.62 -1.71
C GLN B 424 13.23 -26.41 -3.01
N LEU B 425 12.26 -26.32 -3.92
CA LEU B 425 12.20 -27.16 -5.11
C LEU B 425 12.19 -28.65 -4.76
N GLY B 426 11.57 -28.99 -3.63
CA GLY B 426 11.34 -30.38 -3.31
C GLY B 426 12.60 -31.15 -2.96
N SER B 427 12.41 -32.48 -2.86
CA SER B 427 13.49 -33.40 -2.56
C SER B 427 13.59 -34.54 -3.56
N TRP B 428 12.87 -34.46 -4.68
CA TRP B 428 12.95 -35.48 -5.73
C TRP B 428 14.17 -35.20 -6.63
N VAL B 429 15.35 -35.38 -6.03
CA VAL B 429 16.62 -35.16 -6.70
C VAL B 429 17.57 -36.28 -6.31
N ALA B 430 18.85 -36.14 -6.69
CA ALA B 430 19.92 -37.06 -6.29
C ALA B 430 19.66 -38.47 -6.83
N ALA B 431 19.74 -38.58 -8.16
CA ALA B 431 19.74 -39.80 -8.95
C ALA B 431 18.36 -40.43 -9.07
N GLY B 432 17.30 -39.71 -8.71
CA GLY B 432 15.96 -40.24 -8.90
C GLY B 432 15.43 -39.99 -10.30
N LEU B 433 15.38 -38.73 -10.70
CA LEU B 433 14.81 -38.37 -12.00
C LEU B 433 15.71 -38.78 -13.15
N THR B 434 15.10 -38.93 -14.31
CA THR B 434 15.80 -39.10 -15.58
C THR B 434 14.86 -38.64 -16.69
N ILE B 435 15.39 -37.90 -17.65
CA ILE B 435 14.58 -37.36 -18.74
C ILE B 435 15.12 -37.91 -20.06
N PRO B 436 14.50 -38.95 -20.61
CA PRO B 436 15.01 -39.52 -21.88
C PRO B 436 15.04 -38.52 -23.03
N VAL B 437 14.04 -37.64 -23.10
CA VAL B 437 13.96 -36.67 -24.20
C VAL B 437 13.35 -35.38 -23.66
N GLY B 438 13.90 -34.25 -24.08
CA GLY B 438 13.40 -32.95 -23.71
C GLY B 438 14.46 -32.11 -23.01
N LYS B 439 14.14 -30.83 -22.89
CA LYS B 439 15.00 -29.85 -22.24
C LYS B 439 14.30 -29.27 -21.03
N ILE B 440 15.08 -28.90 -20.02
CA ILE B 440 14.57 -28.37 -18.76
C ILE B 440 14.62 -26.85 -18.82
N TYR B 441 13.49 -26.20 -18.54
CA TYR B 441 13.37 -24.74 -18.58
C TYR B 441 12.99 -24.24 -17.20
N PHE B 442 13.93 -23.60 -16.52
CA PHE B 442 13.73 -23.07 -15.18
C PHE B 442 13.83 -21.55 -15.23
N ALA B 443 12.84 -20.88 -14.64
CA ALA B 443 12.76 -19.42 -14.81
C ALA B 443 11.99 -18.80 -13.66
N PHE B 444 12.56 -17.73 -13.09
CA PHE B 444 11.92 -16.90 -12.06
C PHE B 444 11.31 -17.72 -10.94
N ASN B 445 12.19 -18.38 -10.21
CA ASN B 445 11.94 -18.73 -8.82
C ASN B 445 12.91 -17.89 -8.00
N PRO B 446 12.68 -16.57 -7.91
CA PRO B 446 13.73 -15.68 -7.39
C PRO B 446 14.14 -15.97 -5.96
N ARG B 447 13.29 -16.60 -5.16
CA ARG B 447 13.66 -17.03 -3.83
C ARG B 447 14.43 -18.34 -3.83
N LEU B 448 14.69 -18.90 -5.01
CA LEU B 448 15.45 -20.14 -5.16
C LEU B 448 16.80 -19.83 -5.77
N CYS B 449 17.86 -20.29 -5.13
CA CYS B 449 19.20 -20.12 -5.65
C CYS B 449 19.46 -21.07 -6.82
N LEU B 450 20.38 -20.67 -7.70
CA LEU B 450 20.71 -21.48 -8.87
C LEU B 450 21.36 -22.80 -8.49
N GLU B 451 21.81 -22.96 -7.24
CA GLU B 451 22.44 -24.21 -6.83
C GLU B 451 21.49 -25.38 -6.93
N HIS B 452 20.21 -25.17 -6.59
CA HIS B 452 19.24 -26.26 -6.67
C HIS B 452 18.99 -26.68 -8.12
N ILE B 453 18.88 -25.71 -9.03
CA ILE B 453 18.69 -26.04 -10.44
C ILE B 453 19.92 -26.76 -10.98
N TYR B 454 21.11 -26.30 -10.59
CA TYR B 454 22.33 -26.96 -11.07
C TYR B 454 22.43 -28.38 -10.55
N ARG B 455 22.06 -28.60 -9.28
CA ARG B 455 22.03 -29.95 -8.74
C ARG B 455 21.02 -30.83 -9.47
N LEU B 456 19.83 -30.29 -9.75
CA LEU B 456 18.84 -31.05 -10.50
C LEU B 456 19.36 -31.41 -11.88
N GLU B 457 20.04 -30.47 -12.55
CA GLU B 457 20.61 -30.75 -13.86
C GLU B 457 21.68 -31.84 -13.78
N GLU B 458 22.53 -31.78 -12.74
CA GLU B 458 23.58 -32.77 -12.59
C GLU B 458 23.01 -34.16 -12.33
N VAL B 459 22.00 -34.26 -11.46
CA VAL B 459 21.41 -35.58 -11.18
C VAL B 459 20.46 -36.04 -12.28
N THR B 460 20.06 -35.16 -13.20
CA THR B 460 19.31 -35.60 -14.36
C THR B 460 20.16 -36.43 -15.31
N GLY B 461 21.48 -36.31 -15.21
CA GLY B 461 22.40 -37.04 -16.07
C GLY B 461 22.88 -36.27 -17.29
N THR B 462 22.26 -35.14 -17.61
CA THR B 462 22.63 -34.32 -18.75
C THR B 462 22.79 -32.87 -18.31
N ARG B 463 23.80 -32.21 -18.85
CA ARG B 463 24.07 -30.81 -18.53
C ARG B 463 24.19 -29.93 -19.76
N GLY B 464 24.73 -30.43 -20.85
CA GLY B 464 24.97 -29.65 -22.04
C GLY B 464 23.83 -29.57 -23.03
N ARG B 465 22.67 -30.17 -22.72
CA ARG B 465 21.56 -30.12 -23.65
C ARG B 465 21.06 -28.69 -23.84
N GLN B 466 20.98 -27.93 -22.76
CA GLN B 466 20.42 -26.59 -22.80
C GLN B 466 21.52 -25.54 -22.76
N ASN B 467 21.10 -24.28 -22.80
CA ASN B 467 22.01 -23.14 -22.76
C ASN B 467 21.26 -21.97 -22.10
N LYS B 468 21.78 -20.76 -22.27
CA LYS B 468 21.19 -19.60 -21.62
C LYS B 468 19.77 -19.35 -22.13
N ALA B 469 19.10 -18.38 -21.51
CA ALA B 469 17.71 -18.01 -21.72
C ALA B 469 16.75 -19.11 -21.27
N GLU B 470 17.25 -20.23 -20.77
CA GLU B 470 16.46 -21.32 -20.24
C GLU B 470 16.81 -21.63 -18.78
N ILE B 471 18.09 -21.56 -18.43
CA ILE B 471 18.55 -21.58 -17.05
C ILE B 471 19.37 -20.31 -16.85
N ASN B 472 18.96 -19.24 -17.53
CA ASN B 472 19.76 -18.03 -17.62
C ASN B 472 20.02 -17.45 -16.23
N PRO B 473 21.25 -17.02 -15.94
CA PRO B 473 21.50 -16.25 -14.72
C PRO B 473 20.91 -14.86 -14.85
N ARG B 474 20.94 -14.12 -13.74
CA ARG B 474 20.37 -12.78 -13.62
C ARG B 474 18.89 -12.78 -14.02
N THR B 475 18.32 -13.98 -14.12
CA THR B 475 16.95 -14.19 -14.56
C THR B 475 16.10 -14.86 -13.48
N ASN B 476 16.65 -15.86 -12.80
CA ASN B 476 16.01 -16.51 -11.66
C ASN B 476 16.97 -16.50 -10.48
N GLY B 477 16.43 -16.31 -9.29
CA GLY B 477 17.26 -16.22 -8.10
C GLY B 477 17.80 -14.85 -7.81
N ASP B 478 17.20 -13.79 -8.36
CA ASP B 478 17.68 -12.44 -8.10
C ASP B 478 17.55 -12.07 -6.62
N ARG B 479 16.44 -12.45 -6.00
CA ARG B 479 16.20 -12.15 -4.59
C ARG B 479 16.71 -13.25 -3.67
N ALA B 480 17.68 -14.05 -4.12
CA ALA B 480 18.26 -15.13 -3.33
C ALA B 480 17.19 -16.09 -2.82
N THR B 484 28.61 -19.95 0.13
CA THR B 484 28.37 -18.59 0.59
C THR B 484 28.76 -18.44 2.06
N ARG B 485 29.81 -17.68 2.32
CA ARG B 485 30.26 -17.45 3.68
C ARG B 485 29.23 -16.62 4.45
N THR B 486 28.97 -17.01 5.69
CA THR B 486 28.01 -16.33 6.55
C THR B 486 28.72 -15.74 7.75
N LEU B 487 28.52 -14.45 8.00
CA LEU B 487 29.09 -13.80 9.16
C LEU B 487 28.25 -14.09 10.39
N ARG B 488 28.92 -14.15 11.55
CA ARG B 488 28.28 -14.47 12.81
C ARG B 488 28.44 -13.30 13.77
N PHE B 489 27.33 -12.87 14.37
CA PHE B 489 27.39 -11.85 15.40
C PHE B 489 27.98 -12.44 16.68
N VAL B 490 28.82 -11.64 17.36
CA VAL B 490 29.45 -12.08 18.59
C VAL B 490 29.00 -11.27 19.81
N SER B 491 28.36 -10.12 19.61
CA SER B 491 27.91 -9.32 20.73
C SER B 491 26.75 -8.43 20.28
N ASN B 492 25.73 -8.34 21.12
CA ASN B 492 24.56 -7.50 20.85
C ASN B 492 24.11 -6.88 22.16
N VAL B 493 24.32 -5.56 22.30
CA VAL B 493 23.93 -4.82 23.49
C VAL B 493 22.74 -3.95 23.14
N THR B 494 21.63 -4.15 23.83
CA THR B 494 20.41 -3.40 23.60
C THR B 494 20.22 -2.35 24.70
N GLU B 495 19.89 -1.13 24.29
CA GLU B 495 19.65 -0.03 25.19
C GLU B 495 18.23 0.48 25.01
N ALA B 496 17.89 1.55 25.73
CA ALA B 496 16.55 2.13 25.61
C ALA B 496 16.30 2.68 24.22
N ASP B 497 17.30 3.35 23.63
CA ASP B 497 17.15 3.94 22.30
C ASP B 497 18.41 3.75 21.47
N ARG B 498 19.18 2.71 21.75
CA ARG B 498 20.43 2.48 21.03
C ARG B 498 20.71 0.99 21.00
N ILE B 499 21.40 0.56 19.94
CA ILE B 499 21.80 -0.85 19.78
C ILE B 499 23.26 -0.88 19.35
N LEU B 500 24.05 -1.74 20.00
CA LEU B 500 25.45 -1.93 19.65
C LEU B 500 25.65 -3.36 19.18
N LEU B 501 26.26 -3.51 18.01
CA LEU B 501 26.46 -4.83 17.41
C LEU B 501 27.95 -5.06 17.14
N ARG B 502 28.36 -6.32 17.26
CA ARG B 502 29.73 -6.71 16.95
C ARG B 502 29.70 -8.12 16.39
N TRP B 503 30.26 -8.31 15.19
CA TRP B 503 30.33 -9.60 14.55
C TRP B 503 31.79 -10.06 14.46
N GLU B 504 31.97 -11.29 13.97
CA GLU B 504 33.28 -11.90 13.94
C GLU B 504 34.21 -11.17 12.97
N ARG B 505 35.50 -11.21 13.28
CA ARG B 505 36.52 -10.58 12.45
C ARG B 505 37.16 -11.60 11.53
N TYR B 506 37.32 -11.22 10.27
CA TYR B 506 37.90 -12.11 9.28
C TYR B 506 39.36 -12.42 9.59
N GLU B 507 39.76 -13.65 9.28
CA GLU B 507 41.16 -14.04 9.40
C GLU B 507 41.98 -13.34 8.33
N PRO B 508 43.29 -13.14 8.57
CA PRO B 508 44.11 -12.42 7.59
C PRO B 508 44.12 -13.06 6.21
N LEU B 509 44.00 -14.38 6.12
CA LEU B 509 43.94 -15.03 4.81
C LEU B 509 42.70 -14.61 4.04
N GLU B 510 41.55 -14.55 4.70
CA GLU B 510 40.29 -14.22 4.05
C GLU B 510 39.95 -12.73 4.11
N ALA B 511 40.77 -11.92 4.78
CA ALA B 511 40.53 -10.49 4.88
C ALA B 511 41.27 -9.68 3.82
N ARG B 512 42.02 -10.35 2.93
CA ARG B 512 42.74 -9.62 1.89
C ARG B 512 41.77 -8.92 0.95
N ASP B 513 40.75 -9.63 0.48
CA ASP B 513 39.72 -9.04 -0.37
C ASP B 513 38.50 -8.67 0.45
N LEU B 514 38.69 -7.71 1.35
CA LEU B 514 37.63 -7.25 2.24
C LEU B 514 37.63 -5.73 2.29
N LEU B 515 36.42 -5.15 2.24
CA LEU B 515 36.26 -3.71 2.34
C LEU B 515 35.19 -3.38 3.37
N SER B 516 34.75 -2.13 3.42
CA SER B 516 33.79 -1.69 4.43
C SER B 516 32.49 -2.48 4.33
N PHE B 517 31.89 -2.76 5.48
CA PHE B 517 30.65 -3.50 5.56
C PHE B 517 29.45 -2.57 5.37
N ILE B 518 28.31 -3.17 5.06
CA ILE B 518 27.05 -2.44 4.91
C ILE B 518 26.01 -3.11 5.79
N VAL B 519 25.35 -2.33 6.63
CA VAL B 519 24.38 -2.81 7.60
C VAL B 519 22.99 -2.38 7.15
N TYR B 520 22.07 -3.33 7.05
CA TYR B 520 20.67 -3.07 6.75
C TYR B 520 19.86 -3.34 8.01
N TYR B 521 19.17 -2.33 8.51
CA TYR B 521 18.32 -2.49 9.69
C TYR B 521 17.00 -1.77 9.47
N LYS B 522 15.92 -2.42 9.89
CA LYS B 522 14.60 -1.82 9.76
C LYS B 522 13.68 -2.32 10.86
N GLU B 523 12.68 -1.51 11.20
CA GLU B 523 11.75 -1.84 12.27
C GLU B 523 10.72 -2.84 11.75
N SER B 524 10.80 -4.08 12.21
CA SER B 524 9.87 -5.13 11.81
C SER B 524 9.11 -5.64 13.03
N PRO B 525 7.84 -5.28 13.21
CA PRO B 525 7.09 -5.80 14.36
C PRO B 525 6.98 -7.31 14.37
N PHE B 526 6.90 -7.95 13.21
CA PHE B 526 6.82 -9.39 13.10
C PHE B 526 8.14 -9.96 12.59
N GLN B 527 8.24 -11.29 12.66
CA GLN B 527 9.45 -12.00 12.27
C GLN B 527 9.34 -12.58 10.86
N ASN B 528 8.67 -11.88 9.96
CA ASN B 528 8.51 -12.31 8.57
C ASN B 528 9.19 -11.32 7.63
N ALA B 529 10.37 -10.86 7.99
CA ALA B 529 11.13 -9.90 7.21
C ALA B 529 12.20 -10.60 6.40
N THR B 530 12.42 -10.12 5.17
CA THR B 530 13.44 -10.70 4.30
C THR B 530 14.00 -9.60 3.41
N GLU B 531 15.17 -9.87 2.85
CA GLU B 531 15.84 -8.91 1.96
C GLU B 531 15.30 -9.05 0.54
N HIS B 532 15.26 -7.91 -0.15
CA HIS B 532 14.78 -7.89 -1.53
C HIS B 532 15.82 -8.47 -2.48
N SER B 542 12.87 -0.52 1.74
CA SER B 542 12.43 0.05 3.01
C SER B 542 13.49 -0.14 4.10
N TRP B 543 14.54 -0.88 3.77
CA TRP B 543 15.61 -1.12 4.72
C TRP B 543 16.42 0.15 4.97
N ASN B 544 16.81 0.35 6.22
CA ASN B 544 17.65 1.47 6.60
C ASN B 544 19.12 1.09 6.39
N LEU B 545 19.84 1.95 5.69
CA LEU B 545 21.21 1.67 5.26
C LEU B 545 22.23 2.31 6.21
N LEU B 546 23.36 1.63 6.38
CA LEU B 546 24.48 2.19 7.13
C LEU B 546 25.77 1.62 6.56
N ASP B 547 26.80 2.45 6.51
CA ASP B 547 28.13 2.04 6.05
C ASP B 547 29.07 1.99 7.24
N VAL B 548 29.78 0.86 7.39
CA VAL B 548 30.67 0.64 8.51
C VAL B 548 32.08 0.46 7.96
N GLU B 549 32.95 1.42 8.19
CA GLU B 549 34.35 1.29 7.80
C GLU B 549 35.04 0.28 8.71
N LEU B 550 35.78 -0.64 8.11
CA LEU B 550 36.45 -1.67 8.89
C LEU B 550 37.54 -1.05 9.76
N PRO B 551 37.77 -1.61 10.95
CA PRO B 551 38.79 -1.04 11.84
C PRO B 551 40.19 -1.20 11.27
N LEU B 552 41.06 -0.25 11.63
CA LEU B 552 42.44 -0.24 11.15
C LEU B 552 43.36 -1.04 12.08
N SER B 553 42.98 -2.28 12.36
CA SER B 553 43.78 -3.17 13.19
C SER B 553 43.36 -4.60 12.92
N ARG B 554 44.23 -5.54 13.32
CA ARG B 554 43.93 -6.96 13.16
C ARG B 554 42.95 -7.46 14.21
N THR B 555 42.65 -6.66 15.22
CA THR B 555 41.71 -7.02 16.28
C THR B 555 40.63 -5.94 16.36
N GLN B 556 39.84 -5.98 17.43
CA GLN B 556 38.77 -5.01 17.68
C GLN B 556 37.76 -5.04 16.52
N GLU B 557 37.02 -6.16 16.48
CA GLU B 557 36.00 -6.45 15.47
C GLU B 557 35.11 -5.23 15.22
N PRO B 558 34.63 -5.04 13.98
CA PRO B 558 34.10 -3.73 13.57
C PRO B 558 32.94 -3.22 14.42
N GLY B 559 31.83 -3.96 14.45
CA GLY B 559 30.65 -3.50 15.17
C GLY B 559 30.04 -2.25 14.59
N VAL B 560 28.89 -1.84 15.13
CA VAL B 560 28.19 -0.64 14.69
C VAL B 560 27.24 -0.21 15.79
N THR B 561 26.89 1.07 15.80
CA THR B 561 25.92 1.62 16.73
C THR B 561 24.75 2.21 15.97
N LEU B 562 23.55 1.78 16.33
CA LEU B 562 22.31 2.29 15.74
C LEU B 562 21.61 3.12 16.80
N ALA B 563 21.33 4.39 16.48
CA ALA B 563 20.72 5.33 17.40
C ALA B 563 19.39 5.81 16.84
N SER B 564 18.71 6.63 17.64
CA SER B 564 17.40 7.19 17.30
C SER B 564 16.39 6.08 17.02
N LEU B 565 16.20 5.23 18.02
CA LEU B 565 15.29 4.10 17.93
C LEU B 565 14.23 4.22 19.02
N LYS B 566 12.99 3.93 18.66
CA LYS B 566 11.90 3.99 19.62
C LYS B 566 12.04 2.88 20.66
N PRO B 567 11.82 3.17 21.93
CA PRO B 567 11.94 2.13 22.96
C PRO B 567 10.90 1.04 22.78
N TRP B 568 11.28 -0.18 23.16
CA TRP B 568 10.44 -1.36 23.07
C TRP B 568 9.95 -1.57 21.63
N THR B 569 10.91 -1.76 20.73
CA THR B 569 10.64 -2.02 19.33
C THR B 569 11.56 -3.14 18.85
N GLN B 570 11.08 -3.90 17.87
CA GLN B 570 11.84 -5.01 17.30
C GLN B 570 12.45 -4.56 15.97
N TYR B 571 13.77 -4.71 15.86
CA TYR B 571 14.50 -4.30 14.67
C TYR B 571 15.16 -5.53 14.05
N ALA B 572 14.99 -5.69 12.74
CA ALA B 572 15.67 -6.73 11.98
C ALA B 572 16.92 -6.12 11.36
N VAL B 573 18.07 -6.72 11.65
CA VAL B 573 19.36 -6.21 11.22
C VAL B 573 20.14 -7.34 10.56
N PHE B 574 20.90 -7.01 9.51
CA PHE B 574 21.84 -7.95 8.92
C PHE B 574 22.93 -7.18 8.19
N VAL B 575 24.14 -7.75 8.19
CA VAL B 575 25.31 -7.10 7.62
C VAL B 575 25.72 -7.83 6.35
N ARG B 576 26.48 -7.13 5.51
CA ARG B 576 26.96 -7.68 4.25
C ARG B 576 28.32 -7.10 3.93
N ALA B 577 29.25 -7.95 3.48
CA ALA B 577 30.59 -7.51 3.14
C ALA B 577 30.67 -7.09 1.68
N ILE B 578 31.52 -6.11 1.39
CA ILE B 578 31.70 -5.65 0.02
C ILE B 578 32.63 -6.60 -0.74
N THR B 579 33.58 -7.21 -0.02
CA THR B 579 34.47 -8.27 -0.51
C THR B 579 35.11 -7.95 -1.86
N LEU B 580 35.75 -6.77 -1.95
CA LEU B 580 36.42 -6.33 -3.17
C LEU B 580 35.59 -6.64 -4.42
N THR B 581 35.96 -7.68 -5.16
CA THR B 581 35.25 -8.03 -6.39
C THR B 581 33.79 -8.33 -6.12
N THR B 582 32.90 -7.72 -6.92
CA THR B 582 31.44 -7.77 -6.79
C THR B 582 30.95 -8.01 -5.36
N GLY B 590 29.05 -10.66 -1.36
CA GLY B 590 29.61 -12.00 -1.37
C GLY B 590 29.27 -12.78 -0.12
N ALA B 591 29.53 -12.18 1.05
CA ALA B 591 29.25 -12.80 2.33
C ALA B 591 28.33 -11.89 3.14
N GLN B 592 27.35 -12.50 3.80
CA GLN B 592 26.39 -11.75 4.60
C GLN B 592 25.92 -12.61 5.76
N SER B 593 25.42 -11.95 6.79
CA SER B 593 24.95 -12.58 8.02
C SER B 593 23.45 -12.80 7.98
N PRO B 594 22.95 -13.82 8.68
CA PRO B 594 21.50 -14.02 8.75
C PRO B 594 20.81 -12.88 9.47
N ILE B 595 19.56 -12.64 9.11
CA ILE B 595 18.79 -11.57 9.72
C ILE B 595 18.55 -11.90 11.19
N VAL B 596 18.85 -10.94 12.05
CA VAL B 596 18.67 -11.09 13.49
C VAL B 596 17.69 -10.03 13.98
N TYR B 597 16.76 -10.45 14.83
CA TYR B 597 15.75 -9.56 15.40
C TYR B 597 16.13 -9.23 16.83
N LEU B 598 16.23 -7.94 17.14
CA LEU B 598 16.62 -7.47 18.46
C LEU B 598 15.58 -6.49 18.98
N ARG B 599 15.25 -6.62 20.26
CA ARG B 599 14.26 -5.77 20.92
C ARG B 599 14.97 -4.80 21.87
N THR B 600 14.65 -3.52 21.74
CA THR B 600 15.25 -2.51 22.60
C THR B 600 14.64 -2.57 24.00
N LEU B 601 15.35 -1.97 24.95
CA LEU B 601 14.88 -1.96 26.33
C LEU B 601 13.67 -1.03 26.48
N PRO B 602 12.74 -1.37 27.38
CA PRO B 602 11.57 -0.52 27.59
C PRO B 602 11.91 0.72 28.40
N ALA B 603 10.93 1.61 28.50
CA ALA B 603 11.08 2.85 29.25
C ALA B 603 9.72 3.27 29.79
N ALA B 604 9.71 4.38 30.52
CA ALA B 604 8.46 4.88 31.09
C ALA B 604 7.54 5.39 29.98
N PRO B 605 6.24 5.13 30.07
CA PRO B 605 5.32 5.58 29.02
C PRO B 605 5.03 7.06 29.09
N THR B 606 4.13 7.52 28.21
CA THR B 606 3.75 8.93 28.12
C THR B 606 2.45 9.16 28.89
N VAL B 607 2.15 10.43 29.15
CA VAL B 607 0.98 10.82 29.94
C VAL B 607 -0.30 10.47 29.18
N PRO B 608 -1.39 10.15 29.88
CA PRO B 608 -2.67 9.94 29.20
C PRO B 608 -3.19 11.23 28.57
N GLN B 609 -4.02 11.06 27.55
CA GLN B 609 -4.51 12.18 26.75
C GLN B 609 -6.02 12.32 26.90
N ASP B 610 -6.49 13.58 26.92
CA ASP B 610 -7.90 13.93 26.84
C ASP B 610 -8.70 13.28 27.98
N VAL B 611 -8.38 13.74 29.20
CA VAL B 611 -9.07 13.25 30.39
C VAL B 611 -10.32 14.08 30.63
N ILE B 612 -11.46 13.41 30.72
CA ILE B 612 -12.75 14.04 31.00
C ILE B 612 -13.42 13.29 32.14
N SER B 613 -14.30 14.00 32.84
CA SER B 613 -15.01 13.44 33.98
C SER B 613 -16.43 13.99 34.04
N THR B 614 -17.32 13.21 34.62
CA THR B 614 -18.72 13.59 34.76
C THR B 614 -19.24 13.02 36.07
N SER B 615 -20.31 13.63 36.58
CA SER B 615 -20.94 13.21 37.84
C SER B 615 -22.40 12.90 37.55
N ASN B 616 -22.71 11.61 37.35
CA ASN B 616 -24.07 11.19 37.08
C ASN B 616 -24.95 11.23 38.32
N SER B 617 -24.36 11.17 39.52
CA SER B 617 -25.11 11.20 40.75
C SER B 617 -24.40 12.13 41.73
N SER B 618 -24.85 12.13 42.98
CA SER B 618 -24.28 12.99 44.01
C SER B 618 -23.12 12.33 44.75
N SER B 619 -22.80 11.07 44.43
CA SER B 619 -21.69 10.39 45.09
C SER B 619 -20.86 9.55 44.12
N HIS B 620 -20.95 9.81 42.82
CA HIS B 620 -20.23 9.05 41.81
C HIS B 620 -19.49 10.00 40.88
N LEU B 621 -18.42 9.48 40.29
CA LEU B 621 -17.62 10.27 39.33
C LEU B 621 -17.08 9.31 38.28
N LEU B 622 -17.58 9.42 37.05
CA LEU B 622 -17.11 8.60 35.95
C LEU B 622 -16.04 9.36 35.17
N VAL B 623 -14.86 8.76 35.03
CA VAL B 623 -13.71 9.39 34.40
C VAL B 623 -13.32 8.55 33.19
N ARG B 624 -13.15 9.21 32.05
CA ARG B 624 -12.74 8.54 30.82
C ARG B 624 -11.66 9.36 30.15
N TRP B 625 -10.67 8.67 29.58
CA TRP B 625 -9.57 9.35 28.92
C TRP B 625 -9.10 8.46 27.76
N LYS B 626 -7.91 8.74 27.24
CA LYS B 626 -7.38 8.03 26.08
C LYS B 626 -6.00 7.48 26.40
N PRO B 627 -5.61 6.38 25.76
CA PRO B 627 -4.29 5.80 26.02
C PRO B 627 -3.17 6.72 25.53
N PRO B 628 -1.98 6.60 26.10
CA PRO B 628 -0.88 7.48 25.70
C PRO B 628 -0.43 7.19 24.26
N THR B 629 0.34 8.14 23.72
CA THR B 629 0.82 8.02 22.35
C THR B 629 1.72 6.79 22.20
N GLN B 630 2.83 6.75 22.91
CA GLN B 630 3.77 5.64 22.87
C GLN B 630 3.69 4.87 24.18
N ARG B 631 3.43 3.57 24.09
CA ARG B 631 3.30 2.76 25.29
C ARG B 631 4.65 2.49 25.94
N ASN B 632 5.72 2.40 25.15
CA ASN B 632 7.05 2.06 25.65
C ASN B 632 7.02 0.74 26.41
N GLY B 633 6.27 -0.22 25.89
CA GLY B 633 6.07 -1.50 26.50
C GLY B 633 4.62 -1.93 26.32
N ASN B 634 4.17 -2.81 27.20
CA ASN B 634 2.78 -3.24 27.24
C ASN B 634 2.14 -2.66 28.50
N LEU B 635 1.09 -1.87 28.32
CA LEU B 635 0.42 -1.23 29.44
C LEU B 635 -0.27 -2.27 30.29
N THR B 636 0.03 -2.30 31.59
CA THR B 636 -0.56 -3.28 32.48
C THR B 636 -1.84 -2.75 33.13
N TYR B 637 -1.82 -1.50 33.58
CA TYR B 637 -2.97 -0.89 34.26
C TYR B 637 -2.75 0.61 34.27
N TYR B 638 -3.67 1.33 34.92
CA TYR B 638 -3.56 2.76 35.17
C TYR B 638 -3.72 3.01 36.65
N LEU B 639 -2.89 3.92 37.17
CA LEU B 639 -2.95 4.32 38.57
C LEU B 639 -3.74 5.62 38.69
N VAL B 640 -4.86 5.57 39.40
CA VAL B 640 -5.76 6.70 39.54
C VAL B 640 -5.76 7.14 40.99
N LEU B 641 -5.41 8.39 41.24
CA LEU B 641 -5.40 8.97 42.58
C LEU B 641 -6.41 10.11 42.66
N TRP B 642 -7.19 10.13 43.74
CA TRP B 642 -8.14 11.21 43.98
C TRP B 642 -8.00 11.67 45.43
N GLN B 643 -8.19 12.97 45.63
CA GLN B 643 -8.09 13.60 46.93
C GLN B 643 -9.18 14.65 47.08
N ARG B 644 -9.84 14.67 48.24
CA ARG B 644 -10.87 15.66 48.49
C ARG B 644 -10.24 17.04 48.70
N LEU B 645 -10.83 18.05 48.07
CA LEU B 645 -10.36 19.42 48.18
C LEU B 645 -11.36 20.24 48.97
N ALA B 646 -10.87 20.95 49.99
CA ALA B 646 -11.73 21.79 50.81
C ALA B 646 -11.92 23.16 50.17
N GLU B 647 -13.08 23.76 50.44
CA GLU B 647 -13.38 25.07 49.90
C GLU B 647 -12.47 26.13 50.52
N ASP B 648 -12.20 27.18 49.75
CA ASP B 648 -11.31 28.24 50.20
C ASP B 648 -11.92 28.98 51.38
N GLY B 649 -11.06 29.57 52.21
CA GLY B 649 -11.50 30.29 53.38
C GLY B 649 -12.10 31.65 53.10
N ASP B 650 -12.03 32.12 51.84
CA ASP B 650 -12.64 33.40 51.50
C ASP B 650 -14.15 33.33 51.67
N LEU B 651 -14.77 32.20 51.29
CA LEU B 651 -16.21 32.06 51.41
C LEU B 651 -16.69 32.08 52.84
N TYR B 652 -15.83 31.75 53.80
CA TYR B 652 -16.21 31.68 55.20
C TYR B 652 -16.14 33.02 55.92
N LEU B 653 -15.62 34.06 55.27
CA LEU B 653 -15.43 35.35 55.92
C LEU B 653 -16.19 36.49 55.26
N ASN B 654 -16.46 36.41 53.96
CA ASN B 654 -17.14 37.49 53.27
C ASN B 654 -18.63 37.50 53.62
N ASP B 655 -19.21 38.70 53.59
CA ASP B 655 -20.64 38.90 53.81
C ASP B 655 -21.34 38.81 52.47
N TYR B 656 -22.19 37.80 52.29
CA TYR B 656 -22.78 37.50 51.00
C TYR B 656 -24.20 38.01 50.86
N CYS B 657 -24.71 38.77 51.83
CA CYS B 657 -25.95 39.50 51.61
C CYS B 657 -25.78 40.52 50.50
N HIS B 658 -24.65 41.22 50.48
CA HIS B 658 -24.23 42.05 49.38
C HIS B 658 -23.00 41.41 48.72
N ARG B 659 -22.42 42.12 47.76
CA ARG B 659 -21.24 41.68 47.00
C ARG B 659 -21.31 40.19 46.68
N GLY B 660 -22.37 39.82 45.97
CA GLY B 660 -22.60 38.43 45.64
C GLY B 660 -21.57 37.88 44.69
N LEU B 661 -21.52 36.54 44.64
CA LEU B 661 -20.55 35.83 43.81
C LEU B 661 -21.27 34.75 43.01
N ARG B 662 -20.61 34.31 41.93
CA ARG B 662 -21.15 33.22 41.13
C ARG B 662 -21.06 31.90 41.90
N LEU B 663 -22.01 31.02 41.62
CA LEU B 663 -22.07 29.72 42.27
C LEU B 663 -21.39 28.68 41.38
N PRO B 664 -20.37 27.98 41.86
CA PRO B 664 -19.74 26.95 41.04
C PRO B 664 -20.73 25.85 40.68
N THR B 665 -20.59 25.33 39.46
CA THR B 665 -21.51 24.33 38.92
C THR B 665 -20.87 22.95 38.96
N SER B 666 -21.71 21.93 39.04
CA SER B 666 -21.25 20.55 39.03
C SER B 666 -20.63 20.21 37.68
N ASN B 667 -19.67 19.28 37.70
CA ASN B 667 -18.96 18.91 36.48
C ASN B 667 -19.87 18.04 35.61
N ASN B 668 -20.14 18.52 34.39
CA ASN B 668 -20.96 17.79 33.43
C ASN B 668 -20.31 17.88 32.06
N ASP B 669 -20.58 16.88 31.23
CA ASP B 669 -20.02 16.84 29.88
C ASP B 669 -21.11 16.62 28.84
N SER B 708 32.78 10.56 1.34
CA SER B 708 32.27 9.65 0.32
C SER B 708 33.40 9.12 -0.56
N PHE B 709 34.63 9.33 -0.12
CA PHE B 709 35.78 8.84 -0.88
C PHE B 709 35.85 7.32 -0.89
N GLN B 710 35.44 6.68 0.21
CA GLN B 710 35.48 5.22 0.28
C GLN B 710 34.56 4.60 -0.76
N LYS B 711 33.35 5.13 -0.92
CA LYS B 711 32.41 4.58 -1.89
C LYS B 711 32.93 4.75 -3.31
N LYS B 712 33.50 5.92 -3.62
CA LYS B 712 34.05 6.14 -4.95
C LYS B 712 35.24 5.23 -5.22
N PHE B 713 36.09 5.02 -4.22
CA PHE B 713 37.22 4.11 -4.38
C PHE B 713 36.74 2.68 -4.60
N GLU B 714 35.71 2.25 -3.87
CA GLU B 714 35.16 0.92 -4.08
C GLU B 714 34.57 0.79 -5.48
N ASN B 715 33.88 1.83 -5.96
CA ASN B 715 33.33 1.79 -7.31
C ASN B 715 34.45 1.70 -8.34
N PHE B 716 35.54 2.44 -8.15
CA PHE B 716 36.66 2.38 -9.07
C PHE B 716 37.29 0.99 -9.06
N LEU B 717 37.43 0.39 -7.87
CA LEU B 717 38.00 -0.95 -7.78
C LEU B 717 37.11 -1.98 -8.46
N HIS B 718 35.78 -1.81 -8.34
CA HIS B 718 34.85 -2.77 -8.94
C HIS B 718 34.93 -2.78 -10.46
N ASN B 719 35.40 -1.70 -11.08
CA ASN B 719 35.49 -1.63 -12.53
C ASN B 719 36.91 -1.94 -13.01
N ASP B 759 -11.31 15.70 54.97
CA ASP B 759 -10.96 16.99 54.36
C ASP B 759 -9.97 16.80 53.22
N PHE B 760 -8.88 16.08 53.50
CA PHE B 760 -7.85 15.82 52.49
C PHE B 760 -7.19 14.49 52.82
N GLU B 761 -7.22 13.56 51.86
CA GLU B 761 -6.59 12.26 52.04
C GLU B 761 -6.42 11.62 50.67
N ILE B 762 -5.20 11.22 50.34
CA ILE B 762 -4.92 10.61 49.05
C ILE B 762 -5.51 9.21 49.01
N GLN B 763 -6.27 8.91 47.96
CA GLN B 763 -6.78 7.57 47.75
C GLN B 763 -6.40 7.11 46.36
N GLU B 764 -6.11 5.82 46.22
CA GLU B 764 -5.57 5.25 45.00
C GLU B 764 -6.41 4.06 44.55
N ASP B 765 -6.33 3.79 43.24
CA ASP B 765 -7.02 2.66 42.64
C ASP B 765 -6.13 2.06 41.56
N LYS B 766 -6.61 0.98 40.94
CA LYS B 766 -5.88 0.29 39.89
C LYS B 766 -6.90 -0.08 38.81
N VAL B 767 -6.91 0.67 37.71
CA VAL B 767 -7.91 0.51 36.66
C VAL B 767 -7.27 -0.25 35.50
N PRO B 768 -7.68 -1.48 35.20
CA PRO B 768 -7.11 -2.20 34.06
C PRO B 768 -7.69 -1.77 32.72
N ARG B 769 -8.79 -1.03 32.70
CA ARG B 769 -9.47 -0.65 31.47
C ARG B 769 -9.44 0.87 31.35
N GLU B 770 -9.85 1.36 30.18
CA GLU B 770 -9.73 2.79 29.87
C GLU B 770 -10.55 3.65 30.83
N ARG B 771 -11.78 3.25 31.12
CA ARG B 771 -12.70 4.05 31.91
C ARG B 771 -12.65 3.64 33.38
N ALA B 772 -12.92 4.60 34.26
CA ALA B 772 -12.90 4.38 35.70
C ALA B 772 -14.12 5.01 36.34
N VAL B 773 -14.52 4.47 37.48
CA VAL B 773 -15.65 4.96 38.25
C VAL B 773 -15.23 5.12 39.70
N LEU B 774 -15.50 6.29 40.27
CA LEU B 774 -15.18 6.59 41.66
C LEU B 774 -16.48 6.67 42.45
N SER B 775 -16.57 5.89 43.52
CA SER B 775 -17.75 5.83 44.36
C SER B 775 -17.39 6.24 45.79
N GLY B 776 -18.43 6.40 46.61
CA GLY B 776 -18.23 6.80 47.99
C GLY B 776 -17.65 8.19 48.15
N LEU B 777 -18.14 9.14 47.36
CA LEU B 777 -17.64 10.50 47.38
C LEU B 777 -18.66 11.44 48.02
N ARG B 778 -18.16 12.53 48.59
CA ARG B 778 -19.03 13.51 49.23
C ARG B 778 -19.84 14.27 48.18
N HIS B 779 -20.98 14.80 48.62
CA HIS B 779 -21.87 15.53 47.73
C HIS B 779 -21.40 16.97 47.56
N PHE B 780 -21.25 17.39 46.30
CA PHE B 780 -20.84 18.75 45.95
C PHE B 780 -19.51 19.11 46.61
N THR B 781 -18.48 18.35 46.27
CA THR B 781 -17.13 18.59 46.77
C THR B 781 -16.14 18.44 45.64
N GLU B 782 -15.14 19.31 45.60
CA GLU B 782 -14.14 19.28 44.55
C GLU B 782 -13.14 18.17 44.79
N TYR B 783 -12.80 17.45 43.72
CA TYR B 783 -11.87 16.34 43.77
C TYR B 783 -10.80 16.53 42.69
N ARG B 784 -9.54 16.34 43.08
CA ARG B 784 -8.43 16.38 42.15
C ARG B 784 -8.04 14.95 41.80
N ILE B 785 -8.14 14.61 40.51
CA ILE B 785 -7.92 13.27 40.03
C ILE B 785 -6.60 13.23 39.27
N ASP B 786 -5.70 12.34 39.70
CA ASP B 786 -4.40 12.14 39.07
C ASP B 786 -4.39 10.75 38.43
N ILE B 787 -3.93 10.69 37.19
CA ILE B 787 -3.89 9.44 36.42
C ILE B 787 -2.47 9.23 35.89
N HIS B 788 -1.95 8.02 36.10
CA HIS B 788 -0.65 7.61 35.59
C HIS B 788 -0.82 6.42 34.64
N ALA B 789 0.08 6.31 33.68
CA ALA B 789 0.15 5.15 32.80
C ALA B 789 1.31 4.28 33.24
N CYS B 790 1.07 2.96 33.34
CA CYS B 790 2.05 2.04 33.88
C CYS B 790 2.22 0.85 32.94
N ASN B 791 3.43 0.70 32.42
CA ASN B 791 3.86 -0.54 31.76
C ASN B 791 4.56 -1.41 32.81
N HIS B 792 5.27 -2.45 32.38
CA HIS B 792 6.04 -3.28 33.31
C HIS B 792 7.25 -2.48 33.78
N ALA B 793 6.99 -1.55 34.69
CA ALA B 793 7.98 -0.59 35.16
C ALA B 793 8.46 -0.89 36.58
N ALA B 794 8.59 -2.18 36.92
CA ALA B 794 9.11 -2.54 38.23
C ALA B 794 10.56 -2.09 38.38
N HIS B 795 11.38 -2.28 37.35
CA HIS B 795 12.77 -1.85 37.36
C HIS B 795 12.98 -0.51 36.68
N THR B 796 11.98 0.01 35.97
CA THR B 796 12.10 1.29 35.30
C THR B 796 12.03 2.42 36.34
N VAL B 797 12.18 3.66 35.88
CA VAL B 797 12.13 4.81 36.78
C VAL B 797 10.77 4.90 37.46
N GLY B 798 9.74 4.36 36.83
CA GLY B 798 8.41 4.36 37.42
C GLY B 798 7.36 4.46 36.33
N CYS B 799 6.15 4.83 36.75
CA CYS B 799 5.05 5.00 35.83
C CYS B 799 5.17 6.35 35.11
N SER B 800 4.23 6.62 34.22
CA SER B 800 4.26 7.85 33.45
C SER B 800 3.95 9.05 34.34
N ALA B 801 4.24 10.24 33.83
CA ALA B 801 3.95 11.46 34.56
C ALA B 801 2.45 11.62 34.75
N ALA B 802 2.06 12.08 35.93
CA ALA B 802 0.65 12.19 36.26
C ALA B 802 -0.05 13.26 35.44
N THR B 803 -1.28 13.00 35.05
CA THR B 803 -2.17 13.99 34.48
C THR B 803 -3.28 14.29 35.49
N PHE B 804 -3.60 15.57 35.65
CA PHE B 804 -4.50 16.01 36.71
C PHE B 804 -5.73 16.68 36.13
N VAL B 805 -6.88 16.42 36.75
CA VAL B 805 -8.13 17.08 36.41
C VAL B 805 -8.87 17.41 37.70
N PHE B 806 -9.83 18.33 37.59
CA PHE B 806 -10.66 18.74 38.72
C PHE B 806 -12.11 18.44 38.40
N ALA B 807 -12.80 17.79 39.33
CA ALA B 807 -14.20 17.42 39.15
C ALA B 807 -15.00 17.82 40.38
N ARG B 808 -16.32 17.88 40.22
CA ARG B 808 -17.21 18.20 41.32
C ARG B 808 -18.44 17.30 41.24
N THR B 809 -18.83 16.75 42.39
CA THR B 809 -20.00 15.88 42.44
C THR B 809 -21.28 16.71 42.42
N MET B 810 -22.38 16.06 42.02
CA MET B 810 -23.67 16.73 41.98
C MET B 810 -24.15 17.05 43.40
N PRO B 811 -24.83 18.16 43.58
CA PRO B 811 -25.33 18.51 44.92
C PRO B 811 -26.45 17.58 45.37
N HIS B 812 -26.56 17.43 46.69
CA HIS B 812 -27.63 16.63 47.27
C HIS B 812 -28.91 17.45 47.33
N ARG B 813 -30.02 16.80 46.99
CA ARG B 813 -31.28 17.52 46.83
C ARG B 813 -31.79 18.06 48.17
N GLU B 814 -31.85 17.20 49.20
CA GLU B 814 -32.46 17.56 50.47
C GLU B 814 -31.43 17.92 51.54
N ALA B 815 -30.16 18.08 51.17
CA ALA B 815 -29.14 18.42 52.16
C ALA B 815 -29.21 19.86 52.62
N ASP B 816 -29.86 20.73 51.86
CA ASP B 816 -29.91 22.15 52.17
C ASP B 816 -31.12 22.52 53.02
N GLY B 817 -32.02 21.59 53.31
CA GLY B 817 -33.18 21.90 54.11
C GLY B 817 -32.80 22.20 55.56
N ILE B 818 -33.54 23.13 56.15
CA ILE B 818 -33.31 23.52 57.55
C ILE B 818 -33.90 22.44 58.45
N PRO B 819 -33.11 21.85 59.34
CA PRO B 819 -33.64 20.78 60.20
C PRO B 819 -34.66 21.32 61.19
N GLY B 820 -35.64 20.47 61.51
CA GLY B 820 -36.65 20.83 62.49
C GLY B 820 -37.55 21.95 62.00
N LYS B 821 -38.13 22.67 62.95
CA LYS B 821 -39.01 23.79 62.68
C LYS B 821 -38.46 25.04 63.35
N VAL B 822 -38.61 26.18 62.68
CA VAL B 822 -38.11 27.44 63.22
C VAL B 822 -38.96 27.85 64.42
N ALA B 823 -38.31 28.43 65.42
CA ALA B 823 -38.97 28.85 66.64
C ALA B 823 -39.02 30.38 66.71
N TRP B 824 -40.05 30.89 67.39
CA TRP B 824 -40.26 32.32 67.52
C TRP B 824 -40.48 32.69 68.98
N GLU B 825 -40.06 33.91 69.33
CA GLU B 825 -40.29 34.44 70.66
C GLU B 825 -40.50 35.94 70.54
N ALA B 826 -41.13 36.53 71.56
CA ALA B 826 -41.46 37.94 71.55
C ALA B 826 -40.71 38.66 72.68
N SER B 827 -40.64 39.98 72.56
CA SER B 827 -40.05 40.83 73.59
C SER B 827 -40.95 42.02 73.82
N SER B 828 -40.87 42.59 75.03
CA SER B 828 -41.74 43.70 75.38
C SER B 828 -41.46 44.96 74.57
N LYS B 829 -40.28 45.07 73.98
CA LYS B 829 -39.90 46.28 73.23
C LYS B 829 -40.27 46.16 71.75
N ASN B 830 -41.51 45.78 71.47
CA ASN B 830 -42.08 45.80 70.12
C ASN B 830 -41.18 45.05 69.12
N SER B 831 -40.71 43.87 69.52
CA SER B 831 -39.79 43.13 68.67
C SER B 831 -39.99 41.63 68.88
N VAL B 832 -39.56 40.85 67.89
CA VAL B 832 -39.60 39.40 67.95
C VAL B 832 -38.27 38.84 67.50
N LEU B 833 -38.00 37.61 67.92
CA LEU B 833 -36.78 36.89 67.58
C LEU B 833 -37.16 35.56 66.96
N LEU B 834 -36.44 35.18 65.91
CA LEU B 834 -36.64 33.91 65.22
C LEU B 834 -35.34 33.12 65.24
N ARG B 835 -35.44 31.81 65.50
CA ARG B 835 -34.28 30.94 65.58
C ARG B 835 -34.51 29.70 64.73
N TRP B 836 -33.42 29.21 64.13
CA TRP B 836 -33.46 27.99 63.34
C TRP B 836 -32.07 27.39 63.30
N LEU B 837 -32.02 26.07 63.29
CA LEU B 837 -30.74 25.35 63.27
C LEU B 837 -30.16 25.31 61.86
N GLU B 838 -28.83 25.34 61.79
CA GLU B 838 -28.16 25.24 60.51
C GLU B 838 -28.33 23.84 59.92
N PRO B 839 -28.28 23.71 58.61
CA PRO B 839 -28.32 22.38 57.99
C PRO B 839 -27.15 21.54 58.45
N PRO B 840 -27.35 20.23 58.65
CA PRO B 840 -26.27 19.38 59.17
C PRO B 840 -25.13 19.20 58.18
N ASP B 841 -25.46 18.89 56.92
CA ASP B 841 -24.47 18.65 55.88
C ASP B 841 -24.82 19.49 54.67
N PRO B 842 -24.53 20.78 54.70
CA PRO B 842 -24.83 21.64 53.54
C PRO B 842 -23.89 21.34 52.38
N ASN B 843 -24.34 21.71 51.19
CA ASN B 843 -23.53 21.53 49.99
C ASN B 843 -22.39 22.55 49.99
N GLY B 844 -21.23 22.14 50.48
CA GLY B 844 -20.10 23.05 50.60
C GLY B 844 -20.18 23.90 51.85
N LEU B 845 -21.04 24.91 51.82
CA LEU B 845 -21.25 25.78 52.98
C LEU B 845 -22.52 26.58 52.73
N ILE B 846 -23.02 27.19 53.79
CA ILE B 846 -24.22 28.03 53.73
C ILE B 846 -23.77 29.48 53.67
N LEU B 847 -24.19 30.19 52.62
CA LEU B 847 -23.76 31.56 52.41
C LEU B 847 -24.67 32.57 53.10
N LYS B 848 -25.99 32.39 53.01
CA LYS B 848 -26.92 33.33 53.59
C LYS B 848 -28.25 32.64 53.84
N TYR B 849 -29.04 33.23 54.74
CA TYR B 849 -30.38 32.77 55.05
C TYR B 849 -31.38 33.85 54.64
N GLU B 850 -32.36 33.46 53.83
CA GLU B 850 -33.41 34.39 53.40
C GLU B 850 -34.68 34.09 54.18
N ILE B 851 -35.17 35.09 54.90
CA ILE B 851 -36.38 34.96 55.71
C ILE B 851 -37.47 35.79 55.06
N LYS B 852 -38.62 35.15 54.80
CA LYS B 852 -39.76 35.79 54.15
C LYS B 852 -40.89 35.91 55.16
N TYR B 853 -41.36 37.13 55.39
CA TYR B 853 -42.44 37.39 56.32
C TYR B 853 -43.42 38.40 55.73
N ARG B 854 -44.67 38.32 56.18
CA ARG B 854 -45.72 39.16 55.64
C ARG B 854 -46.84 39.28 56.66
N ARG B 855 -47.65 40.33 56.50
CA ARG B 855 -48.91 40.43 57.21
C ARG B 855 -49.98 39.67 56.44
N LEU B 856 -50.88 39.02 57.18
CA LEU B 856 -51.84 38.10 56.60
C LEU B 856 -52.71 38.78 55.55
N GLY B 857 -52.52 38.42 54.28
CA GLY B 857 -53.38 38.87 53.20
C GLY B 857 -52.74 39.80 52.19
N GLU B 858 -51.49 40.23 52.39
CA GLU B 858 -50.83 41.08 51.40
C GLU B 858 -49.49 40.45 51.04
N GLU B 859 -48.64 41.23 50.38
CA GLU B 859 -47.37 40.73 49.87
C GLU B 859 -46.38 40.52 51.00
N ALA B 860 -45.31 39.81 50.67
CA ALA B 860 -44.25 39.46 51.63
C ALA B 860 -42.99 40.27 51.34
N THR B 861 -42.22 40.51 52.39
CA THR B 861 -40.96 41.25 52.30
C THR B 861 -39.84 40.35 52.81
N VAL B 862 -39.01 39.87 51.88
CA VAL B 862 -37.91 38.97 52.26
C VAL B 862 -36.72 39.78 52.74
N LEU B 863 -35.84 39.11 53.49
CA LEU B 863 -34.67 39.75 54.07
C LEU B 863 -33.53 38.76 54.13
N CYS B 864 -32.34 39.22 53.79
CA CYS B 864 -31.13 38.40 53.81
C CYS B 864 -30.42 38.54 55.15
N VAL B 865 -29.82 37.43 55.59
CA VAL B 865 -29.02 37.41 56.81
C VAL B 865 -27.74 36.66 56.50
N SER B 866 -26.60 37.30 56.75
CA SER B 866 -25.31 36.66 56.52
C SER B 866 -25.01 35.65 57.62
N ARG B 867 -23.93 34.89 57.42
CA ARG B 867 -23.53 33.92 58.43
C ARG B 867 -23.16 34.59 59.74
N LEU B 868 -22.42 35.70 59.68
CA LEU B 868 -22.02 36.40 60.89
C LEU B 868 -23.23 36.97 61.63
N ARG B 869 -24.16 37.57 60.89
CA ARG B 869 -25.35 38.13 61.51
C ARG B 869 -26.20 37.05 62.17
N TYR B 870 -26.34 35.90 61.50
CA TYR B 870 -27.11 34.81 62.07
C TYR B 870 -26.43 34.25 63.32
N ALA B 871 -25.11 34.09 63.28
CA ALA B 871 -24.40 33.51 64.41
C ALA B 871 -24.25 34.47 65.57
N LYS B 872 -24.41 35.79 65.33
CA LYS B 872 -24.29 36.75 66.41
C LYS B 872 -25.36 36.55 67.47
N PHE B 873 -26.59 36.28 67.04
CA PHE B 873 -27.70 36.09 67.97
C PHE B 873 -28.36 34.72 67.85
N GLY B 874 -27.83 33.82 67.04
CA GLY B 874 -28.45 32.54 66.83
C GLY B 874 -29.65 32.55 65.92
N GLY B 875 -29.96 33.69 65.30
CA GLY B 875 -31.11 33.79 64.44
C GLY B 875 -31.29 35.18 63.86
N VAL B 876 -32.53 35.68 63.87
CA VAL B 876 -32.87 36.97 63.30
C VAL B 876 -33.76 37.74 64.27
N HIS B 877 -33.72 39.07 64.13
CA HIS B 877 -34.53 39.99 64.91
C HIS B 877 -35.46 40.76 63.96
N LEU B 878 -36.70 40.95 64.39
CA LEU B 878 -37.66 41.78 63.65
C LEU B 878 -38.24 42.79 64.63
N ALA B 879 -37.87 44.05 64.48
CA ALA B 879 -38.26 45.10 65.41
C ALA B 879 -39.14 46.13 64.70
N LEU B 880 -39.91 46.85 65.52
CA LEU B 880 -40.82 47.90 65.04
C LEU B 880 -41.82 47.34 64.03
N LEU B 881 -42.67 46.43 64.52
CA LEU B 881 -43.70 45.83 63.71
C LEU B 881 -45.07 46.28 64.19
N PRO B 882 -45.96 46.70 63.29
CA PRO B 882 -47.30 47.08 63.72
C PRO B 882 -48.05 45.88 64.27
N PRO B 883 -48.97 46.10 65.20
CA PRO B 883 -49.68 44.97 65.81
C PRO B 883 -50.47 44.17 64.78
N GLY B 884 -50.49 42.86 64.97
CA GLY B 884 -51.19 41.96 64.08
C GLY B 884 -50.52 40.61 64.06
N ASN B 885 -51.04 39.74 63.18
CA ASN B 885 -50.51 38.41 62.99
C ASN B 885 -49.63 38.38 61.74
N TYR B 886 -48.61 37.52 61.78
CA TYR B 886 -47.66 37.43 60.68
C TYR B 886 -47.28 35.97 60.46
N SER B 887 -46.94 35.65 59.22
CA SER B 887 -46.46 34.33 58.84
C SER B 887 -45.03 34.47 58.32
N ALA B 888 -44.12 33.68 58.86
CA ALA B 888 -42.71 33.77 58.53
C ALA B 888 -42.19 32.43 58.01
N ARG B 889 -41.34 32.50 56.99
CA ARG B 889 -40.66 31.33 56.44
C ARG B 889 -39.19 31.66 56.27
N VAL B 890 -38.35 30.62 56.35
CA VAL B 890 -36.91 30.78 56.22
C VAL B 890 -36.41 29.87 55.10
N ARG B 891 -35.30 30.27 54.49
CA ARG B 891 -34.68 29.49 53.44
C ARG B 891 -33.16 29.68 53.51
N ALA B 892 -32.43 28.59 53.40
CA ALA B 892 -30.97 28.61 53.47
C ALA B 892 -30.39 28.43 52.08
N THR B 893 -29.48 29.32 51.69
CA THR B 893 -28.82 29.26 50.40
C THR B 893 -27.40 28.76 50.57
N SER B 894 -27.01 27.79 49.76
CA SER B 894 -25.69 27.19 49.82
C SER B 894 -24.91 27.52 48.57
N LEU B 895 -23.70 26.95 48.47
CA LEU B 895 -22.86 27.17 47.30
C LEU B 895 -23.44 26.53 46.05
N ALA B 896 -24.38 25.60 46.19
CA ALA B 896 -24.95 24.91 45.04
C ALA B 896 -26.17 25.64 44.47
N GLY B 897 -26.96 26.30 45.31
CA GLY B 897 -28.14 26.99 44.84
C GLY B 897 -29.09 27.25 45.99
N ASN B 898 -30.35 27.50 45.64
CA ASN B 898 -31.36 27.78 46.63
C ASN B 898 -31.71 26.51 47.42
N GLY B 899 -32.21 26.73 48.62
CA GLY B 899 -32.65 25.65 49.49
C GLY B 899 -34.14 25.39 49.37
N SER B 900 -34.73 24.94 50.47
CA SER B 900 -36.15 24.64 50.55
C SER B 900 -36.79 25.46 51.66
N TRP B 901 -37.92 26.10 51.35
CA TRP B 901 -38.62 26.88 52.36
C TRP B 901 -39.15 25.98 53.46
N THR B 902 -38.95 26.40 54.71
CA THR B 902 -39.41 25.63 55.84
C THR B 902 -40.88 25.89 56.09
N ASP B 903 -41.43 25.22 57.11
CA ASP B 903 -42.83 25.38 57.45
C ASP B 903 -43.09 26.78 57.98
N SER B 904 -44.20 27.38 57.55
CA SER B 904 -44.54 28.73 57.98
C SER B 904 -44.86 28.75 59.47
N VAL B 905 -44.35 29.77 60.16
CA VAL B 905 -44.61 29.98 61.58
C VAL B 905 -45.49 31.22 61.73
N ALA B 906 -46.57 31.08 62.49
CA ALA B 906 -47.52 32.17 62.70
C ALA B 906 -47.27 32.78 64.08
N PHE B 907 -47.01 34.08 64.11
CA PHE B 907 -46.76 34.78 65.36
C PHE B 907 -47.53 36.09 65.37
N TYR B 908 -48.11 36.42 66.52
CA TYR B 908 -48.90 37.63 66.70
C TYR B 908 -48.19 38.57 67.65
N ILE B 909 -48.14 39.85 67.29
CA ILE B 909 -47.51 40.88 68.10
C ILE B 909 -48.56 41.94 68.44
N LEU B 910 -48.69 42.25 69.72
CA LEU B 910 -49.67 43.22 70.17
C LEU B 910 -49.03 44.24 71.12
#